data_4JVF
# 
_entry.id   4JVF 
# 
_audit_conform.dict_name       mmcif_pdbx.dic 
_audit_conform.dict_version    5.379 
_audit_conform.dict_location   http://mmcif.pdb.org/dictionaries/ascii/mmcif_pdbx.dic 
# 
loop_
_database_2.database_id 
_database_2.database_code 
_database_2.pdbx_database_accession 
_database_2.pdbx_DOI 
PDB   4JVF         pdb_00004jvf 10.2210/pdb4jvf/pdb 
RCSB  RCSB078553   ?            ?                   
WWPDB D_1000078553 ?            ?                   
# 
loop_
_pdbx_database_related.db_name 
_pdbx_database_related.db_id 
_pdbx_database_related.details 
_pdbx_database_related.content_type 
PDB 4JV6 . unspecified 
PDB 4JV8 . unspecified 
PDB 4JVB . unspecified 
# 
_pdbx_database_status.status_code                     REL 
_pdbx_database_status.entry_id                        4JVF 
_pdbx_database_status.recvd_initial_deposition_date   2013-03-25 
_pdbx_database_status.deposit_site                    RCSB 
_pdbx_database_status.process_site                    RCSB 
_pdbx_database_status.status_code_sf                  REL 
_pdbx_database_status.status_code_mr                  ? 
_pdbx_database_status.SG_entry                        ? 
_pdbx_database_status.status_code_cs                  ? 
_pdbx_database_status.methods_development_category    ? 
_pdbx_database_status.pdb_format_compatible           Y 
_pdbx_database_status.status_code_nmr_data            ? 
# 
loop_
_audit_author.name 
_audit_author.pdbx_ordinal 
'Gunther, Z.'      1  
'Papke, B.'        2  
'Ismail, S.'       3  
'Vartak, N.'       4  
'Chandra, A.'      5  
'Hoffmann, M.'     6  
'Hahn, S.'         7  
'Triola, G.'       8  
'Wittinghofer, A.' 9  
'Bastiaens, P.'    10 
'Waldmann, H.'     11 
# 
_citation.id                        primary 
_citation.title                     'Small molecule inhibition of the KRAS PDEd interaction impairs oncogenic KRAS signalling' 
_citation.journal_abbrev            Nature 
_citation.journal_volume            497 
_citation.page_first                638 
_citation.page_last                 642 
_citation.year                      2013 
_citation.journal_id_ASTM           NATUAS 
_citation.country                   UK 
_citation.journal_id_ISSN           0028-0836 
_citation.journal_id_CSD            0006 
_citation.book_publisher            ? 
_citation.pdbx_database_id_PubMed   23698361 
_citation.pdbx_database_id_DOI      10.1038/nature12205 
# 
loop_
_citation_author.citation_id 
_citation_author.name 
_citation_author.ordinal 
_citation_author.identifier_ORCID 
primary 'Zimmermann, G.'   1  ? 
primary 'Papke, B.'        2  ? 
primary 'Ismail, S.'       3  ? 
primary 'Vartak, N.'       4  ? 
primary 'Chandra, A.'      5  ? 
primary 'Hoffmann, M.'     6  ? 
primary 'Hahn, S.A.'       7  ? 
primary 'Triola, G.'       8  ? 
primary 'Wittinghofer, A.' 9  ? 
primary 'Bastiaens, P.I.'  10 ? 
primary 'Waldmann, H.'     11 ? 
# 
_cell.entry_id           4JVF 
_cell.length_a           55.910 
_cell.length_b           55.910 
_cell.length_c           116.670 
_cell.angle_alpha        90.00 
_cell.angle_beta         90.00 
_cell.angle_gamma        120.00 
_cell.Z_PDB              6 
_cell.pdbx_unique_axis   ? 
_cell.length_a_esd       ? 
_cell.length_b_esd       ? 
_cell.length_c_esd       ? 
_cell.angle_alpha_esd    ? 
_cell.angle_beta_esd     ? 
_cell.angle_gamma_esd    ? 
# 
_symmetry.entry_id                         4JVF 
_symmetry.space_group_name_H-M             'P 32 2 1' 
_symmetry.pdbx_full_space_group_name_H-M   ? 
_symmetry.cell_setting                     ? 
_symmetry.Int_Tables_number                154 
_symmetry.space_group_name_Hall            ? 
# 
loop_
_entity.id 
_entity.type 
_entity.src_method 
_entity.pdbx_description 
_entity.formula_weight 
_entity.pdbx_number_of_molecules 
_entity.pdbx_ec 
_entity.pdbx_mutation 
_entity.pdbx_fragment 
_entity.details 
1 polymer     man 
;Retinal rod rhodopsin-sensitive cGMP 3',5'-cyclic phosphodiesterase subunit delta
;
17585.121 1  ? ? ? ? 
2 non-polymer syn 
'(2S)-2-(2-phenyl-1H-benzimidazol-1-yl)-2-(piperidin-4-yl)ethyl 1-(1-benzyl-1H-benzimidazol-2-yl)piperidine-4-carboxylate' 638.800 
1  ? ? ? ? 
3 water       nat water 18.015    47 ? ? ? ? 
# 
_entity_name_com.entity_id   1 
_entity_name_com.name        'GMP-PDE delta, Protein p17' 
# 
_entity_poly.entity_id                      1 
_entity_poly.type                           'polypeptide(L)' 
_entity_poly.nstd_linkage                   no 
_entity_poly.nstd_monomer                   no 
_entity_poly.pdbx_seq_one_letter_code       
;GSMSAKDERAREILRGFKLNWMNLRDAETGKILWQGTEDLSVPGVEHEARVPKKILKCKAVSRELNFSSTEQMEKFRLEQ
KVYFKGQCLEEWFFEFGFVIPNSTNTWQSLIEAAPESQMMPASVLTGNVIIETKFFDDDLLVSTSRVRLFYV
;
_entity_poly.pdbx_seq_one_letter_code_can   
;GSMSAKDERAREILRGFKLNWMNLRDAETGKILWQGTEDLSVPGVEHEARVPKKILKCKAVSRELNFSSTEQMEKFRLEQ
KVYFKGQCLEEWFFEFGFVIPNSTNTWQSLIEAAPESQMMPASVLTGNVIIETKFFDDDLLVSTSRVRLFYV
;
_entity_poly.pdbx_strand_id                 B 
_entity_poly.pdbx_target_identifier         ? 
# 
loop_
_entity_poly_seq.entity_id 
_entity_poly_seq.num 
_entity_poly_seq.mon_id 
_entity_poly_seq.hetero 
1 1   GLY n 
1 2   SER n 
1 3   MET n 
1 4   SER n 
1 5   ALA n 
1 6   LYS n 
1 7   ASP n 
1 8   GLU n 
1 9   ARG n 
1 10  ALA n 
1 11  ARG n 
1 12  GLU n 
1 13  ILE n 
1 14  LEU n 
1 15  ARG n 
1 16  GLY n 
1 17  PHE n 
1 18  LYS n 
1 19  LEU n 
1 20  ASN n 
1 21  TRP n 
1 22  MET n 
1 23  ASN n 
1 24  LEU n 
1 25  ARG n 
1 26  ASP n 
1 27  ALA n 
1 28  GLU n 
1 29  THR n 
1 30  GLY n 
1 31  LYS n 
1 32  ILE n 
1 33  LEU n 
1 34  TRP n 
1 35  GLN n 
1 36  GLY n 
1 37  THR n 
1 38  GLU n 
1 39  ASP n 
1 40  LEU n 
1 41  SER n 
1 42  VAL n 
1 43  PRO n 
1 44  GLY n 
1 45  VAL n 
1 46  GLU n 
1 47  HIS n 
1 48  GLU n 
1 49  ALA n 
1 50  ARG n 
1 51  VAL n 
1 52  PRO n 
1 53  LYS n 
1 54  LYS n 
1 55  ILE n 
1 56  LEU n 
1 57  LYS n 
1 58  CYS n 
1 59  LYS n 
1 60  ALA n 
1 61  VAL n 
1 62  SER n 
1 63  ARG n 
1 64  GLU n 
1 65  LEU n 
1 66  ASN n 
1 67  PHE n 
1 68  SER n 
1 69  SER n 
1 70  THR n 
1 71  GLU n 
1 72  GLN n 
1 73  MET n 
1 74  GLU n 
1 75  LYS n 
1 76  PHE n 
1 77  ARG n 
1 78  LEU n 
1 79  GLU n 
1 80  GLN n 
1 81  LYS n 
1 82  VAL n 
1 83  TYR n 
1 84  PHE n 
1 85  LYS n 
1 86  GLY n 
1 87  GLN n 
1 88  CYS n 
1 89  LEU n 
1 90  GLU n 
1 91  GLU n 
1 92  TRP n 
1 93  PHE n 
1 94  PHE n 
1 95  GLU n 
1 96  PHE n 
1 97  GLY n 
1 98  PHE n 
1 99  VAL n 
1 100 ILE n 
1 101 PRO n 
1 102 ASN n 
1 103 SER n 
1 104 THR n 
1 105 ASN n 
1 106 THR n 
1 107 TRP n 
1 108 GLN n 
1 109 SER n 
1 110 LEU n 
1 111 ILE n 
1 112 GLU n 
1 113 ALA n 
1 114 ALA n 
1 115 PRO n 
1 116 GLU n 
1 117 SER n 
1 118 GLN n 
1 119 MET n 
1 120 MET n 
1 121 PRO n 
1 122 ALA n 
1 123 SER n 
1 124 VAL n 
1 125 LEU n 
1 126 THR n 
1 127 GLY n 
1 128 ASN n 
1 129 VAL n 
1 130 ILE n 
1 131 ILE n 
1 132 GLU n 
1 133 THR n 
1 134 LYS n 
1 135 PHE n 
1 136 PHE n 
1 137 ASP n 
1 138 ASP n 
1 139 ASP n 
1 140 LEU n 
1 141 LEU n 
1 142 VAL n 
1 143 SER n 
1 144 THR n 
1 145 SER n 
1 146 ARG n 
1 147 VAL n 
1 148 ARG n 
1 149 LEU n 
1 150 PHE n 
1 151 TYR n 
1 152 VAL n 
# 
_entity_src_gen.entity_id                          1 
_entity_src_gen.pdbx_src_id                        1 
_entity_src_gen.pdbx_alt_source_flag               sample 
_entity_src_gen.pdbx_seq_type                      ? 
_entity_src_gen.pdbx_beg_seq_num                   ? 
_entity_src_gen.pdbx_end_seq_num                   ? 
_entity_src_gen.gene_src_common_name               human 
_entity_src_gen.gene_src_genus                     ? 
_entity_src_gen.pdbx_gene_src_gene                 'PDE6D, PDED' 
_entity_src_gen.gene_src_species                   ? 
_entity_src_gen.gene_src_strain                    ? 
_entity_src_gen.gene_src_tissue                    ? 
_entity_src_gen.gene_src_tissue_fraction           ? 
_entity_src_gen.gene_src_details                   ? 
_entity_src_gen.pdbx_gene_src_fragment             ? 
_entity_src_gen.pdbx_gene_src_scientific_name      'Homo sapiens' 
_entity_src_gen.pdbx_gene_src_ncbi_taxonomy_id     9606 
_entity_src_gen.pdbx_gene_src_variant              ? 
_entity_src_gen.pdbx_gene_src_cell_line            ? 
_entity_src_gen.pdbx_gene_src_atcc                 ? 
_entity_src_gen.pdbx_gene_src_organ                ? 
_entity_src_gen.pdbx_gene_src_organelle            ? 
_entity_src_gen.pdbx_gene_src_cell                 ? 
_entity_src_gen.pdbx_gene_src_cellular_location    ? 
_entity_src_gen.host_org_common_name               ? 
_entity_src_gen.pdbx_host_org_scientific_name      'Escherichia coli' 
_entity_src_gen.pdbx_host_org_ncbi_taxonomy_id     562 
_entity_src_gen.host_org_genus                     ? 
_entity_src_gen.pdbx_host_org_gene                 ? 
_entity_src_gen.pdbx_host_org_organ                ? 
_entity_src_gen.host_org_species                   ? 
_entity_src_gen.pdbx_host_org_tissue               ? 
_entity_src_gen.pdbx_host_org_tissue_fraction      ? 
_entity_src_gen.pdbx_host_org_strain               ? 
_entity_src_gen.pdbx_host_org_variant              ? 
_entity_src_gen.pdbx_host_org_cell_line            ? 
_entity_src_gen.pdbx_host_org_atcc                 ? 
_entity_src_gen.pdbx_host_org_culture_collection   ? 
_entity_src_gen.pdbx_host_org_cell                 ? 
_entity_src_gen.pdbx_host_org_organelle            ? 
_entity_src_gen.pdbx_host_org_cellular_location    ? 
_entity_src_gen.pdbx_host_org_vector_type          ? 
_entity_src_gen.pdbx_host_org_vector               ? 
_entity_src_gen.host_org_details                   ? 
_entity_src_gen.expression_system_id               ? 
_entity_src_gen.plasmid_name                       ? 
_entity_src_gen.plasmid_details                    ? 
_entity_src_gen.pdbx_description                   ? 
# 
_struct_ref.id                         1 
_struct_ref.db_name                    UNP 
_struct_ref.db_code                    PDE6D_HUMAN 
_struct_ref.pdbx_db_accession          O43924 
_struct_ref.entity_id                  1 
_struct_ref.pdbx_seq_one_letter_code   
;MSAKDERAREILRGFKLNWMNLRDAETGKILWQGTEDLSVPGVEHEARVPKKILKCKAVSRELNFSSTEQMEKFRLEQKV
YFKGQCLEEWFFEFGFVIPNSTNTWQSLIEAAPESQMMPASVLTGNVIIETKFFDDDLLVSTSRVRLFYV
;
_struct_ref.pdbx_align_begin           1 
_struct_ref.pdbx_db_isoform            ? 
# 
_struct_ref_seq.align_id                      1 
_struct_ref_seq.ref_id                        1 
_struct_ref_seq.pdbx_PDB_id_code              4JVF 
_struct_ref_seq.pdbx_strand_id                B 
_struct_ref_seq.seq_align_beg                 3 
_struct_ref_seq.pdbx_seq_align_beg_ins_code   ? 
_struct_ref_seq.seq_align_end                 152 
_struct_ref_seq.pdbx_seq_align_end_ins_code   ? 
_struct_ref_seq.pdbx_db_accession             O43924 
_struct_ref_seq.db_align_beg                  1 
_struct_ref_seq.pdbx_db_align_beg_ins_code    ? 
_struct_ref_seq.db_align_end                  150 
_struct_ref_seq.pdbx_db_align_end_ins_code    ? 
_struct_ref_seq.pdbx_auth_seq_align_beg       1 
_struct_ref_seq.pdbx_auth_seq_align_end       150 
# 
loop_
_struct_ref_seq_dif.align_id 
_struct_ref_seq_dif.pdbx_pdb_id_code 
_struct_ref_seq_dif.mon_id 
_struct_ref_seq_dif.pdbx_pdb_strand_id 
_struct_ref_seq_dif.seq_num 
_struct_ref_seq_dif.pdbx_pdb_ins_code 
_struct_ref_seq_dif.pdbx_seq_db_name 
_struct_ref_seq_dif.pdbx_seq_db_accession_code 
_struct_ref_seq_dif.db_mon_id 
_struct_ref_seq_dif.pdbx_seq_db_seq_num 
_struct_ref_seq_dif.details 
_struct_ref_seq_dif.pdbx_auth_seq_num 
_struct_ref_seq_dif.pdbx_ordinal 
1 4JVF GLY B 1 ? UNP O43924 ? ? 'expression tag' -1 1 
1 4JVF SER B 2 ? UNP O43924 ? ? 'expression tag' 0  2 
# 
loop_
_chem_comp.id 
_chem_comp.type 
_chem_comp.mon_nstd_flag 
_chem_comp.name 
_chem_comp.pdbx_synonyms 
_chem_comp.formula 
_chem_comp.formula_weight 
17X non-polymer         . 
'(2S)-2-(2-phenyl-1H-benzimidazol-1-yl)-2-(piperidin-4-yl)ethyl 1-(1-benzyl-1H-benzimidazol-2-yl)piperidine-4-carboxylate' ? 
'C40 H42 N6 O2'  638.800 
ALA 'L-peptide linking' y ALANINE ? 'C3 H7 N O2'     89.093  
ARG 'L-peptide linking' y ARGININE ? 'C6 H15 N4 O2 1' 175.209 
ASN 'L-peptide linking' y ASPARAGINE ? 'C4 H8 N2 O3'    132.118 
ASP 'L-peptide linking' y 'ASPARTIC ACID' ? 'C4 H7 N O4'     133.103 
CYS 'L-peptide linking' y CYSTEINE ? 'C3 H7 N O2 S'   121.158 
GLN 'L-peptide linking' y GLUTAMINE ? 'C5 H10 N2 O3'   146.144 
GLU 'L-peptide linking' y 'GLUTAMIC ACID' ? 'C5 H9 N O4'     147.129 
GLY 'peptide linking'   y GLYCINE ? 'C2 H5 N O2'     75.067  
HIS 'L-peptide linking' y HISTIDINE ? 'C6 H10 N3 O2 1' 156.162 
HOH non-polymer         . WATER ? 'H2 O'           18.015  
ILE 'L-peptide linking' y ISOLEUCINE ? 'C6 H13 N O2'    131.173 
LEU 'L-peptide linking' y LEUCINE ? 'C6 H13 N O2'    131.173 
LYS 'L-peptide linking' y LYSINE ? 'C6 H15 N2 O2 1' 147.195 
MET 'L-peptide linking' y METHIONINE ? 'C5 H11 N O2 S'  149.211 
PHE 'L-peptide linking' y PHENYLALANINE ? 'C9 H11 N O2'    165.189 
PRO 'L-peptide linking' y PROLINE ? 'C5 H9 N O2'     115.130 
SER 'L-peptide linking' y SERINE ? 'C3 H7 N O3'     105.093 
THR 'L-peptide linking' y THREONINE ? 'C4 H9 N O3'     119.119 
TRP 'L-peptide linking' y TRYPTOPHAN ? 'C11 H12 N2 O2'  204.225 
TYR 'L-peptide linking' y TYROSINE ? 'C9 H11 N O3'    181.189 
VAL 'L-peptide linking' y VALINE ? 'C5 H11 N O2'    117.146 
# 
_exptl.entry_id          4JVF 
_exptl.method            'X-RAY DIFFRACTION' 
_exptl.crystals_number   1 
# 
_exptl_crystal.id                    1 
_exptl_crystal.density_meas          ? 
_exptl_crystal.density_Matthews      2.99 
_exptl_crystal.density_percent_sol   58.91 
_exptl_crystal.description           ? 
_exptl_crystal.F_000                 ? 
_exptl_crystal.preparation           ? 
# 
_exptl_crystal_grow.crystal_id      1 
_exptl_crystal_grow.method          'VAPOR DIFFUSION, SITTING DROP' 
_exptl_crystal_grow.temp            293 
_exptl_crystal_grow.temp_details    ? 
_exptl_crystal_grow.pH              7.4 
_exptl_crystal_grow.pdbx_details    
'18% PEG 4000, 25mM Sodium Acetate, 200mM Ammonium Sulphate, pH 7.4, VAPOR DIFFUSION, SITTING DROP, temperature 293K' 
_exptl_crystal_grow.pdbx_pH_range   ? 
# 
_diffrn.id                     1 
_diffrn.ambient_temp           100 
_diffrn.ambient_temp_details   ? 
_diffrn.crystal_id             1 
# 
_diffrn_detector.diffrn_id              1 
_diffrn_detector.detector               PIXEL 
_diffrn_detector.type                   'DECTRIS PILATUS 6M' 
_diffrn_detector.pdbx_collection_date   2012-03-01 
_diffrn_detector.details                ? 
# 
_diffrn_radiation.diffrn_id                        1 
_diffrn_radiation.wavelength_id                    1 
_diffrn_radiation.pdbx_monochromatic_or_laue_m_l   M 
_diffrn_radiation.monochromator                    'SAGITALLY - HORIZONTALLY FOCUSED SI(111) MONOCHROMATOR' 
_diffrn_radiation.pdbx_diffrn_protocol             'SINGLE WAVELENGTH' 
_diffrn_radiation.pdbx_scattering_type             x-ray 
# 
_diffrn_radiation_wavelength.id           1 
_diffrn_radiation_wavelength.wavelength   1 
_diffrn_radiation_wavelength.wt           1.0 
# 
_diffrn_source.diffrn_id                   1 
_diffrn_source.source                      SYNCHROTRON 
_diffrn_source.type                        'SLS BEAMLINE X10SA' 
_diffrn_source.pdbx_synchrotron_site       SLS 
_diffrn_source.pdbx_synchrotron_beamline   X10SA 
_diffrn_source.pdbx_wavelength             ? 
_diffrn_source.pdbx_wavelength_list        1 
# 
_reflns.entry_id                     4JVF 
_reflns.observed_criterion_sigma_I   -3 
_reflns.observed_criterion_sigma_F   -3 
_reflns.d_resolution_low             27.9 
_reflns.d_resolution_high            2.4 
_reflns.number_obs                   8659 
_reflns.number_all                   8659 
_reflns.percent_possible_obs         99 
_reflns.pdbx_Rmerge_I_obs            0.122 
_reflns.pdbx_Rsym_value              ? 
_reflns.pdbx_netI_over_sigmaI        ? 
_reflns.B_iso_Wilson_estimate        ? 
_reflns.pdbx_redundancy              ? 
_reflns.R_free_details               ? 
_reflns.limit_h_max                  ? 
_reflns.limit_h_min                  ? 
_reflns.limit_k_max                  ? 
_reflns.limit_k_min                  ? 
_reflns.limit_l_max                  ? 
_reflns.limit_l_min                  ? 
_reflns.observed_criterion_F_max     ? 
_reflns.observed_criterion_F_min     ? 
_reflns.pdbx_chi_squared             ? 
_reflns.pdbx_scaling_rejects         ? 
_reflns.pdbx_ordinal                 1 
_reflns.pdbx_diffrn_id               1 
# 
_reflns_shell.d_res_high             2.4 
_reflns_shell.d_res_low              2.5 
_reflns_shell.percent_possible_all   98.8 
_reflns_shell.Rmerge_I_obs           ? 
_reflns_shell.pdbx_Rsym_value        ? 
_reflns_shell.meanI_over_sigI_obs    ? 
_reflns_shell.pdbx_redundancy        ? 
_reflns_shell.percent_possible_obs   ? 
_reflns_shell.number_unique_all      ? 
_reflns_shell.number_measured_all    ? 
_reflns_shell.number_measured_obs    ? 
_reflns_shell.number_unique_obs      ? 
_reflns_shell.pdbx_chi_squared       ? 
_reflns_shell.pdbx_ordinal           1 
_reflns_shell.pdbx_diffrn_id         1 
# 
_refine.entry_id                                 4JVF 
_refine.ls_number_reflns_obs                     8225 
_refine.ls_number_reflns_all                     8225 
_refine.pdbx_ls_sigma_I                          ? 
_refine.pdbx_ls_sigma_F                          -3 
_refine.pdbx_data_cutoff_high_absF               ? 
_refine.pdbx_data_cutoff_low_absF                ? 
_refine.pdbx_data_cutoff_high_rms_absF           ? 
_refine.ls_d_res_low                             27.9 
_refine.ls_d_res_high                            2.40 
_refine.ls_percent_reflns_obs                    99.04 
_refine.ls_R_factor_obs                          0.20949 
_refine.ls_R_factor_all                          ? 
_refine.ls_R_factor_R_work                       0.20697 
_refine.ls_R_factor_R_free                       0.25659 
_refine.ls_R_factor_R_free_error                 ? 
_refine.ls_R_factor_R_free_error_details         ? 
_refine.ls_percent_reflns_R_free                 5.0 
_refine.ls_number_reflns_R_free                  433 
_refine.ls_number_parameters                     ? 
_refine.ls_number_restraints                     ? 
_refine.occupancy_min                            ? 
_refine.occupancy_max                            ? 
_refine.correlation_coeff_Fo_to_Fc               0.936 
_refine.correlation_coeff_Fo_to_Fc_free          0.906 
_refine.B_iso_mean                               31.222 
_refine.aniso_B[1][1]                            1.46 
_refine.aniso_B[2][2]                            1.46 
_refine.aniso_B[3][3]                            -2.20 
_refine.aniso_B[1][2]                            0.73 
_refine.aniso_B[1][3]                            0.00 
_refine.aniso_B[2][3]                            0.00 
_refine.solvent_model_details                    MASK 
_refine.solvent_model_param_ksol                 ? 
_refine.solvent_model_param_bsol                 ? 
_refine.pdbx_solvent_vdw_probe_radii             1.20 
_refine.pdbx_solvent_ion_probe_radii             0.80 
_refine.pdbx_solvent_shrinkage_radii             0.80 
_refine.pdbx_ls_cross_valid_method               THROUGHOUT 
_refine.details                                  'HYDROGENS HAVE BEEN USED IF PRESENT IN THE INPUT' 
_refine.pdbx_starting_model                      3T5G 
_refine.pdbx_method_to_determine_struct          ? 
_refine.pdbx_isotropic_thermal_model             ? 
_refine.pdbx_stereochemistry_target_values       'MAXIMUM LIKELIHOOD' 
_refine.pdbx_stereochem_target_val_spec_case     ? 
_refine.pdbx_R_Free_selection_details            RANDOM 
_refine.pdbx_overall_ESU_R                       0.317 
_refine.pdbx_overall_ESU_R_Free                  0.245 
_refine.overall_SU_ML                            0.174 
_refine.pdbx_overall_phase_error                 ? 
_refine.overall_SU_B                             7.480 
_refine.overall_SU_R_Cruickshank_DPI             ? 
_refine.ls_redundancy_reflns_obs                 ? 
_refine.B_iso_min                                ? 
_refine.B_iso_max                                ? 
_refine.overall_SU_R_free                        ? 
_refine.ls_wR_factor_R_free                      ? 
_refine.ls_wR_factor_R_work                      ? 
_refine.overall_FOM_free_R_set                   ? 
_refine.overall_FOM_work_R_set                   ? 
_refine.pdbx_diffrn_id                           1 
_refine.pdbx_refine_id                           'X-RAY DIFFRACTION' 
_refine.pdbx_TLS_residual_ADP_flag               ? 
_refine.pdbx_overall_SU_R_free_Cruickshank_DPI   ? 
_refine.pdbx_overall_SU_R_Blow_DPI               ? 
_refine.pdbx_overall_SU_R_free_Blow_DPI          ? 
# 
_refine_hist.pdbx_refine_id                   'X-RAY DIFFRACTION' 
_refine_hist.cycle_id                         LAST 
_refine_hist.pdbx_number_atoms_protein        1158 
_refine_hist.pdbx_number_atoms_nucleic_acid   0 
_refine_hist.pdbx_number_atoms_ligand         48 
_refine_hist.number_atoms_solvent             47 
_refine_hist.number_atoms_total               1253 
_refine_hist.d_res_high                       2.40 
_refine_hist.d_res_low                        27.9 
# 
loop_
_refine_ls_restr.type 
_refine_ls_restr.dev_ideal 
_refine_ls_restr.dev_ideal_target 
_refine_ls_restr.weight 
_refine_ls_restr.number 
_refine_ls_restr.pdbx_restraint_function 
_refine_ls_restr.pdbx_refine_id 
r_bond_refined_d             0.022  0.022  ? 1237 ? 'X-RAY DIFFRACTION' 
r_bond_other_d               ?      ?      ? ?    ? 'X-RAY DIFFRACTION' 
r_angle_refined_deg          1.980  2.001  ? 1668 ? 'X-RAY DIFFRACTION' 
r_angle_other_deg            ?      ?      ? ?    ? 'X-RAY DIFFRACTION' 
r_dihedral_angle_1_deg       7.743  5.000  ? 139  ? 'X-RAY DIFFRACTION' 
r_dihedral_angle_2_deg       41.363 23.793 ? 58   ? 'X-RAY DIFFRACTION' 
r_dihedral_angle_3_deg       18.107 15.000 ? 220  ? 'X-RAY DIFFRACTION' 
r_dihedral_angle_4_deg       17.629 15.000 ? 9    ? 'X-RAY DIFFRACTION' 
r_chiral_restr               0.123  0.200  ? 177  ? 'X-RAY DIFFRACTION' 
r_gen_planes_refined         0.009  0.021  ? 924  ? 'X-RAY DIFFRACTION' 
r_gen_planes_other           ?      ?      ? ?    ? 'X-RAY DIFFRACTION' 
r_nbd_refined                ?      ?      ? ?    ? 'X-RAY DIFFRACTION' 
r_nbd_other                  ?      ?      ? ?    ? 'X-RAY DIFFRACTION' 
r_nbtor_refined              ?      ?      ? ?    ? 'X-RAY DIFFRACTION' 
r_nbtor_other                ?      ?      ? ?    ? 'X-RAY DIFFRACTION' 
r_xyhbond_nbd_refined        ?      ?      ? ?    ? 'X-RAY DIFFRACTION' 
r_xyhbond_nbd_other          ?      ?      ? ?    ? 'X-RAY DIFFRACTION' 
r_metal_ion_refined          ?      ?      ? ?    ? 'X-RAY DIFFRACTION' 
r_metal_ion_other            ?      ?      ? ?    ? 'X-RAY DIFFRACTION' 
r_symmetry_vdw_refined       ?      ?      ? ?    ? 'X-RAY DIFFRACTION' 
r_symmetry_vdw_other         ?      ?      ? ?    ? 'X-RAY DIFFRACTION' 
r_symmetry_hbond_refined     ?      ?      ? ?    ? 'X-RAY DIFFRACTION' 
r_symmetry_hbond_other       ?      ?      ? ?    ? 'X-RAY DIFFRACTION' 
r_symmetry_metal_ion_refined ?      ?      ? ?    ? 'X-RAY DIFFRACTION' 
r_symmetry_metal_ion_other   ?      ?      ? ?    ? 'X-RAY DIFFRACTION' 
r_mcbond_it                  ?      ?      ? ?    ? 'X-RAY DIFFRACTION' 
r_mcbond_other               ?      ?      ? ?    ? 'X-RAY DIFFRACTION' 
r_mcangle_it                 ?      ?      ? ?    ? 'X-RAY DIFFRACTION' 
r_scbond_it                  ?      ?      ? ?    ? 'X-RAY DIFFRACTION' 
r_scangle_it                 ?      ?      ? ?    ? 'X-RAY DIFFRACTION' 
r_rigid_bond_restr           ?      ?      ? ?    ? 'X-RAY DIFFRACTION' 
r_sphericity_free            ?      ?      ? ?    ? 'X-RAY DIFFRACTION' 
r_sphericity_bonded          ?      ?      ? ?    ? 'X-RAY DIFFRACTION' 
# 
_refine_ls_shell.pdbx_total_number_of_bins_used   20 
_refine_ls_shell.d_res_high                       2.400 
_refine_ls_shell.d_res_low                        2.462 
_refine_ls_shell.number_reflns_R_work             520 
_refine_ls_shell.R_factor_R_work                  0.250 
_refine_ls_shell.percent_reflns_obs               98.56 
_refine_ls_shell.R_factor_R_free                  0.409 
_refine_ls_shell.R_factor_R_free_error            ? 
_refine_ls_shell.percent_reflns_R_free            ? 
_refine_ls_shell.number_reflns_R_free             27 
_refine_ls_shell.number_reflns_all                ? 
_refine_ls_shell.R_factor_all                     ? 
_refine_ls_shell.number_reflns_obs                ? 
_refine_ls_shell.redundancy_reflns_obs            ? 
_refine_ls_shell.pdbx_refine_id                   'X-RAY DIFFRACTION' 
# 
_struct.entry_id                  4JVF 
_struct.title                     'The Crystal structure of PDE6D in complex with the inhibitor (s)-5' 
_struct.pdbx_model_details        ? 
_struct.pdbx_CASP_flag            ? 
_struct.pdbx_model_type_details   ? 
# 
_struct_keywords.entry_id        4JVF 
_struct_keywords.pdbx_keywords   'Protein binding/inhibitor' 
_struct_keywords.text            
'Immunoglobulin-like beta-sandwich, GDI-like solubilizing factor, Prenyl binding, Protein binding-inhibitor complex' 
# 
loop_
_struct_asym.id 
_struct_asym.pdbx_blank_PDB_chainid_flag 
_struct_asym.pdbx_modified 
_struct_asym.entity_id 
_struct_asym.details 
A N N 1 ? 
B N N 2 ? 
C N N 3 ? 
# 
_struct_biol.id        1 
_struct_biol.details   ? 
# 
loop_
_struct_conf.conf_type_id 
_struct_conf.id 
_struct_conf.pdbx_PDB_helix_id 
_struct_conf.beg_label_comp_id 
_struct_conf.beg_label_asym_id 
_struct_conf.beg_label_seq_id 
_struct_conf.pdbx_beg_PDB_ins_code 
_struct_conf.end_label_comp_id 
_struct_conf.end_label_asym_id 
_struct_conf.end_label_seq_id 
_struct_conf.pdbx_end_PDB_ins_code 
_struct_conf.beg_auth_comp_id 
_struct_conf.beg_auth_asym_id 
_struct_conf.beg_auth_seq_id 
_struct_conf.end_auth_comp_id 
_struct_conf.end_auth_asym_id 
_struct_conf.end_auth_seq_id 
_struct_conf.pdbx_PDB_helix_class 
_struct_conf.details 
_struct_conf.pdbx_PDB_helix_length 
HELX_P HELX_P1 1 LYS A 6   ? GLY A 16  ? LYS B 4   GLY B 14  1 ? 11 
HELX_P HELX_P2 2 LYS A 54  ? LYS A 57  ? LYS B 52  LYS B 55  5 ? 4  
HELX_P HELX_P3 3 PRO A 121 ? THR A 126 ? PRO B 119 THR B 124 1 ? 6  
# 
_struct_conf_type.id          HELX_P 
_struct_conf_type.criteria    ? 
_struct_conf_type.reference   ? 
# 
loop_
_struct_sheet.id 
_struct_sheet.type 
_struct_sheet.number_strands 
_struct_sheet.details 
A ? 4 ? 
B ? 5 ? 
# 
loop_
_struct_sheet_order.sheet_id 
_struct_sheet_order.range_id_1 
_struct_sheet_order.range_id_2 
_struct_sheet_order.offset 
_struct_sheet_order.sense 
A 1 2 ? anti-parallel 
A 2 3 ? anti-parallel 
A 3 4 ? anti-parallel 
B 1 2 ? parallel      
B 2 3 ? anti-parallel 
B 3 4 ? anti-parallel 
B 4 5 ? anti-parallel 
# 
loop_
_struct_sheet_range.sheet_id 
_struct_sheet_range.id 
_struct_sheet_range.beg_label_comp_id 
_struct_sheet_range.beg_label_asym_id 
_struct_sheet_range.beg_label_seq_id 
_struct_sheet_range.pdbx_beg_PDB_ins_code 
_struct_sheet_range.end_label_comp_id 
_struct_sheet_range.end_label_asym_id 
_struct_sheet_range.end_label_seq_id 
_struct_sheet_range.pdbx_end_PDB_ins_code 
_struct_sheet_range.beg_auth_comp_id 
_struct_sheet_range.beg_auth_asym_id 
_struct_sheet_range.beg_auth_seq_id 
_struct_sheet_range.end_auth_comp_id 
_struct_sheet_range.end_auth_asym_id 
_struct_sheet_range.end_auth_seq_id 
A 1 ILE A 32  ? GLY A 36  ? ILE B 30  GLY B 34  
A 2 PHE A 17  ? ASP A 26  ? PHE B 15  ASP B 24  
A 3 ALA A 60  ? SER A 69  ? ALA B 58  SER B 67  
A 4 SER A 103 ? GLU A 112 ? SER B 101 GLU B 110 
B 1 GLU A 46  ? PRO A 52  ? GLU B 44  PRO B 50  
B 2 LEU A 140 ? VAL A 152 ? LEU B 138 VAL B 150 
B 3 VAL A 129 ? ASP A 137 ? VAL B 127 ASP B 135 
B 4 MET A 73  ? PHE A 84  ? MET B 71  PHE B 82  
B 5 GLN A 87  ? VAL A 99  ? GLN B 85  VAL B 97  
# 
loop_
_pdbx_struct_sheet_hbond.sheet_id 
_pdbx_struct_sheet_hbond.range_id_1 
_pdbx_struct_sheet_hbond.range_id_2 
_pdbx_struct_sheet_hbond.range_1_label_atom_id 
_pdbx_struct_sheet_hbond.range_1_label_comp_id 
_pdbx_struct_sheet_hbond.range_1_label_asym_id 
_pdbx_struct_sheet_hbond.range_1_label_seq_id 
_pdbx_struct_sheet_hbond.range_1_PDB_ins_code 
_pdbx_struct_sheet_hbond.range_1_auth_atom_id 
_pdbx_struct_sheet_hbond.range_1_auth_comp_id 
_pdbx_struct_sheet_hbond.range_1_auth_asym_id 
_pdbx_struct_sheet_hbond.range_1_auth_seq_id 
_pdbx_struct_sheet_hbond.range_2_label_atom_id 
_pdbx_struct_sheet_hbond.range_2_label_comp_id 
_pdbx_struct_sheet_hbond.range_2_label_asym_id 
_pdbx_struct_sheet_hbond.range_2_label_seq_id 
_pdbx_struct_sheet_hbond.range_2_PDB_ins_code 
_pdbx_struct_sheet_hbond.range_2_auth_atom_id 
_pdbx_struct_sheet_hbond.range_2_auth_comp_id 
_pdbx_struct_sheet_hbond.range_2_auth_asym_id 
_pdbx_struct_sheet_hbond.range_2_auth_seq_id 
A 1 2 O TRP A 34  ? O TRP B 32  N LEU A 24  ? N LEU B 22  
A 2 3 N ARG A 25  ? N ARG B 23  O SER A 62  ? O SER B 60  
A 3 4 N ARG A 63  ? N ARG B 61  O SER A 109 ? O SER B 107 
B 1 2 N HIS A 47  ? N HIS B 45  O ARG A 148 ? O ARG B 146 
B 2 3 O VAL A 142 ? O VAL B 140 N PHE A 135 ? N PHE B 133 
B 3 4 O ILE A 130 ? O ILE B 128 N TYR A 83  ? N TYR B 81  
B 4 5 N VAL A 82  ? N VAL B 80  O LEU A 89  ? O LEU B 87  
# 
_struct_site.id                   AC1 
_struct_site.pdbx_evidence_code   Software 
_struct_site.pdbx_auth_asym_id    B 
_struct_site.pdbx_auth_comp_id    17X 
_struct_site.pdbx_auth_seq_id     201 
_struct_site.pdbx_auth_ins_code   ? 
_struct_site.pdbx_num_residues    14 
_struct_site.details              'BINDING SITE FOR RESIDUE 17X B 201' 
# 
loop_
_struct_site_gen.id 
_struct_site_gen.site_id 
_struct_site_gen.pdbx_num_res 
_struct_site_gen.label_comp_id 
_struct_site_gen.label_asym_id 
_struct_site_gen.label_seq_id 
_struct_site_gen.pdbx_auth_ins_code 
_struct_site_gen.auth_comp_id 
_struct_site_gen.auth_asym_id 
_struct_site_gen.auth_seq_id 
_struct_site_gen.label_atom_id 
_struct_site_gen.label_alt_id 
_struct_site_gen.symmetry 
_struct_site_gen.details 
1  AC1 14 LEU A 40  ? LEU B 38  . ? 1_555 ? 
2  AC1 14 ALA A 49  ? ALA B 47  . ? 1_555 ? 
3  AC1 14 ILE A 55  ? ILE B 53  . ? 1_555 ? 
4  AC1 14 LEU A 56  ? LEU B 54  . ? 1_555 ? 
5  AC1 14 CYS A 58  ? CYS B 56  . ? 1_555 ? 
6  AC1 14 LYS A 59  ? LYS B 57  . ? 1_555 ? 
7  AC1 14 ARG A 63  ? ARG B 61  . ? 1_555 ? 
8  AC1 14 GLN A 80  ? GLN B 78  . ? 1_555 ? 
9  AC1 14 VAL A 82  ? VAL B 80  . ? 1_555 ? 
10 AC1 14 TRP A 92  ? TRP B 90  . ? 1_555 ? 
11 AC1 14 ILE A 111 ? ILE B 109 . ? 1_555 ? 
12 AC1 14 ILE A 131 ? ILE B 129 . ? 1_555 ? 
13 AC1 14 LEU A 149 ? LEU B 147 . ? 1_555 ? 
14 AC1 14 TYR A 151 ? TYR B 149 . ? 1_555 ? 
# 
_atom_sites.entry_id                    4JVF 
_atom_sites.fract_transf_matrix[1][1]   0.00341840 
_atom_sites.fract_transf_matrix[1][2]   -0.01607338 
_atom_sites.fract_transf_matrix[1][3]   0.01250984 
_atom_sites.fract_transf_matrix[2][1]   0.00678259 
_atom_sites.fract_transf_matrix[2][2]   0.00315689 
_atom_sites.fract_transf_matrix[2][3]   0.01925038 
_atom_sites.fract_transf_matrix[3][1]   -0.00809561 
_atom_sites.fract_transf_matrix[3][2]   0.00044186 
_atom_sites.fract_transf_matrix[3][3]   0.00277991 
_atom_sites.fract_transf_vector[1]      -0.426637 
_atom_sites.fract_transf_vector[2]      0.170911 
_atom_sites.fract_transf_vector[3]      -0.075148 
# 
loop_
_atom_type.symbol 
C 
N 
O 
S 
# 
loop_
_atom_site.group_PDB 
_atom_site.id 
_atom_site.type_symbol 
_atom_site.label_atom_id 
_atom_site.label_alt_id 
_atom_site.label_comp_id 
_atom_site.label_asym_id 
_atom_site.label_entity_id 
_atom_site.label_seq_id 
_atom_site.pdbx_PDB_ins_code 
_atom_site.Cartn_x 
_atom_site.Cartn_y 
_atom_site.Cartn_z 
_atom_site.occupancy 
_atom_site.B_iso_or_equiv 
_atom_site.pdbx_formal_charge 
_atom_site.auth_seq_id 
_atom_site.auth_comp_id 
_atom_site.auth_asym_id 
_atom_site.auth_atom_id 
_atom_site.pdbx_PDB_model_num 
ATOM   1    N N   . LYS A 1 6   ? 9.459   -22.636 -2.505  1.00 28.29 ? 4   LYS B N   1 
ATOM   2    C CA  . LYS A 1 6   ? 8.858   -21.701 -3.532  1.00 43.94 ? 4   LYS B CA  1 
ATOM   3    C C   . LYS A 1 6   ? 7.511   -20.990 -3.193  1.00 43.72 ? 4   LYS B C   1 
ATOM   4    O O   . LYS A 1 6   ? 7.482   -19.757 -3.120  1.00 42.63 ? 4   LYS B O   1 
ATOM   5    C CB  . LYS A 1 6   ? 8.789   -22.313 -4.915  1.00 58.00 ? 4   LYS B CB  1 
ATOM   6    C CG  . LYS A 1 6   ? 8.821   -21.194 -5.973  1.00 65.21 ? 4   LYS B CG  1 
ATOM   7    C CD  . LYS A 1 6   ? 7.768   -21.403 -7.074  1.00 78.37 ? 4   LYS B CD  1 
ATOM   8    C CE  . LYS A 1 6   ? 7.840   -20.287 -8.091  1.00 67.27 ? 4   LYS B CE  1 
ATOM   9    N NZ  . LYS A 1 6   ? 9.267   -19.884 -8.179  1.00 58.82 ? 4   LYS B NZ  1 
ATOM   10   N N   . ASP A 1 7   ? 6.423   -21.736 -2.997  1.00 37.79 ? 5   ASP B N   1 
ATOM   11   C CA  . ASP A 1 7   ? 5.304   -21.239 -2.137  1.00 41.44 ? 5   ASP B CA  1 
ATOM   12   C C   . ASP A 1 7   ? 5.735   -21.251 -0.647  1.00 33.83 ? 5   ASP B C   1 
ATOM   13   O O   . ASP A 1 7   ? 5.192   -20.535 0.189   1.00 28.05 ? 5   ASP B O   1 
ATOM   14   C CB  . ASP A 1 7   ? 4.002   -22.049 -2.306  1.00 43.66 ? 5   ASP B CB  1 
ATOM   15   C CG  . ASP A 1 7   ? 3.672   -22.354 -3.784  1.00 72.91 ? 5   ASP B CG  1 
ATOM   16   O OD1 . ASP A 1 7   ? 3.498   -21.391 -4.565  1.00 83.81 ? 5   ASP B OD1 1 
ATOM   17   O OD2 . ASP A 1 7   ? 3.591   -23.553 -4.173  1.00 74.89 ? 5   ASP B OD2 1 
ATOM   18   N N   . GLU A 1 8   ? 6.699   -22.105 -0.321  1.00 32.45 ? 6   GLU B N   1 
ATOM   19   C CA  . GLU A 1 8   ? 7.340   -22.091 0.974   1.00 29.52 ? 6   GLU B CA  1 
ATOM   20   C C   . GLU A 1 8   ? 8.164   -20.786 1.095   1.00 26.66 ? 6   GLU B C   1 
ATOM   21   O O   . GLU A 1 8   ? 8.147   -20.150 2.138   1.00 20.26 ? 6   GLU B O   1 
ATOM   22   C CB  . GLU A 1 8   ? 8.238   -23.312 1.127   1.00 30.29 ? 6   GLU B CB  1 
ATOM   23   C CG  . GLU A 1 8   ? 8.945   -23.387 2.462   1.00 38.81 ? 6   GLU B CG  1 
ATOM   24   C CD  . GLU A 1 8   ? 7.977   -23.624 3.619   1.00 51.31 ? 6   GLU B CD  1 
ATOM   25   O OE1 . GLU A 1 8   ? 6.931   -24.286 3.387   1.00 54.15 ? 6   GLU B OE1 1 
ATOM   26   O OE2 . GLU A 1 8   ? 8.268   -23.166 4.755   1.00 50.59 ? 6   GLU B OE2 1 
ATOM   27   N N   . ARG A 1 9   ? 8.847   -20.380 0.021   1.00 21.69 ? 7   ARG B N   1 
ATOM   28   C CA  . ARG A 1 9   ? 9.663   -19.192 0.111   1.00 24.79 ? 7   ARG B CA  1 
ATOM   29   C C   . ARG A 1 9   ? 8.758   -17.942 0.329   1.00 26.73 ? 7   ARG B C   1 
ATOM   30   O O   . ARG A 1 9   ? 9.048   -17.118 1.197   1.00 30.54 ? 7   ARG B O   1 
ATOM   31   C CB  . ARG A 1 9   ? 10.602  -19.062 -1.087  1.00 26.01 ? 7   ARG B CB  1 
ATOM   32   C CG  . ARG A 1 9   ? 11.252  -17.673 -1.225  1.00 33.79 ? 7   ARG B CG  1 
ATOM   33   C CD  . ARG A 1 9   ? 12.679  -17.525 -0.707  1.00 40.73 ? 7   ARG B CD  1 
ATOM   34   N NE  . ARG A 1 9   ? 13.285  -16.334 -1.348  1.00 57.23 ? 7   ARG B NE  1 
ATOM   35   C CZ  . ARG A 1 9   ? 13.865  -15.293 -0.715  1.00 70.84 ? 7   ARG B CZ  1 
ATOM   36   N NH1 . ARG A 1 9   ? 14.019  -15.252 0.644   1.00 44.99 ? 7   ARG B NH1 1 
ATOM   37   N NH2 . ARG A 1 9   ? 14.332  -14.283 -1.464  1.00 64.35 ? 7   ARG B NH2 1 
ATOM   38   N N   . ALA A 1 10  ? 7.671   -17.822 -0.434  1.00 21.19 ? 8   ALA B N   1 
ATOM   39   C CA  . ALA A 1 10  ? 6.675   -16.777 -0.176  1.00 21.20 ? 8   ALA B CA  1 
ATOM   40   C C   . ALA A 1 10  ? 6.213   -16.787 1.268   1.00 20.22 ? 8   ALA B C   1 
ATOM   41   O O   . ALA A 1 10  ? 6.020   -15.714 1.859   1.00 19.67 ? 8   ALA B O   1 
ATOM   42   C CB  . ALA A 1 10  ? 5.463   -16.873 -1.106  1.00 17.00 ? 8   ALA B CB  1 
ATOM   43   N N   . ARG A 1 11  ? 6.051   -17.970 1.843   1.00 22.15 ? 9   ARG B N   1 
ATOM   44   C CA  . ARG A 1 11  ? 5.534   -18.090 3.225   1.00 23.65 ? 9   ARG B CA  1 
ATOM   45   C C   . ARG A 1 11  ? 6.552   -17.566 4.234   1.00 24.07 ? 9   ARG B C   1 
ATOM   46   O O   . ARG A 1 11  ? 6.131   -16.851 5.163   1.00 24.47 ? 9   ARG B O   1 
ATOM   47   C CB  . ARG A 1 11  ? 5.072   -19.536 3.573   1.00 30.45 ? 9   ARG B CB  1 
ATOM   48   C CG  . ARG A 1 11  ? 3.607   -19.915 3.086   1.00 33.35 ? 9   ARG B CG  1 
ATOM   49   C CD  . ARG A 1 11  ? 3.204   -21.419 3.398   1.00 40.25 ? 9   ARG B CD  1 
ATOM   50   N NE  . ARG A 1 11  ? 2.441   -22.047 2.301   1.00 50.14 ? 9   ARG B NE  1 
ATOM   51   C CZ  . ARG A 1 11  ? 2.967   -22.888 1.386   1.00 66.96 ? 9   ARG B CZ  1 
ATOM   52   N NH1 . ARG A 1 11  ? 4.245   -23.240 1.465   1.00 71.43 ? 9   ARG B NH1 1 
ATOM   53   N NH2 . ARG A 1 11  ? 2.236   -23.414 0.392   1.00 57.13 ? 9   ARG B NH2 1 
ATOM   54   N N   . GLU A 1 12  ? 7.867   -17.871 4.053   1.00 21.05 ? 10  GLU B N   1 
ATOM   55   C CA  . GLU A 1 12  ? 8.933   -17.333 4.951   1.00 19.68 ? 10  GLU B CA  1 
ATOM   56   C C   . GLU A 1 12  ? 9.035   -15.827 4.877   1.00 16.88 ? 10  GLU B C   1 
ATOM   57   O O   . GLU A 1 12  ? 9.363   -15.135 5.879   1.00 18.20 ? 10  GLU B O   1 
ATOM   58   C CB  . GLU A 1 12  ? 10.351  -17.759 4.594   1.00 25.30 ? 10  GLU B CB  1 
ATOM   59   C CG  . GLU A 1 12  ? 10.560  -19.080 4.006   1.00 28.21 ? 10  GLU B CG  1 
ATOM   60   C CD  . GLU A 1 12  ? 11.906  -19.227 3.228   1.00 49.89 ? 10  GLU B CD  1 
ATOM   61   O OE1 . GLU A 1 12  ? 12.548  -18.204 2.797   1.00 51.31 ? 10  GLU B OE1 1 
ATOM   62   O OE2 . GLU A 1 12  ? 12.297  -20.403 3.021   1.00 55.48 ? 10  GLU B OE2 1 
ATOM   63   N N   . ILE A 1 13  ? 8.823   -15.299 3.691   1.00 15.00 ? 11  ILE B N   1 
ATOM   64   C CA  . ILE A 1 13  ? 8.961   -13.855 3.502   1.00 17.38 ? 11  ILE B CA  1 
ATOM   65   C C   . ILE A 1 13  ? 7.797   -13.187 4.190   1.00 18.27 ? 11  ILE B C   1 
ATOM   66   O O   . ILE A 1 13  ? 7.962   -12.124 4.809   1.00 21.43 ? 11  ILE B O   1 
ATOM   67   C CB  . ILE A 1 13  ? 8.983   -13.465 2.011   1.00 20.04 ? 11  ILE B CB  1 
ATOM   68   C CG1 . ILE A 1 13  ? 10.306  -13.966 1.361   1.00 21.37 ? 11  ILE B CG1 1 
ATOM   69   C CG2 . ILE A 1 13  ? 8.768   -11.938 1.799   1.00 17.14 ? 11  ILE B CG2 1 
ATOM   70   C CD1 . ILE A 1 13  ? 10.317  -13.845 -0.257  1.00 17.01 ? 11  ILE B CD1 1 
ATOM   71   N N   . LEU A 1 14  ? 6.610   -13.780 4.080   1.00 18.23 ? 12  LEU B N   1 
ATOM   72   C CA  . LEU A 1 14  ? 5.475   -13.206 4.763   1.00 17.39 ? 12  LEU B CA  1 
ATOM   73   C C   . LEU A 1 14  ? 5.765   -13.225 6.289   1.00 18.97 ? 12  LEU B C   1 
ATOM   74   O O   . LEU A 1 14  ? 5.759   -12.170 6.916   1.00 18.27 ? 12  LEU B O   1 
ATOM   75   C CB  . LEU A 1 14  ? 4.216   -13.956 4.381   1.00 17.50 ? 12  LEU B CB  1 
ATOM   76   C CG  . LEU A 1 14  ? 2.930   -13.363 5.029   1.00 20.59 ? 12  LEU B CG  1 
ATOM   77   C CD1 . LEU A 1 14  ? 2.767   -11.880 4.735   1.00 15.88 ? 12  LEU B CD1 1 
ATOM   78   C CD2 . LEU A 1 14  ? 1.677   -14.131 4.573   1.00 18.61 ? 12  LEU B CD2 1 
ATOM   79   N N   . ARG A 1 15  ? 6.130   -14.403 6.844   1.00 16.85 ? 13  ARG B N   1 
ATOM   80   C CA  . ARG A 1 15  ? 6.539   -14.551 8.258   1.00 17.93 ? 13  ARG B CA  1 
ATOM   81   C C   . ARG A 1 15  ? 7.489   -13.463 8.797   1.00 20.54 ? 13  ARG B C   1 
ATOM   82   O O   . ARG A 1 15  ? 7.304   -12.956 9.929   1.00 21.11 ? 13  ARG B O   1 
ATOM   83   C CB  . ARG A 1 15  ? 7.095   -15.981 8.518   1.00 15.73 ? 13  ARG B CB  1 
ATOM   84   C CG  . ARG A 1 15  ? 7.773   -16.136 9.805   1.00 19.55 ? 13  ARG B CG  1 
ATOM   85   C CD  . ARG A 1 15  ? 8.134   -17.657 10.233  1.00 17.36 ? 13  ARG B CD  1 
ATOM   86   N NE  . ARG A 1 15  ? 7.066   -17.862 11.118  1.00 26.10 ? 13  ARG B NE  1 
ATOM   87   C CZ  . ARG A 1 15  ? 7.088   -17.714 12.418  1.00 23.41 ? 13  ARG B CZ  1 
ATOM   88   N NH1 . ARG A 1 15  ? 8.203   -17.543 13.046  1.00 24.13 ? 13  ARG B NH1 1 
ATOM   89   N NH2 . ARG A 1 15  ? 5.954   -17.837 13.068  1.00 27.07 ? 13  ARG B NH2 1 
ATOM   90   N N   . GLY A 1 16  ? 8.498   -13.099 8.001   1.00 19.46 ? 14  GLY B N   1 
ATOM   91   C CA  . GLY A 1 16  ? 9.512   -12.147 8.452   1.00 16.25 ? 14  GLY B CA  1 
ATOM   92   C C   . GLY A 1 16  ? 9.151   -10.679 8.165   1.00 18.53 ? 14  GLY B C   1 
ATOM   93   O O   . GLY A 1 16  ? 9.858   -9.755  8.558   1.00 24.55 ? 14  GLY B O   1 
ATOM   94   N N   . PHE A 1 17  ? 8.043   -10.436 7.505   1.00 17.19 ? 15  PHE B N   1 
ATOM   95   C CA  . PHE A 1 17  ? 7.723   -9.077  7.072   1.00 18.56 ? 15  PHE B CA  1 
ATOM   96   C C   . PHE A 1 17  ? 6.825   -8.315  8.012   1.00 20.78 ? 15  PHE B C   1 
ATOM   97   O O   . PHE A 1 17  ? 5.825   -8.864  8.493   1.00 21.94 ? 15  PHE B O   1 
ATOM   98   C CB  . PHE A 1 17  ? 7.001   -9.121  5.722   1.00 17.88 ? 15  PHE B CB  1 
ATOM   99   C CG  . PHE A 1 17  ? 6.761   -7.754  5.119   1.00 20.70 ? 15  PHE B CG  1 
ATOM   100  C CD1 . PHE A 1 17  ? 7.740   -7.148  4.326   1.00 20.98 ? 15  PHE B CD1 1 
ATOM   101  C CD2 . PHE A 1 17  ? 5.549   -7.080  5.333   1.00 20.36 ? 15  PHE B CD2 1 
ATOM   102  C CE1 . PHE A 1 17  ? 7.515   -5.839  3.763   1.00 22.96 ? 15  PHE B CE1 1 
ATOM   103  C CE2 . PHE A 1 17  ? 5.293   -5.804  4.750   1.00 20.65 ? 15  PHE B CE2 1 
ATOM   104  C CZ  . PHE A 1 17  ? 6.276   -5.189  3.967   1.00 19.10 ? 15  PHE B CZ  1 
ATOM   105  N N   . LYS A 1 18  ? 7.089   -7.020  8.166   1.00 23.98 ? 16  LYS B N   1 
ATOM   106  C CA  . LYS A 1 18  ? 6.206   -6.165  8.960   1.00 24.61 ? 16  LYS B CA  1 
ATOM   107  C C   . LYS A 1 18  ? 6.145   -4.763  8.368   1.00 24.09 ? 16  LYS B C   1 
ATOM   108  O O   . LYS A 1 18  ? 7.172   -4.157  8.036   1.00 20.41 ? 16  LYS B O   1 
ATOM   109  C CB  . LYS A 1 18  ? 6.655   -6.153  10.445  1.00 30.24 ? 16  LYS B CB  1 
ATOM   110  C CG  . LYS A 1 18  ? 5.948   -5.123  11.281  1.00 30.51 ? 16  LYS B CG  1 
ATOM   111  C CD  . LYS A 1 18  ? 5.683   -5.496  12.744  1.00 31.80 ? 16  LYS B CD  1 
ATOM   112  C CE  . LYS A 1 18  ? 4.294   -4.925  13.176  1.00 26.45 ? 16  LYS B CE  1 
ATOM   113  N NZ  . LYS A 1 18  ? 4.275   -4.798  14.648  1.00 33.86 ? 16  LYS B NZ  1 
ATOM   114  N N   . LEU A 1 19  ? 4.942   -4.231  8.172   1.00 22.60 ? 17  LEU B N   1 
ATOM   115  C CA  . LEU A 1 19  ? 4.887   -2.818  7.788   1.00 24.04 ? 17  LEU B CA  1 
ATOM   116  C C   . LEU A 1 19  ? 4.765   -1.989  9.069   1.00 20.84 ? 17  LEU B C   1 
ATOM   117  O O   . LEU A 1 19  ? 3.809   -2.176  9.782   1.00 24.13 ? 17  LEU B O   1 
ATOM   118  C CB  . LEU A 1 19  ? 3.721   -2.592  6.839   1.00 24.92 ? 17  LEU B CB  1 
ATOM   119  C CG  . LEU A 1 19  ? 3.679   -1.356  5.946   1.00 27.10 ? 17  LEU B CG  1 
ATOM   120  C CD1 . LEU A 1 19  ? 2.517   -1.547  4.968   1.00 30.74 ? 17  LEU B CD1 1 
ATOM   121  C CD2 . LEU A 1 19  ? 3.407   -0.133  6.770   1.00 27.96 ? 17  LEU B CD2 1 
ATOM   122  N N   . ASN A 1 20  ? 5.737   -1.137  9.403   1.00 20.62 ? 18  ASN B N   1 
ATOM   123  C CA  . ASN A 1 20  ? 5.777   -0.525  10.773  1.00 24.13 ? 18  ASN B CA  1 
ATOM   124  C C   . ASN A 1 20  ? 4.949   0.748   10.892  1.00 24.86 ? 18  ASN B C   1 
ATOM   125  O O   . ASN A 1 20  ? 4.330   0.988   11.921  1.00 30.51 ? 18  ASN B O   1 
ATOM   126  C CB  . ASN A 1 20  ? 7.204   -0.191  11.236  1.00 25.77 ? 18  ASN B CB  1 
ATOM   127  C CG  . ASN A 1 20  ? 8.169   -1.406  11.167  1.00 24.62 ? 18  ASN B CG  1 
ATOM   128  O OD1 . ASN A 1 20  ? 9.154   -1.383  10.426  1.00 28.08 ? 18  ASN B OD1 1 
ATOM   129  N ND2 . ASN A 1 20  ? 7.906   -2.429  11.963  1.00 22.44 ? 18  ASN B ND2 1 
ATOM   130  N N   . TRP A 1 21  ? 4.973   1.565   9.850   1.00 21.63 ? 19  TRP B N   1 
ATOM   131  C CA  . TRP A 1 21  ? 4.208   2.802   9.801   1.00 24.20 ? 19  TRP B CA  1 
ATOM   132  C C   . TRP A 1 21  ? 4.138   3.264   8.352   1.00 27.53 ? 19  TRP B C   1 
ATOM   133  O O   . TRP A 1 21  ? 4.924   2.808   7.500   1.00 25.11 ? 19  TRP B O   1 
ATOM   134  C CB  . TRP A 1 21  ? 4.781   3.919   10.692  1.00 23.18 ? 19  TRP B CB  1 
ATOM   135  C CG  . TRP A 1 21  ? 6.224   4.320   10.481  1.00 23.78 ? 19  TRP B CG  1 
ATOM   136  C CD1 . TRP A 1 21  ? 7.289   3.928   11.242  1.00 25.02 ? 19  TRP B CD1 1 
ATOM   137  C CD2 . TRP A 1 21  ? 6.744   5.247   9.513   1.00 26.68 ? 19  TRP B CD2 1 
ATOM   138  N NE1 . TRP A 1 21  ? 8.451   4.515   10.780  1.00 27.51 ? 19  TRP B NE1 1 
ATOM   139  C CE2 . TRP A 1 21  ? 8.143   5.325   9.715   1.00 26.81 ? 19  TRP B CE2 1 
ATOM   140  C CE3 . TRP A 1 21  ? 6.170   5.996   8.471   1.00 28.12 ? 19  TRP B CE3 1 
ATOM   141  C CZ2 . TRP A 1 21  ? 8.980   6.130   8.917   1.00 28.08 ? 19  TRP B CZ2 1 
ATOM   142  C CZ3 . TRP A 1 21  ? 6.995   6.789   7.688   1.00 26.64 ? 19  TRP B CZ3 1 
ATOM   143  C CH2 . TRP A 1 21  ? 8.386   6.859   7.914   1.00 26.98 ? 19  TRP B CH2 1 
ATOM   144  N N   . MET A 1 22  ? 3.196   4.157   8.081   1.00 25.43 ? 20  MET B N   1 
ATOM   145  C CA  . MET A 1 22  ? 3.013   4.671   6.744   1.00 28.36 ? 20  MET B CA  1 
ATOM   146  C C   . MET A 1 22  ? 2.354   6.031   6.829   1.00 25.06 ? 20  MET B C   1 
ATOM   147  O O   . MET A 1 22  ? 1.669   6.297   7.796   1.00 25.65 ? 20  MET B O   1 
ATOM   148  C CB  . MET A 1 22  ? 2.120   3.701   5.985   1.00 32.43 ? 20  MET B CB  1 
ATOM   149  C CG  . MET A 1 22  ? 1.828   4.118   4.542   1.00 39.79 ? 20  MET B CG  1 
ATOM   150  S SD  . MET A 1 22  ? 0.976   2.810   3.642   1.00 45.96 ? 20  MET B SD  1 
ATOM   151  C CE  . MET A 1 22  ? -0.322  2.309   4.804   1.00 40.62 ? 20  MET B CE  1 
ATOM   152  N N   . ASN A 1 23  ? 2.564   6.895   5.840   1.00 22.76 ? 21  ASN B N   1 
ATOM   153  C CA  . ASN A 1 23  ? 1.707   8.057   5.681   1.00 24.31 ? 21  ASN B CA  1 
ATOM   154  C C   . ASN A 1 23  ? 1.430   8.415   4.228   1.00 26.83 ? 21  ASN B C   1 
ATOM   155  O O   . ASN A 1 23  ? 2.041   7.832   3.310   1.00 28.24 ? 21  ASN B O   1 
ATOM   156  C CB  . ASN A 1 23  ? 2.233   9.258   6.455   1.00 25.38 ? 21  ASN B CB  1 
ATOM   157  C CG  . ASN A 1 23  ? 3.617   9.650   6.021   1.00 32.76 ? 21  ASN B CG  1 
ATOM   158  O OD1 . ASN A 1 23  ? 3.874   9.856   4.819   1.00 30.36 ? 21  ASN B OD1 1 
ATOM   159  N ND2 . ASN A 1 23  ? 4.546   9.732   6.998   1.00 27.65 ? 21  ASN B ND2 1 
ATOM   160  N N   . LEU A 1 24  ? 0.489   9.352   4.012   1.00 26.42 ? 22  LEU B N   1 
ATOM   161  C CA  . LEU A 1 24  ? 0.153   9.847   2.653   1.00 25.18 ? 22  LEU B CA  1 
ATOM   162  C C   . LEU A 1 24  ? 0.200   11.354  2.719   1.00 27.73 ? 22  LEU B C   1 
ATOM   163  O O   . LEU A 1 24  ? -0.313  11.956  3.674   1.00 33.02 ? 22  LEU B O   1 
ATOM   164  C CB  . LEU A 1 24  ? -1.230  9.354   2.204   1.00 25.24 ? 22  LEU B CB  1 
ATOM   165  C CG  . LEU A 1 24  ? -1.349  7.820   2.005   1.00 29.26 ? 22  LEU B CG  1 
ATOM   166  C CD1 . LEU A 1 24  ? -2.838  7.350   1.887   1.00 26.76 ? 22  LEU B CD1 1 
ATOM   167  C CD2 . LEU A 1 24  ? -0.565  7.375   0.788   1.00 22.45 ? 22  LEU B CD2 1 
ATOM   168  N N   . ARG A 1 25  ? 0.875   11.979  1.766   1.00 31.95 ? 23  ARG B N   1 
ATOM   169  C CA  . ARG A 1 25  ? 1.109   13.440  1.839   1.00 31.40 ? 23  ARG B CA  1 
ATOM   170  C C   . ARG A 1 25  ? 0.618   14.098  0.580   1.00 32.11 ? 23  ARG B C   1 
ATOM   171  O O   . ARG A 1 25  ? 0.616   13.479  -0.491  1.00 33.22 ? 23  ARG B O   1 
ATOM   172  C CB  . ARG A 1 25  ? 2.576   13.788  2.002   1.00 27.22 ? 23  ARG B CB  1 
ATOM   173  C CG  . ARG A 1 25  ? 3.153   13.489  3.323   1.00 30.80 ? 23  ARG B CG  1 
ATOM   174  C CD  . ARG A 1 25  ? 4.701   13.639  3.190   1.00 33.64 ? 23  ARG B CD  1 
ATOM   175  N NE  . ARG A 1 25  ? 5.395   13.015  4.311   1.00 41.94 ? 23  ARG B NE  1 
ATOM   176  C CZ  . ARG A 1 25  ? 5.710   13.611  5.473   1.00 46.17 ? 23  ARG B CZ  1 
ATOM   177  N NH1 . ARG A 1 25  ? 5.407   14.882  5.726   1.00 43.27 ? 23  ARG B NH1 1 
ATOM   178  N NH2 . ARG A 1 25  ? 6.336   12.916  6.412   1.00 43.61 ? 23  ARG B NH2 1 
ATOM   179  N N   . ASP A 1 26  ? 0.201   15.361  0.708   1.00 38.63 ? 24  ASP B N   1 
ATOM   180  C CA  . ASP A 1 26  ? -0.033  16.208  -0.454  1.00 34.41 ? 24  ASP B CA  1 
ATOM   181  C C   . ASP A 1 26  ? 1.329   16.471  -1.064  1.00 35.14 ? 24  ASP B C   1 
ATOM   182  O O   . ASP A 1 26  ? 2.197   17.070  -0.421  1.00 30.50 ? 24  ASP B O   1 
ATOM   183  C CB  . ASP A 1 26  ? -0.649  17.527  -0.018  1.00 38.28 ? 24  ASP B CB  1 
ATOM   184  C CG  . ASP A 1 26  ? -0.965  18.453  -1.192  1.00 45.36 ? 24  ASP B CG  1 
ATOM   185  O OD1 . ASP A 1 26  ? -1.664  19.442  -0.937  1.00 55.88 ? 24  ASP B OD1 1 
ATOM   186  O OD2 . ASP A 1 26  ? -0.531  18.230  -2.358  1.00 51.00 ? 24  ASP B OD2 1 
ATOM   187  N N   . ALA A 1 27  ? 1.550   16.005  -2.289  1.00 33.59 ? 25  ALA B N   1 
ATOM   188  C CA  . ALA A 1 27  ? 2.905   16.158  -2.846  1.00 35.83 ? 25  ALA B CA  1 
ATOM   189  C C   . ALA A 1 27  ? 3.223   17.638  -3.091  1.00 35.52 ? 25  ALA B C   1 
ATOM   190  O O   . ALA A 1 27  ? 4.370   18.042  -2.995  1.00 41.58 ? 25  ALA B O   1 
ATOM   191  C CB  . ALA A 1 27  ? 3.137   15.263  -4.141  1.00 29.57 ? 25  ALA B CB  1 
ATOM   192  N N   . GLU A 1 28  ? 2.208   18.459  -3.353  1.00 35.06 ? 26  GLU B N   1 
ATOM   193  C CA  . GLU A 1 28  ? 2.476   19.854  -3.687  1.00 37.54 ? 26  GLU B CA  1 
ATOM   194  C C   . GLU A 1 28  ? 2.974   20.578  -2.483  1.00 37.76 ? 26  GLU B C   1 
ATOM   195  O O   . GLU A 1 28  ? 3.827   21.411  -2.625  1.00 39.03 ? 26  GLU B O   1 
ATOM   196  C CB  . GLU A 1 28  ? 1.249   20.578  -4.271  1.00 40.96 ? 26  GLU B CB  1 
ATOM   197  N N   . THR A 1 29  ? 2.443   20.272  -1.298  1.00 37.13 ? 27  THR B N   1 
ATOM   198  C CA  . THR A 1 29  ? 2.767   21.050  -0.087  1.00 37.98 ? 27  THR B CA  1 
ATOM   199  C C   . THR A 1 29  ? 3.648   20.263  0.864   1.00 37.56 ? 27  THR B C   1 
ATOM   200  O O   . THR A 1 29  ? 4.223   20.851  1.762   1.00 33.11 ? 27  THR B O   1 
ATOM   201  C CB  . THR A 1 29  ? 1.497   21.436  0.789   1.00 41.53 ? 27  THR B CB  1 
ATOM   202  O OG1 . THR A 1 29  ? 0.894   20.240  1.325   1.00 34.44 ? 27  THR B OG1 1 
ATOM   203  C CG2 . THR A 1 29  ? 0.434   22.240  0.010   1.00 36.67 ? 27  THR B CG2 1 
ATOM   204  N N   . GLY A 1 30  ? 3.683   18.931  0.720   1.00 41.83 ? 28  GLY B N   1 
ATOM   205  C CA  . GLY A 1 30  ? 4.324   18.037  1.708   1.00 37.97 ? 28  GLY B CA  1 
ATOM   206  C C   . GLY A 1 30  ? 3.593   17.894  3.045   1.00 41.09 ? 28  GLY B C   1 
ATOM   207  O O   . GLY A 1 30  ? 4.193   17.431  4.034   1.00 36.50 ? 28  GLY B O   1 
ATOM   208  N N   . LYS A 1 31  ? 2.318   18.306  3.094   1.00 38.88 ? 29  LYS B N   1 
ATOM   209  C CA  . LYS A 1 31  ? 1.488   18.141  4.311   1.00 38.54 ? 29  LYS B CA  1 
ATOM   210  C C   . LYS A 1 31  ? 0.993   16.674  4.421   1.00 35.70 ? 29  LYS B C   1 
ATOM   211  O O   . LYS A 1 31  ? 0.632   16.046  3.418   1.00 34.23 ? 29  LYS B O   1 
ATOM   212  C CB  . LYS A 1 31  ? 0.288   19.114  4.340   1.00 41.62 ? 29  LYS B CB  1 
ATOM   213  C CG  . LYS A 1 31  ? 0.563   20.663  4.535   1.00 46.27 ? 29  LYS B CG  1 
ATOM   214  C CD  . LYS A 1 31  ? -0.814  21.454  4.664   1.00 50.21 ? 29  LYS B CD  1 
ATOM   215  C CE  . LYS A 1 31  ? -0.893  22.813  3.874   1.00 60.59 ? 29  LYS B CE  1 
ATOM   216  N NZ  . LYS A 1 31  ? -0.374  23.894  4.712   1.00 41.77 ? 29  LYS B NZ  1 
ATOM   217  N N   . ILE A 1 32  ? 1.025   16.137  5.638   1.00 32.52 ? 30  ILE B N   1 
ATOM   218  C CA  . ILE A 1 32  ? 0.526   14.827  5.961   1.00 34.37 ? 30  ILE B CA  1 
ATOM   219  C C   . ILE A 1 32  ? -0.974  14.951  5.961   1.00 37.26 ? 30  ILE B C   1 
ATOM   220  O O   . ILE A 1 32  ? -1.510  15.840  6.588   1.00 39.98 ? 30  ILE B O   1 
ATOM   221  C CB  . ILE A 1 32  ? 1.013   14.353  7.350   1.00 36.15 ? 30  ILE B CB  1 
ATOM   222  C CG1 . ILE A 1 32  ? 2.508   14.026  7.283   1.00 44.69 ? 30  ILE B CG1 1 
ATOM   223  C CG2 . ILE A 1 32  ? 0.210   13.153  7.848   1.00 41.86 ? 30  ILE B CG2 1 
ATOM   224  C CD1 . ILE A 1 32  ? 3.088   13.291  8.505   1.00 46.61 ? 30  ILE B CD1 1 
ATOM   225  N N   . LEU A 1 33  ? -1.612  14.055  5.216   1.00 37.62 ? 31  LEU B N   1 
ATOM   226  C CA  . LEU A 1 33  ? -3.055  13.905  5.084   1.00 31.84 ? 31  LEU B CA  1 
ATOM   227  C C   . LEU A 1 33  ? -3.583  12.670  5.879   1.00 33.61 ? 31  LEU B C   1 
ATOM   228  O O   . LEU A 1 33  ? -4.690  12.685  6.450   1.00 34.89 ? 31  LEU B O   1 
ATOM   229  C CB  . LEU A 1 33  ? -3.384  13.714  3.605   1.00 24.99 ? 31  LEU B CB  1 
ATOM   230  C CG  . LEU A 1 33  ? -3.166  14.864  2.608   1.00 27.71 ? 31  LEU B CG  1 
ATOM   231  C CD1 . LEU A 1 33  ? -3.413  14.343  1.214   1.00 22.24 ? 31  LEU B CD1 1 
ATOM   232  C CD2 . LEU A 1 33  ? -3.977  16.193  2.837   1.00 25.62 ? 31  LEU B CD2 1 
ATOM   233  N N   . TRP A 1 34  ? -2.793  11.598  5.891   1.00 26.87 ? 32  TRP B N   1 
ATOM   234  C CA  . TRP A 1 34  ? -3.141  10.388  6.590   1.00 24.80 ? 32  TRP B CA  1 
ATOM   235  C C   . TRP A 1 34  ? -1.840  9.726   7.059   1.00 26.91 ? 32  TRP B C   1 
ATOM   236  O O   . TRP A 1 34  ? -0.848  9.674   6.340   1.00 26.16 ? 32  TRP B O   1 
ATOM   237  C CB  . TRP A 1 34  ? -3.978  9.431   5.679   1.00 23.87 ? 32  TRP B CB  1 
ATOM   238  C CG  . TRP A 1 34  ? -4.362  8.138   6.360   1.00 24.10 ? 32  TRP B CG  1 
ATOM   239  C CD1 . TRP A 1 34  ? -5.537  7.870   6.988   1.00 23.54 ? 32  TRP B CD1 1 
ATOM   240  C CD2 . TRP A 1 34  ? -3.545  6.960   6.523   1.00 22.08 ? 32  TRP B CD2 1 
ATOM   241  N NE1 . TRP A 1 34  ? -5.517  6.587   7.549   1.00 24.78 ? 32  TRP B NE1 1 
ATOM   242  C CE2 . TRP A 1 34  ? -4.302  6.017   7.274   1.00 26.06 ? 32  TRP B CE2 1 
ATOM   243  C CE3 . TRP A 1 34  ? -2.252  6.628   6.138   1.00 22.93 ? 32  TRP B CE3 1 
ATOM   244  C CZ2 . TRP A 1 34  ? -3.795  4.756   7.639   1.00 25.87 ? 32  TRP B CZ2 1 
ATOM   245  C CZ3 . TRP A 1 34  ? -1.747  5.361   6.485   1.00 23.21 ? 32  TRP B CZ3 1 
ATOM   246  C CH2 . TRP A 1 34  ? -2.518  4.449   7.224   1.00 29.26 ? 32  TRP B CH2 1 
ATOM   247  N N   . GLN A 1 35  ? -1.869  9.220   8.273   1.00 25.19 ? 33  GLN B N   1 
ATOM   248  C CA  . GLN A 1 35  ? -0.778  8.427   8.803   1.00 28.33 ? 33  GLN B CA  1 
ATOM   249  C C   . GLN A 1 35  ? -1.375  7.328   9.677   1.00 28.46 ? 33  GLN B C   1 
ATOM   250  O O   . GLN A 1 35  ? -2.475  7.455   10.211  1.00 25.80 ? 33  GLN B O   1 
ATOM   251  C CB  . GLN A 1 35  ? 0.149   9.292   9.634   1.00 31.19 ? 33  GLN B CB  1 
ATOM   252  C CG  . GLN A 1 35  ? -0.570  10.063  10.765  1.00 32.21 ? 33  GLN B CG  1 
ATOM   253  C CD  . GLN A 1 35  ? 0.370   11.027  11.435  1.00 39.07 ? 33  GLN B CD  1 
ATOM   254  O OE1 . GLN A 1 35  ? 1.399   11.378  10.873  1.00 43.45 ? 33  GLN B OE1 1 
ATOM   255  N NE2 . GLN A 1 35  ? 0.048   11.424  12.650  1.00 39.68 ? 33  GLN B NE2 1 
ATOM   256  N N   . GLY A 1 36  ? -0.672  6.220   9.786   1.00 26.42 ? 34  GLY B N   1 
ATOM   257  C CA  . GLY A 1 36  ? -1.095  5.172   10.692  1.00 24.02 ? 34  GLY B CA  1 
ATOM   258  C C   . GLY A 1 36  ? 0.152   4.357   10.953  1.00 29.22 ? 34  GLY B C   1 
ATOM   259  O O   . GLY A 1 36  ? 1.132   4.385   10.153  1.00 25.25 ? 34  GLY B O   1 
ATOM   260  N N   . THR A 1 37  ? 0.123   3.646   12.074  1.00 28.61 ? 35  THR B N   1 
ATOM   261  C CA  . THR A 1 37  ? 1.172   2.702   12.462  1.00 29.00 ? 35  THR B CA  1 
ATOM   262  C C   . THR A 1 37  ? 0.619   1.258   12.574  1.00 27.95 ? 35  THR B C   1 
ATOM   263  O O   . THR A 1 37  ? 1.211   0.428   13.221  1.00 31.40 ? 35  THR B O   1 
ATOM   264  C CB  . THR A 1 37  ? 1.702   3.113   13.822  1.00 32.77 ? 35  THR B CB  1 
ATOM   265  O OG1 . THR A 1 37  ? 0.615   2.973   14.758  1.00 27.59 ? 35  THR B OG1 1 
ATOM   266  C CG2 . THR A 1 37  ? 2.204   4.582   13.815  1.00 29.39 ? 35  THR B CG2 1 
ATOM   267  N N   . GLU A 1 38  ? -0.537  0.976   11.985  1.00 28.40 ? 36  GLU B N   1 
ATOM   268  C CA  . GLU A 1 38  ? -1.096  -0.360  11.938  1.00 31.31 ? 36  GLU B CA  1 
ATOM   269  C C   . GLU A 1 38  ? -0.730  -0.968  10.581  1.00 30.66 ? 36  GLU B C   1 
ATOM   270  O O   . GLU A 1 38  ? -0.778  -0.285  9.556   1.00 35.48 ? 36  GLU B O   1 
ATOM   271  C CB  . GLU A 1 38  ? -2.632  -0.251  12.135  1.00 38.49 ? 36  GLU B CB  1 
ATOM   272  C CG  . GLU A 1 38  ? -3.547  -1.213  11.310  1.00 71.41 ? 36  GLU B CG  1 
ATOM   273  C CD  . GLU A 1 38  ? -4.177  -2.396  12.107  1.00 88.88 ? 36  GLU B CD  1 
ATOM   274  O OE1 . GLU A 1 38  ? -4.983  -2.101  13.028  1.00 82.01 ? 36  GLU B OE1 1 
ATOM   275  O OE2 . GLU A 1 38  ? -3.897  -3.606  11.789  1.00 86.17 ? 36  GLU B OE2 1 
ATOM   276  N N   . ASP A 1 39  ? -0.404  -2.261  10.545  1.00 31.34 ? 37  ASP B N   1 
ATOM   277  C CA  . ASP A 1 39  ? 0.070   -2.906  9.311   1.00 25.55 ? 37  ASP B CA  1 
ATOM   278  C C   . ASP A 1 39  ? -1.126  -3.224  8.407   1.00 27.80 ? 37  ASP B C   1 
ATOM   279  O O   . ASP A 1 39  ? -1.794  -4.254  8.552   1.00 26.48 ? 37  ASP B O   1 
ATOM   280  C CB  . ASP A 1 39  ? 0.939   -4.144  9.622   1.00 26.77 ? 37  ASP B CB  1 
ATOM   281  C CG  . ASP A 1 39  ? 1.554   -4.809  8.354   1.00 36.91 ? 37  ASP B CG  1 
ATOM   282  O OD1 . ASP A 1 39  ? 1.116   -4.569  7.180   1.00 35.77 ? 37  ASP B OD1 1 
ATOM   283  O OD2 . ASP A 1 39  ? 2.498   -5.605  8.546   1.00 36.28 ? 37  ASP B OD2 1 
ATOM   284  N N   . LEU A 1 40  ? -1.392  -2.329  7.459   1.00 29.53 ? 38  LEU B N   1 
ATOM   285  C CA  . LEU A 1 40  ? -2.575  -2.472  6.604   1.00 26.73 ? 38  LEU B CA  1 
ATOM   286  C C   . LEU A 1 40  ? -2.391  -3.557  5.572   1.00 26.90 ? 38  LEU B C   1 
ATOM   287  O O   . LEU A 1 40  ? -3.314  -3.844  4.848   1.00 25.17 ? 38  LEU B O   1 
ATOM   288  C CB  . LEU A 1 40  ? -2.944  -1.150  5.923   1.00 26.84 ? 38  LEU B CB  1 
ATOM   289  C CG  . LEU A 1 40  ? -3.389  -0.010  6.859   1.00 25.05 ? 38  LEU B CG  1 
ATOM   290  C CD1 . LEU A 1 40  ? -3.839  1.137   5.991   1.00 36.46 ? 38  LEU B CD1 1 
ATOM   291  C CD2 . LEU A 1 40  ? -4.496  -0.361  7.798   1.00 23.00 ? 38  LEU B CD2 1 
ATOM   292  N N   . SER A 1 41  ? -1.219  -4.189  5.524   1.00 26.32 ? 39  SER B N   1 
ATOM   293  C CA  . SER A 1 41  ? -0.973  -5.150  4.447   1.00 27.15 ? 39  SER B CA  1 
ATOM   294  C C   . SER A 1 41  ? -1.113  -6.578  4.929   1.00 24.85 ? 39  SER B C   1 
ATOM   295  O O   . SER A 1 41  ? -0.899  -7.499  4.160   1.00 18.69 ? 39  SER B O   1 
ATOM   296  C CB  . SER A 1 41  ? 0.425   -5.008  3.916   1.00 26.20 ? 39  SER B CB  1 
ATOM   297  O OG  . SER A 1 41  ? 1.316   -5.596  4.838   1.00 26.52 ? 39  SER B OG  1 
ATOM   298  N N   . VAL A 1 42  ? -1.494  -6.753  6.191   1.00 23.49 ? 40  VAL B N   1 
ATOM   299  C CA  . VAL A 1 42  ? -1.885  -8.059  6.698   1.00 22.24 ? 40  VAL B CA  1 
ATOM   300  C C   . VAL A 1 42  ? -3.066  -8.681  5.955   1.00 23.02 ? 40  VAL B C   1 
ATOM   301  O O   . VAL A 1 42  ? -4.159  -8.110  5.937   1.00 30.22 ? 40  VAL B O   1 
ATOM   302  C CB  . VAL A 1 42  ? -2.116  -7.999  8.205   1.00 23.62 ? 40  VAL B CB  1 
ATOM   303  C CG1 . VAL A 1 42  ? -2.722  -9.336  8.754   1.00 24.77 ? 40  VAL B CG1 1 
ATOM   304  C CG2 . VAL A 1 42  ? -0.762  -7.731  8.858   1.00 22.19 ? 40  VAL B CG2 1 
ATOM   305  N N   . PRO A 1 43  ? -2.843  -9.847  5.314   1.00 20.16 ? 41  PRO B N   1 
ATOM   306  C CA  . PRO A 1 43  ? -3.892  -10.626 4.610   1.00 21.11 ? 41  PRO B CA  1 
ATOM   307  C C   . PRO A 1 43  ? -4.911  -11.305 5.546   1.00 23.77 ? 41  PRO B C   1 
ATOM   308  O O   . PRO A 1 43  ? -4.637  -11.468 6.720   1.00 30.77 ? 41  PRO B O   1 
ATOM   309  C CB  . PRO A 1 43  ? -3.096  -11.671 3.808   1.00 19.17 ? 41  PRO B CB  1 
ATOM   310  C CG  . PRO A 1 43  ? -1.778  -11.741 4.477   1.00 19.57 ? 41  PRO B CG  1 
ATOM   311  C CD  . PRO A 1 43  ? -1.526  -10.510 5.299   1.00 18.36 ? 41  PRO B CD  1 
ATOM   312  N N   . GLY A 1 44  ? -6.096  -11.657 5.048   1.00 28.93 ? 42  GLY B N   1 
ATOM   313  C CA  . GLY A 1 44  ? -7.114  -12.376 5.851   1.00 28.54 ? 42  GLY B CA  1 
ATOM   314  C C   . GLY A 1 44  ? -8.192  -11.500 6.493   1.00 34.62 ? 42  GLY B C   1 
ATOM   315  O O   . GLY A 1 44  ? -9.216  -12.000 6.993   1.00 32.95 ? 42  GLY B O   1 
ATOM   316  N N   . VAL A 1 45  ? -7.981  -10.193 6.469   1.00 34.28 ? 43  VAL B N   1 
ATOM   317  C CA  . VAL A 1 45  ? -8.928  -9.242  7.058   1.00 36.04 ? 43  VAL B CA  1 
ATOM   318  C C   . VAL A 1 45  ? -9.093  -8.051  6.163   1.00 30.05 ? 43  VAL B C   1 
ATOM   319  O O   . VAL A 1 45  ? -8.154  -7.662  5.455   1.00 30.76 ? 43  VAL B O   1 
ATOM   320  C CB  . VAL A 1 45  ? -8.515  -8.701  8.476   1.00 38.31 ? 43  VAL B CB  1 
ATOM   321  C CG1 . VAL A 1 45  ? -9.185  -9.499  9.564   1.00 48.69 ? 43  VAL B CG1 1 
ATOM   322  C CG2 . VAL A 1 45  ? -6.997  -8.617  8.671   1.00 35.37 ? 43  VAL B CG2 1 
ATOM   323  N N   . GLU A 1 46  ? -10.287 -7.483  6.200   1.00 32.78 ? 44  GLU B N   1 
ATOM   324  C CA  . GLU A 1 46  ? -10.559 -6.244  5.496   1.00 34.48 ? 44  GLU B CA  1 
ATOM   325  C C   . GLU A 1 46  ? -10.211 -5.092  6.434   1.00 36.93 ? 44  GLU B C   1 
ATOM   326  O O   . GLU A 1 46  ? -10.895 -4.878  7.448   1.00 32.22 ? 44  GLU B O   1 
ATOM   327  C CB  . GLU A 1 46  ? -12.006 -6.176  5.053   1.00 34.43 ? 44  GLU B CB  1 
ATOM   328  C CG  . GLU A 1 46  ? -12.273 -5.013  4.074   1.00 38.92 ? 44  GLU B CG  1 
ATOM   329  C CD  . GLU A 1 46  ? -13.728 -4.926  3.691   1.00 33.71 ? 44  GLU B CD  1 
ATOM   330  O OE1 . GLU A 1 46  ? -14.082 -5.506  2.653   1.00 39.88 ? 44  GLU B OE1 1 
ATOM   331  O OE2 . GLU A 1 46  ? -14.524 -4.311  4.428   1.00 31.59 ? 44  GLU B OE2 1 
ATOM   332  N N   . HIS A 1 47  ? -9.109  -4.404  6.126   1.00 27.52 ? 45  HIS B N   1 
ATOM   333  C CA  . HIS A 1 47  ? -8.761  -3.179  6.802   1.00 25.74 ? 45  HIS B CA  1 
ATOM   334  C C   . HIS A 1 47  ? -9.676  -2.026  6.342   1.00 23.15 ? 45  HIS B C   1 
ATOM   335  O O   . HIS A 1 47  ? -10.338 -2.134  5.316   1.00 23.42 ? 45  HIS B O   1 
ATOM   336  C CB  . HIS A 1 47  ? -7.301  -2.854  6.498   1.00 25.23 ? 45  HIS B CB  1 
ATOM   337  C CG  . HIS A 1 47  ? -6.354  -3.934  6.928   1.00 28.92 ? 45  HIS B CG  1 
ATOM   338  N ND1 . HIS A 1 47  ? -5.875  -4.899  6.061   1.00 29.27 ? 45  HIS B ND1 1 
ATOM   339  C CD2 . HIS A 1 47  ? -5.848  -4.241  8.141   1.00 21.62 ? 45  HIS B CD2 1 
ATOM   340  C CE1 . HIS A 1 47  ? -5.073  -5.719  6.708   1.00 22.40 ? 45  HIS B CE1 1 
ATOM   341  N NE2 . HIS A 1 47  ? -5.028  -5.333  7.967   1.00 25.91 ? 45  HIS B NE2 1 
ATOM   342  N N   . GLU A 1 48  ? -9.663  -0.932  7.091   1.00 21.41 ? 46  GLU B N   1 
ATOM   343  C CA  . GLU A 1 48  ? -10.461 0.232   6.861   1.00 24.42 ? 46  GLU B CA  1 
ATOM   344  C C   . GLU A 1 48  ? -9.636  1.458   7.140   1.00 28.51 ? 46  GLU B C   1 
ATOM   345  O O   . GLU A 1 48  ? -8.846  1.476   8.088   1.00 25.53 ? 46  GLU B O   1 
ATOM   346  C CB  . GLU A 1 48  ? -11.618 0.259   7.843   1.00 29.26 ? 46  GLU B CB  1 
ATOM   347  C CG  . GLU A 1 48  ? -12.687 -0.814  7.585   1.00 33.76 ? 46  GLU B CG  1 
ATOM   348  C CD  . GLU A 1 48  ? -13.852 -0.711  8.573   1.00 46.15 ? 46  GLU B CD  1 
ATOM   349  O OE1 . GLU A 1 48  ? -13.727 0.053   9.588   1.00 42.55 ? 46  GLU B OE1 1 
ATOM   350  O OE2 . GLU A 1 48  ? -14.892 -1.390  8.326   1.00 50.40 ? 46  GLU B OE2 1 
ATOM   351  N N   . ALA A 1 49  ? -9.843  2.511   6.351   1.00 23.76 ? 47  ALA B N   1 
ATOM   352  C CA  . ALA A 1 49  ? -9.110  3.717   6.567   1.00 22.13 ? 47  ALA B CA  1 
ATOM   353  C C   . ALA A 1 49  ? -10.022 4.875   6.232   1.00 24.77 ? 47  ALA B C   1 
ATOM   354  O O   . ALA A 1 49  ? -10.771 4.811   5.238   1.00 23.61 ? 47  ALA B O   1 
ATOM   355  C CB  . ALA A 1 49  ? -7.875  3.737   5.659   1.00 20.85 ? 47  ALA B CB  1 
ATOM   356  N N   . ARG A 1 50  ? -9.961  5.909   7.068   1.00 22.74 ? 48  ARG B N   1 
ATOM   357  C CA  . ARG A 1 50  ? -10.671 7.159   6.865   1.00 25.60 ? 48  ARG B CA  1 
ATOM   358  C C   . ARG A 1 50  ? -9.648  8.175   6.407   1.00 25.12 ? 48  ARG B C   1 
ATOM   359  O O   . ARG A 1 50  ? -8.690  8.416   7.120   1.00 26.62 ? 48  ARG B O   1 
ATOM   360  C CB  . ARG A 1 50  ? -11.322 7.675   8.181   1.00 30.05 ? 48  ARG B CB  1 
ATOM   361  C CG  . ARG A 1 50  ? -12.317 6.714   8.871   1.00 37.28 ? 48  ARG B CG  1 
ATOM   362  C CD  . ARG A 1 50  ? -11.882 6.247   10.267  1.00 47.75 ? 48  ARG B CD  1 
ATOM   363  N NE  . ARG A 1 50  ? -12.086 7.308   11.251  1.00 54.78 ? 48  ARG B NE  1 
ATOM   364  C CZ  . ARG A 1 50  ? -12.943 7.243   12.263  1.00 59.68 ? 48  ARG B CZ  1 
ATOM   365  N NH1 . ARG A 1 50  ? -13.671 6.138   12.466  1.00 66.34 ? 48  ARG B NH1 1 
ATOM   366  N NH2 . ARG A 1 50  ? -13.056 8.281   13.084  1.00 57.82 ? 48  ARG B NH2 1 
ATOM   367  N N   . VAL A 1 51  ? -9.844  8.759   5.227   1.00 23.99 ? 49  VAL B N   1 
ATOM   368  C CA  . VAL A 1 51  ? -8.936  9.765   4.696   1.00 26.94 ? 49  VAL B CA  1 
ATOM   369  C C   . VAL A 1 51  ? -9.737  11.019  4.464   1.00 27.93 ? 49  VAL B C   1 
ATOM   370  O O   . VAL A 1 51  ? -10.950 10.926  4.275   1.00 25.20 ? 49  VAL B O   1 
ATOM   371  C CB  . VAL A 1 51  ? -8.222  9.325   3.363   1.00 23.70 ? 49  VAL B CB  1 
ATOM   372  C CG1 . VAL A 1 51  ? -7.339  8.138   3.653   1.00 20.46 ? 49  VAL B CG1 1 
ATOM   373  C CG2 . VAL A 1 51  ? -9.239  9.001   2.295   1.00 21.57 ? 49  VAL B CG2 1 
ATOM   374  N N   . PRO A 1 52  ? -9.075  12.188  4.491   1.00 23.92 ? 50  PRO B N   1 
ATOM   375  C CA  . PRO A 1 52  ? -9.791  13.452  4.244   1.00 25.98 ? 50  PRO B CA  1 
ATOM   376  C C   . PRO A 1 52  ? -10.269 13.533  2.793   1.00 26.06 ? 50  PRO B C   1 
ATOM   377  O O   . PRO A 1 52  ? -9.489  13.208  1.917   1.00 26.38 ? 50  PRO B O   1 
ATOM   378  C CB  . PRO A 1 52  ? -8.716  14.545  4.520   1.00 23.20 ? 50  PRO B CB  1 
ATOM   379  C CG  . PRO A 1 52  ? -7.436  13.841  4.296   1.00 26.11 ? 50  PRO B CG  1 
ATOM   380  C CD  . PRO A 1 52  ? -7.660  12.407  4.803   1.00 23.08 ? 50  PRO B CD  1 
ATOM   381  N N   . LYS A 1 53  ? -11.498 14.010  2.529   1.00 29.70 ? 51  LYS B N   1 
ATOM   382  C CA  . LYS A 1 53  ? -12.040 13.979  1.165   1.00 29.17 ? 51  LYS B CA  1 
ATOM   383  C C   . LYS A 1 53  ? -11.170 14.787  0.158   1.00 29.58 ? 51  LYS B C   1 
ATOM   384  O O   . LYS A 1 53  ? -11.206 14.523  -1.058  1.00 32.82 ? 51  LYS B O   1 
ATOM   385  C CB  . LYS A 1 53  ? -13.513 14.411  1.141   1.00 35.73 ? 51  LYS B CB  1 
ATOM   386  C CG  . LYS A 1 53  ? -13.758 15.922  1.045   1.00 44.81 ? 51  LYS B CG  1 
ATOM   387  C CD  . LYS A 1 53  ? -15.235 16.348  1.250   1.00 51.61 ? 51  LYS B CD  1 
ATOM   388  C CE  . LYS A 1 53  ? -15.895 15.495  2.369   1.00 73.19 ? 51  LYS B CE  1 
ATOM   389  N NZ  . LYS A 1 53  ? -16.745 16.267  3.347   1.00 85.65 ? 51  LYS B NZ  1 
ATOM   390  N N   . LYS A 1 54  ? -10.404 15.759  0.653   1.00 24.52 ? 52  LYS B N   1 
ATOM   391  C CA  . LYS A 1 54  ? -9.588  16.608  -0.206  1.00 28.13 ? 52  LYS B CA  1 
ATOM   392  C C   . LYS A 1 54  ? -8.377  15.879  -0.854  1.00 31.60 ? 52  LYS B C   1 
ATOM   393  O O   . LYS A 1 54  ? -7.854  16.324  -1.887  1.00 32.31 ? 52  LYS B O   1 
ATOM   394  C CB  . LYS A 1 54  ? -9.148  17.871  0.546   1.00 30.75 ? 52  LYS B CB  1 
ATOM   395  C CG  . LYS A 1 54  ? -8.037  17.641  1.540   1.00 33.03 ? 52  LYS B CG  1 
ATOM   396  C CD  . LYS A 1 54  ? -7.564  18.966  2.165   1.00 44.79 ? 52  LYS B CD  1 
ATOM   397  C CE  . LYS A 1 54  ? -7.033  18.758  3.593   1.00 41.76 ? 52  LYS B CE  1 
ATOM   398  N NZ  . LYS A 1 54  ? -8.197  18.261  4.452   1.00 53.48 ? 52  LYS B NZ  1 
ATOM   399  N N   . ILE A 1 55  ? -7.933  14.761  -0.272  1.00 23.97 ? 53  ILE B N   1 
ATOM   400  C CA  . ILE A 1 55  ? -6.971  13.907  -0.960  1.00 23.91 ? 53  ILE B CA  1 
ATOM   401  C C   . ILE A 1 55  ? -7.342  13.567  -2.421  1.00 24.37 ? 53  ILE B C   1 
ATOM   402  O O   . ILE A 1 55  ? -6.462  13.309  -3.249  1.00 25.07 ? 53  ILE B O   1 
ATOM   403  C CB  . ILE A 1 55  ? -6.714  12.560  -0.212  1.00 24.51 ? 53  ILE B CB  1 
ATOM   404  C CG1 . ILE A 1 55  ? -5.327  12.026  -0.582  1.00 22.85 ? 53  ILE B CG1 1 
ATOM   405  C CG2 . ILE A 1 55  ? -7.851  11.475  -0.463  1.00 17.90 ? 53  ILE B CG2 1 
ATOM   406  C CD1 . ILE A 1 55  ? -4.692  11.268  0.587   1.00 27.14 ? 53  ILE B CD1 1 
ATOM   407  N N   . LEU A 1 56  ? -8.634  13.501  -2.725  1.00 24.07 ? 54  LEU B N   1 
ATOM   408  C CA  . LEU A 1 56  ? -9.039  13.221  -4.099  1.00 26.82 ? 54  LEU B CA  1 
ATOM   409  C C   . LEU A 1 56  ? -8.687  14.389  -5.055  1.00 30.19 ? 54  LEU B C   1 
ATOM   410  O O   . LEU A 1 56  ? -8.634  14.184  -6.264  1.00 33.29 ? 54  LEU B O   1 
ATOM   411  C CB  . LEU A 1 56  ? -10.544 12.913  -4.174  1.00 24.87 ? 54  LEU B CB  1 
ATOM   412  C CG  . LEU A 1 56  ? -11.064 11.680  -3.455  1.00 27.85 ? 54  LEU B CG  1 
ATOM   413  C CD1 . LEU A 1 56  ? -12.547 11.802  -3.316  1.00 24.45 ? 54  LEU B CD1 1 
ATOM   414  C CD2 . LEU A 1 56  ? -10.716 10.392  -4.127  1.00 26.58 ? 54  LEU B CD2 1 
ATOM   415  N N   . LYS A 1 57  ? -8.504  15.594  -4.509  1.00 29.10 ? 55  LYS B N   1 
ATOM   416  C CA  . LYS A 1 57  ? -8.201  16.799  -5.275  1.00 34.61 ? 55  LYS B CA  1 
ATOM   417  C C   . LYS A 1 57  ? -6.689  17.027  -5.508  1.00 33.07 ? 55  LYS B C   1 
ATOM   418  O O   . LYS A 1 57  ? -6.336  17.741  -6.431  1.00 34.35 ? 55  LYS B O   1 
ATOM   419  C CB  . LYS A 1 57  ? -8.839  18.039  -4.606  1.00 40.46 ? 55  LYS B CB  1 
ATOM   420  C CG  . LYS A 1 57  ? -10.373 18.052  -4.630  1.00 46.67 ? 55  LYS B CG  1 
ATOM   421  C CD  . LYS A 1 57  ? -10.960 19.102  -5.587  1.00 63.08 ? 55  LYS B CD  1 
ATOM   422  C CE  . LYS A 1 57  ? -11.466 18.508  -6.919  1.00 79.35 ? 55  LYS B CE  1 
ATOM   423  N NZ  . LYS A 1 57  ? -12.278 17.253  -6.748  1.00 73.10 ? 55  LYS B NZ  1 
ATOM   424  N N   . CYS A 1 58  ? -5.805  16.432  -4.693  1.00 31.37 ? 56  CYS B N   1 
ATOM   425  C CA  . CYS A 1 58  ? -4.373  16.442  -4.993  1.00 31.80 ? 56  CYS B CA  1 
ATOM   426  C C   . CYS A 1 58  ? -4.134  15.631  -6.252  1.00 38.72 ? 56  CYS B C   1 
ATOM   427  O O   . CYS A 1 58  ? -4.629  14.516  -6.372  1.00 54.79 ? 56  CYS B O   1 
ATOM   428  C CB  . CYS A 1 58  ? -3.557  15.841  -3.851  1.00 28.89 ? 56  CYS B CB  1 
ATOM   429  S SG  . CYS A 1 58  ? -4.094  16.429  -2.281  1.00 42.00 ? 56  CYS B SG  1 
ATOM   430  N N   . LYS A 1 59  ? -3.400  16.192  -7.205  1.00 44.66 ? 57  LYS B N   1 
ATOM   431  C CA  . LYS A 1 59  ? -3.089  15.459  -8.428  1.00 50.81 ? 57  LYS B CA  1 
ATOM   432  C C   . LYS A 1 59  ? -1.956  14.415  -8.176  1.00 48.18 ? 57  LYS B C   1 
ATOM   433  O O   . LYS A 1 59  ? -1.998  13.305  -8.717  1.00 41.68 ? 57  LYS B O   1 
ATOM   434  C CB  . LYS A 1 59  ? -2.798  16.441  -9.575  1.00 47.92 ? 57  LYS B CB  1 
ATOM   435  C CG  . LYS A 1 59  ? -1.497  17.238  -9.431  1.00 58.99 ? 57  LYS B CG  1 
ATOM   436  C CD  . LYS A 1 59  ? -0.923  17.672  -10.799 1.00 61.47 ? 57  LYS B CD  1 
ATOM   437  C CE  . LYS A 1 59  ? -1.152  16.580  -11.863 1.00 57.88 ? 57  LYS B CE  1 
ATOM   438  N NZ  . LYS A 1 59  ? -0.185  16.650  -12.985 1.00 57.14 ? 57  LYS B NZ  1 
ATOM   439  N N   . ALA A 1 60  ? -1.005  14.791  -7.310  1.00 34.62 ? 58  ALA B N   1 
ATOM   440  C CA  . ALA A 1 60  ? 0.111   13.976  -6.855  1.00 33.33 ? 58  ALA B CA  1 
ATOM   441  C C   . ALA A 1 60  ? 0.039   13.758  -5.329  1.00 38.11 ? 58  ALA B C   1 
ATOM   442  O O   . ALA A 1 60  ? 0.053   14.708  -4.520  1.00 38.69 ? 58  ALA B O   1 
ATOM   443  C CB  . ALA A 1 60  ? 1.442   14.664  -7.193  1.00 34.71 ? 58  ALA B CB  1 
ATOM   444  N N   . VAL A 1 61  ? -0.013  12.496  -4.946  1.00 33.71 ? 59  VAL B N   1 
ATOM   445  C CA  . VAL A 1 61  ? 0.016   12.107  -3.559  1.00 30.15 ? 59  VAL B CA  1 
ATOM   446  C C   . VAL A 1 61  ? 1.373   11.396  -3.323  1.00 31.92 ? 59  VAL B C   1 
ATOM   447  O O   . VAL A 1 61  ? 1.754   10.512  -4.093  1.00 24.82 ? 59  VAL B O   1 
ATOM   448  C CB  . VAL A 1 61  ? -1.224  11.174  -3.219  1.00 31.18 ? 59  VAL B CB  1 
ATOM   449  C CG1 . VAL A 1 61  ? -0.996  10.336  -1.939  1.00 28.82 ? 59  VAL B CG1 1 
ATOM   450  C CG2 . VAL A 1 61  ? -2.482  11.996  -3.073  1.00 29.18 ? 59  VAL B CG2 1 
ATOM   451  N N   . SER A 1 62  ? 2.081   11.788  -2.257  1.00 31.47 ? 60  SER B N   1 
ATOM   452  C CA  . SER A 1 62  ? 3.321   11.139  -1.846  1.00 32.83 ? 60  SER B CA  1 
ATOM   453  C C   . SER A 1 62  ? 3.061   10.135  -0.715  1.00 32.12 ? 60  SER B C   1 
ATOM   454  O O   . SER A 1 62  ? 2.382   10.477  0.247   1.00 35.05 ? 60  SER B O   1 
ATOM   455  C CB  . SER A 1 62  ? 4.250   12.212  -1.305  1.00 34.57 ? 60  SER B CB  1 
ATOM   456  O OG  . SER A 1 62  ? 5.554   11.709  -1.207  1.00 41.79 ? 60  SER B OG  1 
ATOM   457  N N   . ARG A 1 63  ? 3.600   8.918   -0.826  1.00 30.78 ? 61  ARG B N   1 
ATOM   458  C CA  . ARG A 1 63  ? 3.527   7.901   0.239   1.00 29.95 ? 61  ARG B CA  1 
ATOM   459  C C   . ARG A 1 63  ? 4.893   7.502   0.809   1.00 30.23 ? 61  ARG B C   1 
ATOM   460  O O   . ARG A 1 63  ? 5.806   7.208   0.047   1.00 30.59 ? 61  ARG B O   1 
ATOM   461  C CB  . ARG A 1 63  ? 2.837   6.653   -0.295  1.00 29.03 ? 61  ARG B CB  1 
ATOM   462  C CG  . ARG A 1 63  ? 2.826   5.439   0.644   1.00 31.16 ? 61  ARG B CG  1 
ATOM   463  C CD  . ARG A 1 63  ? 2.163   4.243   -0.069  1.00 24.85 ? 61  ARG B CD  1 
ATOM   464  N NE  . ARG A 1 63  ? 3.108   3.625   -0.985  1.00 24.69 ? 61  ARG B NE  1 
ATOM   465  C CZ  . ARG A 1 63  ? 2.763   2.941   -2.067  1.00 32.08 ? 61  ARG B CZ  1 
ATOM   466  N NH1 . ARG A 1 63  ? 1.480   2.764   -2.396  1.00 37.66 ? 61  ARG B NH1 1 
ATOM   467  N NH2 . ARG A 1 63  ? 3.695   2.441   -2.850  1.00 32.20 ? 61  ARG B NH2 1 
ATOM   468  N N   . GLU A 1 64  ? 5.014   7.472   2.137   1.00 28.10 ? 62  GLU B N   1 
ATOM   469  C CA  . GLU A 1 64  ? 6.171   6.888   2.814   1.00 31.38 ? 62  GLU B CA  1 
ATOM   470  C C   . GLU A 1 64  ? 5.771   5.601   3.516   1.00 32.44 ? 62  GLU B C   1 
ATOM   471  O O   . GLU A 1 64  ? 4.826   5.601   4.318   1.00 37.74 ? 62  GLU B O   1 
ATOM   472  C CB  . GLU A 1 64  ? 6.682   7.807   3.899   1.00 33.97 ? 62  GLU B CB  1 
ATOM   473  C CG  . GLU A 1 64  ? 7.409   9.042   3.460   1.00 42.01 ? 62  GLU B CG  1 
ATOM   474  C CD  . GLU A 1 64  ? 8.314   9.567   4.606   1.00 61.01 ? 62  GLU B CD  1 
ATOM   475  O OE1 . GLU A 1 64  ? 7.811   10.235  5.559   1.00 52.37 ? 62  GLU B OE1 1 
ATOM   476  O OE2 . GLU A 1 64  ? 9.541   9.279   4.558   1.00 53.44 ? 62  GLU B OE2 1 
ATOM   477  N N   . LEU A 1 65  ? 6.471   4.508   3.228   1.00 30.94 ? 63  LEU B N   1 
ATOM   478  C CA  . LEU A 1 65  ? 6.189   3.206   3.840   1.00 29.18 ? 63  LEU B CA  1 
ATOM   479  C C   . LEU A 1 65  ? 7.394   2.703   4.591   1.00 31.02 ? 63  LEU B C   1 
ATOM   480  O O   . LEU A 1 65  ? 8.424   2.400   3.976   1.00 43.05 ? 63  LEU B O   1 
ATOM   481  C CB  . LEU A 1 65  ? 5.962   2.174   2.762   1.00 31.15 ? 63  LEU B CB  1 
ATOM   482  C CG  . LEU A 1 65  ? 4.642   1.871   2.092   1.00 35.47 ? 63  LEU B CG  1 
ATOM   483  C CD1 . LEU A 1 65  ? 4.728   0.555   1.347   1.00 32.48 ? 63  LEU B CD1 1 
ATOM   484  C CD2 . LEU A 1 65  ? 3.625   1.750   3.170   1.00 50.96 ? 63  LEU B CD2 1 
ATOM   485  N N   . ASN A 1 66  ? 7.285   2.540   5.891   1.00 25.60 ? 64  ASN B N   1 
ATOM   486  C CA  . ASN A 1 66  ? 8.387   1.946   6.644   1.00 25.99 ? 64  ASN B CA  1 
ATOM   487  C C   . ASN A 1 66  ? 8.101   0.466   6.931   1.00 28.33 ? 64  ASN B C   1 
ATOM   488  O O   . ASN A 1 66  ? 7.049   0.143   7.419   1.00 30.70 ? 64  ASN B O   1 
ATOM   489  C CB  . ASN A 1 66  ? 8.603   2.732   7.927   1.00 28.05 ? 64  ASN B CB  1 
ATOM   490  C CG  . ASN A 1 66  ? 9.802   2.256   8.726   1.00 29.36 ? 64  ASN B CG  1 
ATOM   491  O OD1 . ASN A 1 66  ? 9.718   1.272   9.458   1.00 28.35 ? 64  ASN B OD1 1 
ATOM   492  N ND2 . ASN A 1 66  ? 10.936  2.976   8.594   1.00 29.47 ? 64  ASN B ND2 1 
ATOM   493  N N   . PHE A 1 67  ? 9.025   -0.432  6.567   1.00 30.51 ? 65  PHE B N   1 
ATOM   494  C CA  . PHE A 1 67  ? 8.888   -1.880  6.770   1.00 22.79 ? 65  PHE B CA  1 
ATOM   495  C C   . PHE A 1 67  ? 10.209  -2.571  7.131   1.00 23.62 ? 65  PHE B C   1 
ATOM   496  O O   . PHE A 1 67  ? 11.320  -2.083  6.779   1.00 23.60 ? 65  PHE B O   1 
ATOM   497  C CB  . PHE A 1 67  ? 8.364   -2.507  5.518   1.00 24.06 ? 65  PHE B CB  1 
ATOM   498  C CG  . PHE A 1 67  ? 9.338   -2.471  4.378   1.00 24.82 ? 65  PHE B CG  1 
ATOM   499  C CD1 . PHE A 1 67  ? 10.147  -3.567  4.114   1.00 23.43 ? 65  PHE B CD1 1 
ATOM   500  C CD2 . PHE A 1 67  ? 9.430   -1.337  3.559   1.00 22.23 ? 65  PHE B CD2 1 
ATOM   501  C CE1 . PHE A 1 67  ? 11.073  -3.526  3.045   1.00 24.49 ? 65  PHE B CE1 1 
ATOM   502  C CE2 . PHE A 1 67  ? 10.306  -1.277  2.503   1.00 22.54 ? 65  PHE B CE2 1 
ATOM   503  C CZ  . PHE A 1 67  ? 11.136  -2.378  2.224   1.00 24.79 ? 65  PHE B CZ  1 
ATOM   504  N N   . SER A 1 68  ? 10.079  -3.672  7.865   1.00 18.42 ? 66  SER B N   1 
ATOM   505  C CA  . SER A 1 68  ? 11.168  -4.544  8.219   1.00 19.32 ? 66  SER B CA  1 
ATOM   506  C C   . SER A 1 68  ? 10.959  -5.847  7.514   1.00 20.69 ? 66  SER B C   1 
ATOM   507  O O   . SER A 1 68  ? 9.788   -6.271  7.352   1.00 18.62 ? 66  SER B O   1 
ATOM   508  C CB  . SER A 1 68  ? 11.141  -4.875  9.706   1.00 21.55 ? 66  SER B CB  1 
ATOM   509  O OG  . SER A 1 68  ? 10.909  -3.726  10.438  1.00 27.12 ? 66  SER B OG  1 
ATOM   510  N N   . SER A 1 69  ? 12.080  -6.503  7.175   1.00 19.44 ? 67  SER B N   1 
ATOM   511  C CA  . SER A 1 69  ? 12.071  -7.794  6.557   1.00 20.42 ? 67  SER B CA  1 
ATOM   512  C C   . SER A 1 69  ? 13.197  -8.641  7.042   1.00 23.42 ? 67  SER B C   1 
ATOM   513  O O   . SER A 1 69  ? 14.338  -8.299  6.763   1.00 26.03 ? 67  SER B O   1 
ATOM   514  C CB  . SER A 1 69  ? 12.286  -7.615  5.065   1.00 21.82 ? 67  SER B CB  1 
ATOM   515  O OG  . SER A 1 69  ? 11.978  -8.834  4.412   1.00 18.41 ? 67  SER B OG  1 
ATOM   516  N N   . THR A 1 70  ? 12.905  -9.766  7.704   1.00 23.98 ? 68  THR B N   1 
ATOM   517  C CA  . THR A 1 70  ? 13.991  -10.706 8.063   1.00 23.74 ? 68  THR B CA  1 
ATOM   518  C C   . THR A 1 70  ? 14.595  -11.406 6.826   1.00 22.60 ? 68  THR B C   1 
ATOM   519  O O   . THR A 1 70  ? 15.759  -11.794 6.830   1.00 21.41 ? 68  THR B O   1 
ATOM   520  C CB  . THR A 1 70  ? 13.572  -11.832 9.069   1.00 22.66 ? 68  THR B CB  1 
ATOM   521  O OG1 . THR A 1 70  ? 12.682  -12.755 8.422   1.00 27.88 ? 68  THR B OG1 1 
ATOM   522  C CG2 . THR A 1 70  ? 12.918  -11.277 10.355  1.00 19.58 ? 68  THR B CG2 1 
ATOM   523  N N   . GLU A 1 71  ? 13.805  -11.612 5.781   1.00 20.70 ? 69  GLU B N   1 
ATOM   524  C CA  . GLU A 1 71  ? 14.367  -12.261 4.583   1.00 20.66 ? 69  GLU B CA  1 
ATOM   525  C C   . GLU A 1 71  ? 14.837  -11.272 3.570   1.00 23.10 ? 69  GLU B C   1 
ATOM   526  O O   . GLU A 1 71  ? 14.323  -10.148 3.423   1.00 31.76 ? 69  GLU B O   1 
ATOM   527  C CB  . GLU A 1 71  ? 13.343  -13.169 3.884   1.00 21.34 ? 69  GLU B CB  1 
ATOM   528  C CG  . GLU A 1 71  ? 12.677  -14.145 4.805   1.00 18.67 ? 69  GLU B CG  1 
ATOM   529  C CD  . GLU A 1 71  ? 13.694  -14.968 5.564   1.00 24.48 ? 69  GLU B CD  1 
ATOM   530  O OE1 . GLU A 1 71  ? 14.417  -15.778 4.939   1.00 24.02 ? 69  GLU B OE1 1 
ATOM   531  O OE2 . GLU A 1 71  ? 13.786  -14.806 6.793   1.00 26.52 ? 69  GLU B OE2 1 
ATOM   532  N N   . GLN A 1 72  ? 15.803  -11.731 2.822   1.00 24.26 ? 70  GLN B N   1 
ATOM   533  C CA  . GLN A 1 72  ? 16.310  -11.030 1.697   1.00 20.31 ? 70  GLN B CA  1 
ATOM   534  C C   . GLN A 1 72  ? 15.315  -11.019 0.569   1.00 19.10 ? 70  GLN B C   1 
ATOM   535  O O   . GLN A 1 72  ? 14.609  -11.977 0.358   1.00 18.57 ? 70  GLN B O   1 
ATOM   536  C CB  . GLN A 1 72  ? 17.539  -11.779 1.220   1.00 19.91 ? 70  GLN B CB  1 
ATOM   537  C CG  . GLN A 1 72  ? 18.224  -11.082 -0.009  1.00 19.45 ? 70  GLN B CG  1 
ATOM   538  C CD  . GLN A 1 72  ? 19.653  -11.584 -0.106  1.00 19.77 ? 70  GLN B CD  1 
ATOM   539  O OE1 . GLN A 1 72  ? 20.396  -11.492 0.869   1.00 21.05 ? 70  GLN B OE1 1 
ATOM   540  N NE2 . GLN A 1 72  ? 20.011  -12.163 -1.223  1.00 16.92 ? 70  GLN B NE2 1 
ATOM   541  N N   . MET A 1 73  ? 15.342  -9.974  -0.237  1.00 20.49 ? 71  MET B N   1 
ATOM   542  C CA  . MET A 1 73  ? 14.517  -9.960  -1.387  1.00 20.63 ? 71  MET B CA  1 
ATOM   543  C C   . MET A 1 73  ? 15.276  -9.350  -2.555  1.00 25.07 ? 71  MET B C   1 
ATOM   544  O O   . MET A 1 73  ? 15.877  -8.248  -2.449  1.00 34.37 ? 71  MET B O   1 
ATOM   545  C CB  . MET A 1 73  ? 13.224  -9.182  -1.053  1.00 21.68 ? 71  MET B CB  1 
ATOM   546  C CG  . MET A 1 73  ? 12.081  -10.023 -0.396  1.00 21.65 ? 71  MET B CG  1 
ATOM   547  S SD  . MET A 1 73  ? 10.518  -9.092  -0.279  1.00 27.99 ? 71  MET B SD  1 
ATOM   548  C CE  . MET A 1 73  ? 10.686  -8.376  1.353   1.00 20.00 ? 71  MET B CE  1 
ATOM   549  N N   . GLU A 1 74  ? 15.256  -10.060 -3.665  1.00 27.77 ? 72  GLU B N   1 
ATOM   550  C CA  . GLU A 1 74  ? 15.839  -9.567  -4.927  1.00 35.11 ? 72  GLU B CA  1 
ATOM   551  C C   . GLU A 1 74  ? 15.099  -8.320  -5.440  1.00 34.40 ? 72  GLU B C   1 
ATOM   552  O O   . GLU A 1 74  ? 15.718  -7.292  -5.585  1.00 36.58 ? 72  GLU B O   1 
ATOM   553  C CB  . GLU A 1 74  ? 15.895  -10.678 -5.998  1.00 38.55 ? 72  GLU B CB  1 
ATOM   554  C CG  . GLU A 1 74  ? 16.057  -12.145 -5.420  1.00 64.39 ? 72  GLU B CG  1 
ATOM   555  C CD  . GLU A 1 74  ? 17.395  -12.371 -4.647  1.00 67.63 ? 72  GLU B CD  1 
ATOM   556  O OE1 . GLU A 1 74  ? 18.452  -12.067 -5.237  1.00 73.77 ? 72  GLU B OE1 1 
ATOM   557  O OE2 . GLU A 1 74  ? 17.398  -12.838 -3.466  1.00 63.97 ? 72  GLU B OE2 1 
ATOM   558  N N   . LYS A 1 75  ? 13.782  -8.407  -5.677  1.00 35.20 ? 73  LYS B N   1 
ATOM   559  C CA  . LYS A 1 75  ? 13.034  -7.332  -6.348  1.00 34.17 ? 73  LYS B CA  1 
ATOM   560  C C   . LYS A 1 75  ? 11.645  -7.163  -5.725  1.00 32.76 ? 73  LYS B C   1 
ATOM   561  O O   . LYS A 1 75  ? 10.619  -7.580  -6.276  1.00 27.99 ? 73  LYS B O   1 
ATOM   562  C CB  . LYS A 1 75  ? 12.959  -7.572  -7.867  1.00 36.15 ? 73  LYS B CB  1 
ATOM   563  C CG  . LYS A 1 75  ? 12.320  -6.437  -8.685  1.00 43.57 ? 73  LYS B CG  1 
ATOM   564  C CD  . LYS A 1 75  ? 12.786  -6.470  -10.139 1.00 51.36 ? 73  LYS B CD  1 
ATOM   565  C CE  . LYS A 1 75  ? 14.229  -5.968  -10.250 1.00 55.29 ? 73  LYS B CE  1 
ATOM   566  N NZ  . LYS A 1 75  ? 14.684  -5.880  -11.662 1.00 64.87 ? 73  LYS B NZ  1 
ATOM   567  N N   . PHE A 1 76  ? 11.659  -6.571  -4.535  1.00 31.10 ? 74  PHE B N   1 
ATOM   568  C CA  . PHE A 1 76  ? 10.459  -6.249  -3.767  1.00 27.74 ? 74  PHE B CA  1 
ATOM   569  C C   . PHE A 1 76  ? 9.686   -5.147  -4.486  1.00 25.02 ? 74  PHE B C   1 
ATOM   570  O O   . PHE A 1 76  ? 10.236  -4.082  -4.791  1.00 30.65 ? 74  PHE B O   1 
ATOM   571  C CB  . PHE A 1 76  ? 10.891  -5.781  -2.369  1.00 25.30 ? 74  PHE B CB  1 
ATOM   572  C CG  . PHE A 1 76  ? 9.764   -5.409  -1.470  1.00 23.43 ? 74  PHE B CG  1 
ATOM   573  C CD1 . PHE A 1 76  ? 8.564   -6.143  -1.477  1.00 23.12 ? 74  PHE B CD1 1 
ATOM   574  C CD2 . PHE A 1 76  ? 9.919   -4.344  -0.553  1.00 23.98 ? 74  PHE B CD2 1 
ATOM   575  C CE1 . PHE A 1 76  ? 7.505   -5.802  -0.586  1.00 22.69 ? 74  PHE B CE1 1 
ATOM   576  C CE2 . PHE A 1 76  ? 8.895   -3.979  0.351   1.00 25.27 ? 74  PHE B CE2 1 
ATOM   577  C CZ  . PHE A 1 76  ? 7.658   -4.729  0.343   1.00 20.91 ? 74  PHE B CZ  1 
ATOM   578  N N   . ARG A 1 77  ? 8.413   -5.407  -4.757  1.00 29.68 ? 75  ARG B N   1 
ATOM   579  C CA  . ARG A 1 77  ? 7.559   -4.501  -5.553  1.00 28.55 ? 75  ARG B CA  1 
ATOM   580  C C   . ARG A 1 77  ? 6.092   -4.712  -5.145  1.00 28.83 ? 75  ARG B C   1 
ATOM   581  O O   . ARG A 1 77  ? 5.782   -5.701  -4.418  1.00 23.98 ? 75  ARG B O   1 
ATOM   582  C CB  . ARG A 1 77  ? 7.771   -4.764  -7.064  1.00 23.14 ? 75  ARG B CB  1 
ATOM   583  C CG  . ARG A 1 77  ? 7.420   -6.159  -7.513  1.00 27.29 ? 75  ARG B CG  1 
ATOM   584  C CD  . ARG A 1 77  ? 7.693   -6.330  -9.035  1.00 28.65 ? 75  ARG B CD  1 
ATOM   585  N NE  . ARG A 1 77  ? 7.039   -7.540  -9.525  1.00 26.40 ? 75  ARG B NE  1 
ATOM   586  C CZ  . ARG A 1 77  ? 5.757   -7.619  -9.939  1.00 30.24 ? 75  ARG B CZ  1 
ATOM   587  N NH1 . ARG A 1 77  ? 4.963   -6.551  -9.955  1.00 25.37 ? 75  ARG B NH1 1 
ATOM   588  N NH2 . ARG A 1 77  ? 5.250   -8.788  -10.352 1.00 26.19 ? 75  ARG B NH2 1 
ATOM   589  N N   . LEU A 1 78  ? 5.227   -3.818  -5.651  1.00 27.00 ? 76  LEU B N   1 
ATOM   590  C CA  . LEU A 1 78  ? 3.780   -3.760  -5.394  1.00 32.06 ? 76  LEU B CA  1 
ATOM   591  C C   . LEU A 1 78  ? 2.957   -3.624  -6.661  1.00 31.15 ? 76  LEU B C   1 
ATOM   592  O O   . LEU A 1 78  ? 3.333   -2.852  -7.535  1.00 34.75 ? 76  LEU B O   1 
ATOM   593  C CB  . LEU A 1 78  ? 3.447   -2.493  -4.597  1.00 36.46 ? 76  LEU B CB  1 
ATOM   594  C CG  . LEU A 1 78  ? 3.856   -2.500  -3.139  1.00 36.52 ? 76  LEU B CG  1 
ATOM   595  C CD1 . LEU A 1 78  ? 3.492   -1.194  -2.381  1.00 29.86 ? 76  LEU B CD1 1 
ATOM   596  C CD2 . LEU A 1 78  ? 3.169   -3.704  -2.572  1.00 43.97 ? 76  LEU B CD2 1 
ATOM   597  N N   . GLU A 1 79  ? 1.826   -4.335  -6.722  1.00 31.29 ? 77  GLU B N   1 
ATOM   598  C CA  . GLU A 1 79  ? 0.737   -4.111  -7.714  1.00 33.49 ? 77  GLU B CA  1 
ATOM   599  C C   . GLU A 1 79  ? -0.480  -3.685  -6.918  1.00 35.28 ? 77  GLU B C   1 
ATOM   600  O O   . GLU A 1 79  ? -0.880  -4.360  -5.987  1.00 35.48 ? 77  GLU B O   1 
ATOM   601  C CB  . GLU A 1 79  ? 0.382   -5.375  -8.503  1.00 32.69 ? 77  GLU B CB  1 
ATOM   602  C CG  . GLU A 1 79  ? 1.308   -5.599  -9.664  1.00 43.54 ? 77  GLU B CG  1 
ATOM   603  C CD  . GLU A 1 79  ? 1.180   -6.969  -10.366 1.00 46.25 ? 77  GLU B CD  1 
ATOM   604  O OE1 . GLU A 1 79  ? 0.053   -7.522  -10.501 1.00 46.06 ? 77  GLU B OE1 1 
ATOM   605  O OE2 . GLU A 1 79  ? 2.247   -7.474  -10.806 1.00 42.52 ? 77  GLU B OE2 1 
ATOM   606  N N   . GLN A 1 80  ? -1.057  -2.540  -7.253  1.00 37.35 ? 78  GLN B N   1 
ATOM   607  C CA  . GLN A 1 80  ? -2.233  -2.063  -6.517  1.00 33.08 ? 78  GLN B CA  1 
ATOM   608  C C   . GLN A 1 80  ? -3.396  -1.758  -7.421  1.00 33.79 ? 78  GLN B C   1 
ATOM   609  O O   . GLN A 1 80  ? -3.217  -1.093  -8.455  1.00 35.04 ? 78  GLN B O   1 
ATOM   610  C CB  . GLN A 1 80  ? -1.858  -0.859  -5.681  1.00 31.19 ? 78  GLN B CB  1 
ATOM   611  C CG  . GLN A 1 80  ? -0.827  -1.285  -4.717  1.00 32.38 ? 78  GLN B CG  1 
ATOM   612  C CD  . GLN A 1 80  ? -0.354  -0.197  -3.902  1.00 34.34 ? 78  GLN B CD  1 
ATOM   613  O OE1 . GLN A 1 80  ? 0.214   0.767   -4.415  1.00 40.35 ? 78  GLN B OE1 1 
ATOM   614  N NE2 . GLN A 1 80  ? -0.540  -0.326  -2.599  1.00 33.35 ? 78  GLN B NE2 1 
ATOM   615  N N   . LYS A 1 81  ? -4.575  -2.257  -7.035  1.00 27.55 ? 79  LYS B N   1 
ATOM   616  C CA  . LYS A 1 81  ? -5.783  -2.116  -7.817  1.00 26.19 ? 79  LYS B CA  1 
ATOM   617  C C   . LYS A 1 81  ? -6.830  -1.354  -7.026  1.00 28.36 ? 79  LYS B C   1 
ATOM   618  O O   . LYS A 1 81  ? -7.055  -1.646  -5.835  1.00 25.78 ? 79  LYS B O   1 
ATOM   619  C CB  . LYS A 1 81  ? -6.309  -3.469  -8.284  1.00 23.50 ? 79  LYS B CB  1 
ATOM   620  C CG  . LYS A 1 81  ? -5.484  -4.038  -9.404  1.00 25.03 ? 79  LYS B CG  1 
ATOM   621  C CD  . LYS A 1 81  ? -6.240  -5.098  -10.176 1.00 28.62 ? 79  LYS B CD  1 
ATOM   622  C CE  . LYS A 1 81  ? -5.284  -6.218  -10.516 1.00 34.39 ? 79  LYS B CE  1 
ATOM   623  N NZ  . LYS A 1 81  ? -5.872  -7.350  -11.298 1.00 37.55 ? 79  LYS B NZ  1 
ATOM   624  N N   . VAL A 1 82  ? -7.443  -0.363  -7.690  1.00 26.14 ? 80  VAL B N   1 
ATOM   625  C CA  . VAL A 1 82  ? -8.520  0.423   -7.103  1.00 25.19 ? 80  VAL B CA  1 
ATOM   626  C C   . VAL A 1 82  ? -9.840  -0.141  -7.585  1.00 25.38 ? 80  VAL B C   1 
ATOM   627  O O   . VAL A 1 82  ? -10.118 -0.185  -8.795  1.00 24.26 ? 80  VAL B O   1 
ATOM   628  C CB  . VAL A 1 82  ? -8.365  1.894   -7.488  1.00 26.80 ? 80  VAL B CB  1 
ATOM   629  C CG1 . VAL A 1 82  ? -9.502  2.677   -7.009  1.00 24.51 ? 80  VAL B CG1 1 
ATOM   630  C CG2 . VAL A 1 82  ? -7.081  2.463   -6.872  1.00 27.75 ? 80  VAL B CG2 1 
ATOM   631  N N   . TYR A 1 83  ? -10.652 -0.627  -6.662  1.00 25.54 ? 81  TYR B N   1 
ATOM   632  C CA  . TYR A 1 83  ? -11.928 -1.258  -7.068  1.00 26.57 ? 81  TYR B CA  1 
ATOM   633  C C   . TYR A 1 83  ? -13.058 -0.444  -6.560  1.00 28.68 ? 81  TYR B C   1 
ATOM   634  O O   . TYR A 1 83  ? -13.146 -0.203  -5.369  1.00 34.24 ? 81  TYR B O   1 
ATOM   635  C CB  . TYR A 1 83  ? -12.085 -2.657  -6.481  1.00 29.17 ? 81  TYR B CB  1 
ATOM   636  C CG  . TYR A 1 83  ? -11.291 -3.757  -7.171  1.00 32.63 ? 81  TYR B CG  1 
ATOM   637  C CD1 . TYR A 1 83  ? -10.086 -4.232  -6.626  1.00 26.24 ? 81  TYR B CD1 1 
ATOM   638  C CD2 . TYR A 1 83  ? -11.770 -4.351  -8.354  1.00 32.46 ? 81  TYR B CD2 1 
ATOM   639  C CE1 . TYR A 1 83  ? -9.382  -5.252  -7.228  1.00 27.09 ? 81  TYR B CE1 1 
ATOM   640  C CE2 . TYR A 1 83  ? -11.078 -5.373  -8.960  1.00 31.32 ? 81  TYR B CE2 1 
ATOM   641  C CZ  . TYR A 1 83  ? -9.876  -5.823  -8.391  1.00 32.53 ? 81  TYR B CZ  1 
ATOM   642  O OH  . TYR A 1 83  ? -9.189  -6.843  -9.003  1.00 31.08 ? 81  TYR B OH  1 
ATOM   643  N N   . PHE A 1 84  ? -13.934 -0.012  -7.452  1.00 28.25 ? 82  PHE B N   1 
ATOM   644  C CA  . PHE A 1 84  ? -15.180 0.643   -7.049  1.00 24.93 ? 82  PHE B CA  1 
ATOM   645  C C   . PHE A 1 84  ? -16.375 -0.265  -7.308  1.00 25.42 ? 82  PHE B C   1 
ATOM   646  O O   . PHE A 1 84  ? -16.693 -0.515  -8.469  1.00 25.76 ? 82  PHE B O   1 
ATOM   647  C CB  . PHE A 1 84  ? -15.401 1.908   -7.872  1.00 24.93 ? 82  PHE B CB  1 
ATOM   648  C CG  . PHE A 1 84  ? -16.747 2.535   -7.659  1.00 23.58 ? 82  PHE B CG  1 
ATOM   649  C CD1 . PHE A 1 84  ? -17.014 3.279   -6.489  1.00 22.90 ? 82  PHE B CD1 1 
ATOM   650  C CD2 . PHE A 1 84  ? -17.752 2.389   -8.617  1.00 26.83 ? 82  PHE B CD2 1 
ATOM   651  C CE1 . PHE A 1 84  ? -18.264 3.855   -6.263  1.00 22.85 ? 82  PHE B CE1 1 
ATOM   652  C CE2 . PHE A 1 84  ? -19.019 2.985   -8.421  1.00 26.28 ? 82  PHE B CE2 1 
ATOM   653  C CZ  . PHE A 1 84  ? -19.269 3.704   -7.203  1.00 25.15 ? 82  PHE B CZ  1 
ATOM   654  N N   . LYS A 1 85  ? -17.051 -0.685  -6.231  1.00 28.01 ? 83  LYS B N   1 
ATOM   655  C CA  . LYS A 1 85  ? -18.131 -1.667  -6.288  1.00 29.82 ? 83  LYS B CA  1 
ATOM   656  C C   . LYS A 1 85  ? -17.746 -2.902  -7.136  1.00 32.06 ? 83  LYS B C   1 
ATOM   657  O O   . LYS A 1 85  ? -18.498 -3.312  -8.010  1.00 25.15 ? 83  LYS B O   1 
ATOM   658  C CB  . LYS A 1 85  ? -19.414 -1.012  -6.829  1.00 31.13 ? 83  LYS B CB  1 
ATOM   659  C CG  . LYS A 1 85  ? -20.019 0.077   -5.939  1.00 27.22 ? 83  LYS B CG  1 
ATOM   660  C CD  . LYS A 1 85  ? -21.280 0.575   -6.554  1.00 24.60 ? 83  LYS B CD  1 
ATOM   661  C CE  . LYS A 1 85  ? -22.060 1.465   -5.599  1.00 27.62 ? 83  LYS B CE  1 
ATOM   662  N NZ  . LYS A 1 85  ? -23.441 1.798   -6.110  1.00 26.97 ? 83  LYS B NZ  1 
ATOM   663  N N   . GLY A 1 86  ? -16.559 -3.475  -6.904  1.00 32.84 ? 84  GLY B N   1 
ATOM   664  C CA  . GLY A 1 86  ? -16.200 -4.707  -7.592  1.00 34.38 ? 84  GLY B CA  1 
ATOM   665  C C   . GLY A 1 86  ? -15.516 -4.557  -8.949  1.00 37.22 ? 84  GLY B C   1 
ATOM   666  O O   . GLY A 1 86  ? -14.949 -5.532  -9.428  1.00 35.09 ? 84  GLY B O   1 
ATOM   667  N N   . GLN A 1 87  ? -15.560 -3.364  -9.567  1.00 33.38 ? 85  GLN B N   1 
ATOM   668  C CA  . GLN A 1 87  ? -14.870 -3.100  -10.859 1.00 34.07 ? 85  GLN B CA  1 
ATOM   669  C C   . GLN A 1 87  ? -13.517 -2.420  -10.643 1.00 33.21 ? 85  GLN B C   1 
ATOM   670  O O   . GLN A 1 87  ? -13.420 -1.413  -9.924  1.00 38.46 ? 85  GLN B O   1 
ATOM   671  C CB  . GLN A 1 87  ? -15.674 -2.238  -11.881 1.00 35.59 ? 85  GLN B CB  1 
ATOM   672  C CG  . GLN A 1 87  ? -17.275 -2.229  -11.837 1.00 74.66 ? 85  GLN B CG  1 
ATOM   673  C CD  . GLN A 1 87  ? -18.017 -3.614  -12.086 1.00 70.67 ? 85  GLN B CD  1 
ATOM   674  O OE1 . GLN A 1 87  ? -17.391 -4.656  -12.359 1.00 68.68 ? 85  GLN B OE1 1 
ATOM   675  N NE2 . GLN A 1 87  ? -19.361 -3.591  -11.972 1.00 46.88 ? 85  GLN B NE2 1 
ATOM   676  N N   . CYS A 1 88  ? -12.482 -2.946  -11.279 1.00 28.61 ? 86  CYS B N   1 
ATOM   677  C CA  . CYS A 1 88  ? -11.182 -2.298  -11.278 1.00 29.33 ? 86  CYS B CA  1 
ATOM   678  C C   . CYS A 1 88  ? -11.107 -0.952  -12.078 1.00 28.42 ? 86  CYS B C   1 
ATOM   679  O O   . CYS A 1 88  ? -11.326 -0.942  -13.269 1.00 28.53 ? 86  CYS B O   1 
ATOM   680  C CB  . CYS A 1 88  ? -10.134 -3.288  -11.800 1.00 26.47 ? 86  CYS B CB  1 
ATOM   681  S SG  . CYS A 1 88  ? -8.502  -2.500  -11.805 1.00 37.66 ? 86  CYS B SG  1 
ATOM   682  N N   . LEU A 1 89  ? -10.735 0.162   -11.435 1.00 31.81 ? 87  LEU B N   1 
ATOM   683  C CA  . LEU A 1 89  ? -10.654 1.485   -12.082 1.00 30.40 ? 87  LEU B CA  1 
ATOM   684  C C   . LEU A 1 89  ? -9.242  1.949   -12.472 1.00 35.24 ? 87  LEU B C   1 
ATOM   685  O O   . LEU A 1 89  ? -9.105  2.750   -13.369 1.00 42.32 ? 87  LEU B O   1 
ATOM   686  C CB  . LEU A 1 89  ? -11.189 2.550   -11.127 1.00 30.74 ? 87  LEU B CB  1 
ATOM   687  C CG  . LEU A 1 89  ? -12.593 3.151   -11.116 1.00 39.77 ? 87  LEU B CG  1 
ATOM   688  C CD1 . LEU A 1 89  ? -13.707 2.241   -11.616 1.00 37.62 ? 87  LEU B CD1 1 
ATOM   689  C CD2 . LEU A 1 89  ? -12.899 3.676   -9.709  1.00 36.59 ? 87  LEU B CD2 1 
ATOM   690  N N   . GLU A 1 90  ? -8.211  1.512   -11.750 1.00 33.67 ? 88  GLU B N   1 
ATOM   691  C CA  . GLU A 1 90  ? -6.819  1.979   -11.924 1.00 32.18 ? 88  GLU B CA  1 
ATOM   692  C C   . GLU A 1 90  ? -5.927  0.813   -11.450 1.00 39.30 ? 88  GLU B C   1 
ATOM   693  O O   . GLU A 1 90  ? -6.347  0.000   -10.615 1.00 40.13 ? 88  GLU B O   1 
ATOM   694  C CB  . GLU A 1 90  ? -6.494  3.197   -11.038 1.00 30.90 ? 88  GLU B CB  1 
ATOM   695  C CG  . GLU A 1 90  ? -7.555  4.338   -10.924 1.00 40.02 ? 88  GLU B CG  1 
ATOM   696  C CD  . GLU A 1 90  ? -7.097  5.611   -10.098 1.00 45.86 ? 88  GLU B CD  1 
ATOM   697  O OE1 . GLU A 1 90  ? -7.683  6.710   -10.289 1.00 46.55 ? 88  GLU B OE1 1 
ATOM   698  O OE2 . GLU A 1 90  ? -6.181  5.537   -9.245  1.00 45.11 ? 88  GLU B OE2 1 
ATOM   699  N N   . GLU A 1 91  ? -4.725  0.705   -12.017 1.00 43.00 ? 89  GLU B N   1 
ATOM   700  C CA  . GLU A 1 91  ? -3.682  -0.180  -11.499 1.00 39.30 ? 89  GLU B CA  1 
ATOM   701  C C   . GLU A 1 91  ? -2.422  0.635   -11.365 1.00 38.83 ? 89  GLU B C   1 
ATOM   702  O O   . GLU A 1 91  ? -2.115  1.431   -12.246 1.00 41.47 ? 89  GLU B O   1 
ATOM   703  C CB  . GLU A 1 91  ? -3.428  -1.366  -12.420 1.00 42.44 ? 89  GLU B CB  1 
ATOM   704  C CG  . GLU A 1 91  ? -2.610  -2.488  -11.765 1.00 53.93 ? 89  GLU B CG  1 
ATOM   705  C CD  . GLU A 1 91  ? -2.753  -3.831  -12.482 1.00 52.91 ? 89  GLU B CD  1 
ATOM   706  O OE1 . GLU A 1 91  ? -3.184  -3.813  -13.643 1.00 51.55 ? 89  GLU B OE1 1 
ATOM   707  O OE2 . GLU A 1 91  ? -2.453  -4.896  -11.894 1.00 55.99 ? 89  GLU B OE2 1 
ATOM   708  N N   . TRP A 1 92  ? -1.705  0.434   -10.258 1.00 32.56 ? 90  TRP B N   1 
ATOM   709  C CA  . TRP A 1 92  ? -0.449  1.139   -9.981  1.00 30.04 ? 90  TRP B CA  1 
ATOM   710  C C   . TRP A 1 92  ? 0.647   0.100   -9.692  1.00 32.98 ? 90  TRP B C   1 
ATOM   711  O O   . TRP A 1 92  ? 0.388   -0.923  -9.023  1.00 34.54 ? 90  TRP B O   1 
ATOM   712  C CB  . TRP A 1 92  ? -0.588  2.080   -8.772  1.00 29.65 ? 90  TRP B CB  1 
ATOM   713  C CG  . TRP A 1 92  ? -1.692  3.091   -8.854  1.00 31.22 ? 90  TRP B CG  1 
ATOM   714  C CD1 . TRP A 1 92  ? -3.030  2.918   -8.488  1.00 27.64 ? 90  TRP B CD1 1 
ATOM   715  C CD2 . TRP A 1 92  ? -1.581  4.444   -9.340  1.00 29.26 ? 90  TRP B CD2 1 
ATOM   716  N NE1 . TRP A 1 92  ? -3.739  4.094   -8.724  1.00 26.15 ? 90  TRP B NE1 1 
ATOM   717  C CE2 . TRP A 1 92  ? -2.879  5.038   -9.245  1.00 28.56 ? 90  TRP B CE2 1 
ATOM   718  C CE3 . TRP A 1 92  ? -0.515  5.211   -9.846  1.00 33.27 ? 90  TRP B CE3 1 
ATOM   719  C CZ2 . TRP A 1 92  ? -3.121  6.356   -9.632  1.00 31.82 ? 90  TRP B CZ2 1 
ATOM   720  C CZ3 . TRP A 1 92  ? -0.755  6.530   -10.256 1.00 33.74 ? 90  TRP B CZ3 1 
ATOM   721  C CH2 . TRP A 1 92  ? -2.048  7.089   -10.142 1.00 35.84 ? 90  TRP B CH2 1 
ATOM   722  N N   . PHE A 1 93  ? 1.846   0.350   -10.216 1.00 27.93 ? 91  PHE B N   1 
ATOM   723  C CA  . PHE A 1 93  ? 3.014   -0.488  -9.976  1.00 27.84 ? 91  PHE B CA  1 
ATOM   724  C C   . PHE A 1 93  ? 4.108   0.378   -9.369  1.00 26.51 ? 91  PHE B C   1 
ATOM   725  O O   . PHE A 1 93  ? 4.315   1.509   -9.801  1.00 29.50 ? 91  PHE B O   1 
ATOM   726  C CB  . PHE A 1 93  ? 3.509   -1.060  -11.278 1.00 26.57 ? 91  PHE B CB  1 
ATOM   727  C CG  . PHE A 1 93  ? 2.474   -1.797  -12.026 1.00 32.64 ? 91  PHE B CG  1 
ATOM   728  C CD1 . PHE A 1 93  ? 2.403   -3.187  -11.947 1.00 30.39 ? 91  PHE B CD1 1 
ATOM   729  C CD2 . PHE A 1 93  ? 1.563   -1.112  -12.832 1.00 37.39 ? 91  PHE B CD2 1 
ATOM   730  C CE1 . PHE A 1 93  ? 1.476   -3.891  -12.655 1.00 29.06 ? 91  PHE B CE1 1 
ATOM   731  C CE2 . PHE A 1 93  ? 0.606   -1.809  -13.550 1.00 35.03 ? 91  PHE B CE2 1 
ATOM   732  C CZ  . PHE A 1 93  ? 0.564   -3.216  -13.452 1.00 34.34 ? 91  PHE B CZ  1 
ATOM   733  N N   . PHE A 1 94  ? 4.750   -0.128  -8.325  1.00 23.82 ? 92  PHE B N   1 
ATOM   734  C CA  . PHE A 1 94  ? 5.879   0.532   -7.681  1.00 30.25 ? 92  PHE B CA  1 
ATOM   735  C C   . PHE A 1 94  ? 6.897   -0.545  -7.343  1.00 29.78 ? 92  PHE B C   1 
ATOM   736  O O   . PHE A 1 94  ? 6.535   -1.696  -7.150  1.00 27.44 ? 92  PHE B O   1 
ATOM   737  C CB  . PHE A 1 94  ? 5.463   1.209   -6.363  1.00 29.79 ? 92  PHE B CB  1 
ATOM   738  C CG  . PHE A 1 94  ? 4.353   2.230   -6.510  1.00 32.12 ? 92  PHE B CG  1 
ATOM   739  C CD1 . PHE A 1 94  ? 4.623   3.505   -7.003  1.00 31.29 ? 92  PHE B CD1 1 
ATOM   740  C CD2 . PHE A 1 94  ? 3.041   1.915   -6.117  1.00 30.35 ? 92  PHE B CD2 1 
ATOM   741  C CE1 . PHE A 1 94  ? 3.598   4.462   -7.128  1.00 32.83 ? 92  PHE B CE1 1 
ATOM   742  C CE2 . PHE A 1 94  ? 2.002   2.860   -6.245  1.00 30.19 ? 92  PHE B CE2 1 
ATOM   743  C CZ  . PHE A 1 94  ? 2.284   4.129   -6.758  1.00 29.08 ? 92  PHE B CZ  1 
ATOM   744  N N   . GLU A 1 95  ? 8.158   -0.154  -7.266  1.00 29.41 ? 93  GLU B N   1 
ATOM   745  C CA  . GLU A 1 95  ? 9.236   -1.086  -7.035  1.00 32.77 ? 93  GLU B CA  1 
ATOM   746  C C   . GLU A 1 95  ? 10.191  -0.496  -5.997  1.00 32.75 ? 93  GLU B C   1 
ATOM   747  O O   . GLU A 1 95  ? 10.572  0.673   -6.054  1.00 31.47 ? 93  GLU B O   1 
ATOM   748  C CB  . GLU A 1 95  ? 10.002  -1.385  -8.329  1.00 38.12 ? 93  GLU B CB  1 
ATOM   749  C CG  . GLU A 1 95  ? 11.146  -2.356  -8.072  1.00 51.68 ? 93  GLU B CG  1 
ATOM   750  C CD  . GLU A 1 95  ? 12.232  -2.299  -9.108  1.00 56.17 ? 93  GLU B CD  1 
ATOM   751  O OE1 . GLU A 1 95  ? 13.388  -1.922  -8.764  1.00 59.22 ? 93  GLU B OE1 1 
ATOM   752  O OE2 . GLU A 1 95  ? 11.921  -2.653  -10.263 1.00 58.46 ? 93  GLU B OE2 1 
ATOM   753  N N   . PHE A 1 96  ? 10.557  -1.323  -5.033  1.00 27.39 ? 94  PHE B N   1 
ATOM   754  C CA  . PHE A 1 96  ? 11.595  -0.978  -4.124  1.00 28.13 ? 94  PHE B CA  1 
ATOM   755  C C   . PHE A 1 96  ? 12.911  -1.571  -4.642  1.00 30.96 ? 94  PHE B C   1 
ATOM   756  O O   . PHE A 1 96  ? 13.890  -0.855  -4.689  1.00 34.02 ? 94  PHE B O   1 
ATOM   757  C CB  . PHE A 1 96  ? 11.264  -1.468  -2.707  1.00 29.31 ? 94  PHE B CB  1 
ATOM   758  C CG  . PHE A 1 96  ? 12.262  -1.034  -1.686  1.00 30.59 ? 94  PHE B CG  1 
ATOM   759  C CD1 . PHE A 1 96  ? 12.200  0.268   -1.147  1.00 32.58 ? 94  PHE B CD1 1 
ATOM   760  C CD2 . PHE A 1 96  ? 13.276  -1.891  -1.282  1.00 27.32 ? 94  PHE B CD2 1 
ATOM   761  C CE1 . PHE A 1 96  ? 13.100  0.702   -0.197  1.00 28.22 ? 94  PHE B CE1 1 
ATOM   762  C CE2 . PHE A 1 96  ? 14.204  -1.481  -0.341  1.00 29.63 ? 94  PHE B CE2 1 
ATOM   763  C CZ  . PHE A 1 96  ? 14.129  -0.165  0.214   1.00 30.14 ? 94  PHE B CZ  1 
ATOM   764  N N   . GLY A 1 97  ? 12.916  -2.844  -5.079  1.00 29.34 ? 95  GLY B N   1 
ATOM   765  C CA  . GLY A 1 97  ? 14.163  -3.560  -5.442  1.00 27.83 ? 95  GLY B CA  1 
ATOM   766  C C   . GLY A 1 97  ? 14.767  -4.391  -4.298  1.00 28.71 ? 95  GLY B C   1 
ATOM   767  O O   . GLY A 1 97  ? 14.037  -5.005  -3.517  1.00 28.66 ? 95  GLY B O   1 
ATOM   768  N N   . PHE A 1 98  ? 16.102  -4.407  -4.209  1.00 28.94 ? 96  PHE B N   1 
ATOM   769  C CA  . PHE A 1 98  ? 16.836  -5.187  -3.218  1.00 24.76 ? 96  PHE B CA  1 
ATOM   770  C C   . PHE A 1 98  ? 16.531  -4.838  -1.762  1.00 24.98 ? 96  PHE B C   1 
ATOM   771  O O   . PHE A 1 98  ? 16.513  -3.672  -1.390  1.00 26.90 ? 96  PHE B O   1 
ATOM   772  C CB  . PHE A 1 98  ? 18.349  -5.136  -3.452  1.00 28.90 ? 96  PHE B CB  1 
ATOM   773  C CG  . PHE A 1 98  ? 19.116  -6.167  -2.643  1.00 29.43 ? 96  PHE B CG  1 
ATOM   774  C CD1 . PHE A 1 98  ? 19.076  -7.532  -3.010  1.00 28.99 ? 96  PHE B CD1 1 
ATOM   775  C CD2 . PHE A 1 98  ? 19.854  -5.790  -1.516  1.00 28.66 ? 96  PHE B CD2 1 
ATOM   776  C CE1 . PHE A 1 98  ? 19.754  -8.522  -2.227  1.00 28.24 ? 96  PHE B CE1 1 
ATOM   777  C CE2 . PHE A 1 98  ? 20.534  -6.755  -0.765  1.00 30.61 ? 96  PHE B CE2 1 
ATOM   778  C CZ  . PHE A 1 98  ? 20.439  -8.147  -1.120  1.00 22.45 ? 96  PHE B CZ  1 
ATOM   779  N N   . VAL A 1 99  ? 16.295  -5.862  -0.946  1.00 22.18 ? 97  VAL B N   1 
ATOM   780  C CA  . VAL A 1 99  ? 16.110  -5.673  0.492   1.00 20.35 ? 97  VAL B CA  1 
ATOM   781  C C   . VAL A 1 99  ? 17.103  -6.603  1.205   1.00 23.17 ? 97  VAL B C   1 
ATOM   782  O O   . VAL A 1 99  ? 17.033  -7.833  1.036   1.00 24.15 ? 97  VAL B O   1 
ATOM   783  C CB  . VAL A 1 99  ? 14.624  -6.153  0.936   1.00 20.31 ? 97  VAL B CB  1 
ATOM   784  C CG1 . VAL A 1 99  ? 14.433  -6.080  2.453   1.00 14.98 ? 97  VAL B CG1 1 
ATOM   785  C CG2 . VAL A 1 99  ? 13.517  -5.369  0.158   1.00 17.68 ? 97  VAL B CG2 1 
ATOM   786  N N   . ILE A 1 100 ? 17.956  -6.009  2.039   1.00 26.67 ? 98  ILE B N   1 
ATOM   787  C CA  . ILE A 1 100 ? 18.890  -6.649  2.954   1.00 23.26 ? 98  ILE B CA  1 
ATOM   788  C C   . ILE A 1 100 ? 18.149  -7.379  4.060   1.00 26.22 ? 98  ILE B C   1 
ATOM   789  O O   . ILE A 1 100 ? 17.201  -6.836  4.607   1.00 28.76 ? 98  ILE B O   1 
ATOM   790  C CB  . ILE A 1 100 ? 19.782  -5.570  3.563   1.00 26.81 ? 98  ILE B CB  1 
ATOM   791  C CG1 . ILE A 1 100 ? 20.811  -5.081  2.535   1.00 27.80 ? 98  ILE B CG1 1 
ATOM   792  C CG2 . ILE A 1 100 ? 20.478  -6.019  4.909   1.00 29.27 ? 98  ILE B CG2 1 
ATOM   793  C CD1 . ILE A 1 100 ? 21.240  -3.594  2.774   1.00 30.11 ? 98  ILE B CD1 1 
ATOM   794  N N   . PRO A 1 101 ? 18.581  -8.620  4.379   1.00 22.37 ? 99  PRO B N   1 
ATOM   795  C CA  . PRO A 1 101 ? 17.959  -9.444  5.385   1.00 21.67 ? 99  PRO B CA  1 
ATOM   796  C C   . PRO A 1 101 ? 18.126  -8.840  6.759   1.00 25.23 ? 99  PRO B C   1 
ATOM   797  O O   . PRO A 1 101 ? 19.190  -8.312  7.051   1.00 28.93 ? 99  PRO B O   1 
ATOM   798  C CB  . PRO A 1 101 ? 18.737  -10.777 5.306   1.00 21.82 ? 99  PRO B CB  1 
ATOM   799  C CG  . PRO A 1 101 ? 19.931  -10.542 4.434   1.00 20.27 ? 99  PRO B CG  1 
ATOM   800  C CD  . PRO A 1 101 ? 19.491  -9.402  3.522   1.00 23.74 ? 99  PRO B CD  1 
ATOM   801  N N   . ASN A 1 102 ? 17.092  -8.946  7.599   1.00 24.15 ? 100 ASN B N   1 
ATOM   802  C CA  . ASN A 1 102 ? 16.964  -8.177  8.835   1.00 22.39 ? 100 ASN B CA  1 
ATOM   803  C C   . ASN A 1 102 ? 17.087  -6.635  8.748   1.00 27.54 ? 100 ASN B C   1 
ATOM   804  O O   . ASN A 1 102 ? 17.498  -6.006  9.711   1.00 27.42 ? 100 ASN B O   1 
ATOM   805  C CB  . ASN A 1 102 ? 17.878  -8.742  9.891   1.00 25.42 ? 100 ASN B CB  1 
ATOM   806  C CG  . ASN A 1 102 ? 17.719  -10.262 10.053  1.00 29.77 ? 100 ASN B CG  1 
ATOM   807  O OD1 . ASN A 1 102 ? 18.555  -11.035 9.565   1.00 37.74 ? 100 ASN B OD1 1 
ATOM   808  N ND2 . ASN A 1 102 ? 16.631  -10.690 10.693  1.00 23.95 ? 100 ASN B ND2 1 
ATOM   809  N N   . SER A 1 103 ? 16.706  -6.014  7.625   1.00 25.78 ? 101 SER B N   1 
ATOM   810  C CA  . SER A 1 103 ? 16.758  -4.551  7.542   1.00 25.08 ? 101 SER B CA  1 
ATOM   811  C C   . SER A 1 103 ? 15.398  -3.863  7.753   1.00 29.16 ? 101 SER B C   1 
ATOM   812  O O   . SER A 1 103 ? 14.343  -4.481  7.604   1.00 30.79 ? 101 SER B O   1 
ATOM   813  C CB  . SER A 1 103 ? 17.297  -4.165  6.175   1.00 24.99 ? 101 SER B CB  1 
ATOM   814  O OG  . SER A 1 103 ? 16.344  -4.448  5.163   1.00 22.74 ? 101 SER B OG  1 
ATOM   815  N N   . THR A 1 104 ? 15.433  -2.567  8.043   1.00 26.44 ? 102 THR B N   1 
ATOM   816  C CA  . THR A 1 104 ? 14.235  -1.725  8.187   1.00 27.14 ? 102 THR B CA  1 
ATOM   817  C C   . THR A 1 104 ? 14.422  -0.582  7.204   1.00 25.45 ? 102 THR B C   1 
ATOM   818  O O   . THR A 1 104 ? 15.464  -0.011  7.159   1.00 31.15 ? 102 THR B O   1 
ATOM   819  C CB  . THR A 1 104 ? 14.125  -1.156  9.646   1.00 27.35 ? 102 THR B CB  1 
ATOM   820  O OG1 . THR A 1 104 ? 13.936  -2.245  10.533  1.00 31.36 ? 102 THR B OG1 1 
ATOM   821  C CG2 . THR A 1 104 ? 12.961  -0.160  9.827   1.00 24.96 ? 102 THR B CG2 1 
ATOM   822  N N   . ASN A 1 105 ? 13.412  -0.244  6.420   1.00 31.28 ? 103 ASN B N   1 
ATOM   823  C CA  . ASN A 1 105 ? 13.604  0.578   5.243   1.00 27.40 ? 103 ASN B CA  1 
ATOM   824  C C   . ASN A 1 105 ? 12.429  1.553   5.098   1.00 32.43 ? 103 ASN B C   1 
ATOM   825  O O   . ASN A 1 105 ? 11.266  1.162   5.269   1.00 31.97 ? 103 ASN B O   1 
ATOM   826  C CB  . ASN A 1 105 ? 13.646  -0.307  3.977   1.00 35.36 ? 103 ASN B CB  1 
ATOM   827  C CG  . ASN A 1 105 ? 14.625  -1.507  4.084   1.00 35.25 ? 103 ASN B CG  1 
ATOM   828  O OD1 . ASN A 1 105 ? 15.746  -1.421  3.599   1.00 39.80 ? 103 ASN B OD1 1 
ATOM   829  N ND2 . ASN A 1 105 ? 14.184  -2.633  4.696   1.00 34.61 ? 103 ASN B ND2 1 
ATOM   830  N N   . THR A 1 106 ? 12.726  2.815   4.780   1.00 30.44 ? 104 THR B N   1 
ATOM   831  C CA  . THR A 1 106 ? 11.717  3.740   4.276   1.00 27.73 ? 104 THR B CA  1 
ATOM   832  C C   . THR A 1 106 ? 11.653  3.732   2.737   1.00 28.36 ? 104 THR B C   1 
ATOM   833  O O   . THR A 1 106 ? 12.654  3.909   2.070   1.00 35.64 ? 104 THR B O   1 
ATOM   834  C CB  . THR A 1 106 ? 11.972  5.141   4.816   1.00 27.79 ? 104 THR B CB  1 
ATOM   835  O OG1 . THR A 1 106 ? 12.020  5.047   6.234   1.00 35.97 ? 104 THR B OG1 1 
ATOM   836  C CG2 . THR A 1 106 ? 10.844  6.106   4.434   1.00 30.57 ? 104 THR B CG2 1 
ATOM   837  N N   . TRP A 1 107 ? 10.466  3.520   2.194   1.00 24.91 ? 105 TRP B N   1 
ATOM   838  C CA  . TRP A 1 107 ? 10.229  3.499   0.769   1.00 25.45 ? 105 TRP B CA  1 
ATOM   839  C C   . TRP A 1 107 ? 9.256   4.626   0.385   1.00 33.42 ? 105 TRP B C   1 
ATOM   840  O O   . TRP A 1 107 ? 8.064   4.590   0.740   1.00 36.53 ? 105 TRP B O   1 
ATOM   841  C CB  . TRP A 1 107 ? 9.577   2.170   0.436   1.00 21.86 ? 105 TRP B CB  1 
ATOM   842  C CG  . TRP A 1 107 ? 9.191   1.983   -0.954  1.00 21.58 ? 105 TRP B CG  1 
ATOM   843  C CD1 . TRP A 1 107 ? 9.489   2.794   -2.041  1.00 27.01 ? 105 TRP B CD1 1 
ATOM   844  C CD2 . TRP A 1 107 ? 8.498   0.859   -1.467  1.00 20.64 ? 105 TRP B CD2 1 
ATOM   845  N NE1 . TRP A 1 107 ? 8.973   2.211   -3.213  1.00 26.16 ? 105 TRP B NE1 1 
ATOM   846  C CE2 . TRP A 1 107 ? 8.364   1.035   -2.876  1.00 19.88 ? 105 TRP B CE2 1 
ATOM   847  C CE3 . TRP A 1 107 ? 7.942   -0.271  -0.874  1.00 22.71 ? 105 TRP B CE3 1 
ATOM   848  C CZ2 . TRP A 1 107 ? 7.731   0.106   -3.690  1.00 21.37 ? 105 TRP B CZ2 1 
ATOM   849  C CZ3 . TRP A 1 107 ? 7.289   -1.207  -1.707  1.00 29.65 ? 105 TRP B CZ3 1 
ATOM   850  C CH2 . TRP A 1 107 ? 7.186   -0.993  -3.104  1.00 23.11 ? 105 TRP B CH2 1 
ATOM   851  N N   . GLN A 1 108 ? 9.758   5.619   -0.338  1.00 37.26 ? 106 GLN B N   1 
ATOM   852  C CA  . GLN A 1 108 ? 8.942   6.724   -0.744  1.00 35.61 ? 106 GLN B CA  1 
ATOM   853  C C   . GLN A 1 108 ? 8.513   6.508   -2.178  1.00 37.14 ? 106 GLN B C   1 
ATOM   854  O O   . GLN A 1 108 ? 9.343   6.146   -2.990  1.00 33.96 ? 106 GLN B O   1 
ATOM   855  C CB  . GLN A 1 108 ? 9.700   8.024   -0.596  1.00 45.65 ? 106 GLN B CB  1 
ATOM   856  C CG  . GLN A 1 108 ? 8.926   9.244   -1.125  1.00 61.50 ? 106 GLN B CG  1 
ATOM   857  C CD  . GLN A 1 108 ? 9.098   10.469  -0.231  1.00 75.55 ? 106 GLN B CD  1 
ATOM   858  O OE1 . GLN A 1 108 ? 8.996   10.374  0.995   1.00 90.20 ? 106 GLN B OE1 1 
ATOM   859  N NE2 . GLN A 1 108 ? 9.360   11.621  -0.841  1.00 63.73 ? 106 GLN B NE2 1 
ATOM   860  N N   . SER A 1 109 ? 7.209   6.694   -2.448  1.00 31.77 ? 107 SER B N   1 
ATOM   861  C CA  . SER A 1 109 ? 6.607   6.598   -3.783  1.00 33.61 ? 107 SER B CA  1 
ATOM   862  C C   . SER A 1 109 ? 5.669   7.773   -4.063  1.00 31.80 ? 107 SER B C   1 
ATOM   863  O O   . SER A 1 109 ? 4.958   8.277   -3.172  1.00 31.95 ? 107 SER B O   1 
ATOM   864  C CB  . SER A 1 109 ? 5.750   5.327   -3.953  1.00 34.10 ? 107 SER B CB  1 
ATOM   865  O OG  . SER A 1 109 ? 6.453   4.149   -3.705  1.00 39.33 ? 107 SER B OG  1 
ATOM   866  N N   . LEU A 1 110 ? 5.636   8.155   -5.326  1.00 28.52 ? 108 LEU B N   1 
ATOM   867  C CA  . LEU A 1 110 ? 4.804   9.240   -5.791  1.00 33.57 ? 108 LEU B CA  1 
ATOM   868  C C   . LEU A 1 110 ? 3.685   8.580   -6.619  1.00 34.84 ? 108 LEU B C   1 
ATOM   869  O O   . LEU A 1 110 ? 3.950   7.711   -7.455  1.00 36.94 ? 108 LEU B O   1 
ATOM   870  C CB  . LEU A 1 110 ? 5.639   10.197  -6.654  1.00 33.32 ? 108 LEU B CB  1 
ATOM   871  C CG  . LEU A 1 110 ? 4.959   11.467  -7.192  1.00 38.88 ? 108 LEU B CG  1 
ATOM   872  C CD1 . LEU A 1 110 ? 5.014   12.524  -6.088  1.00 35.29 ? 108 LEU B CD1 1 
ATOM   873  C CD2 . LEU A 1 110 ? 5.588   11.977  -8.532  1.00 31.87 ? 108 LEU B CD2 1 
ATOM   874  N N   . ILE A 1 111 ? 2.449   8.995   -6.355  1.00 29.51 ? 109 ILE B N   1 
ATOM   875  C CA  . ILE A 1 111 ? 1.242   8.443   -6.949  1.00 31.57 ? 109 ILE B CA  1 
ATOM   876  C C   . ILE A 1 111 ? 0.592   9.613   -7.693  1.00 36.09 ? 109 ILE B C   1 
ATOM   877  O O   . ILE A 1 111 ? 0.279   10.622  -7.059  1.00 36.64 ? 109 ILE B O   1 
ATOM   878  C CB  . ILE A 1 111 ? 0.309   7.911   -5.830  1.00 27.26 ? 109 ILE B CB  1 
ATOM   879  C CG1 . ILE A 1 111 ? 1.043   6.842   -4.988  1.00 30.82 ? 109 ILE B CG1 1 
ATOM   880  C CG2 . ILE A 1 111 ? -0.978  7.381   -6.403  1.00 29.16 ? 109 ILE B CG2 1 
ATOM   881  C CD1 . ILE A 1 111 ? 0.509   6.618   -3.572  1.00 28.35 ? 109 ILE B CD1 1 
ATOM   882  N N   . GLU A 1 112 ? 0.395   9.487   -9.011  1.00 51.35 ? 110 GLU B N   1 
ATOM   883  C CA  . GLU A 1 112 ? -0.007  10.641  -9.865  1.00 64.01 ? 110 GLU B CA  1 
ATOM   884  C C   . GLU A 1 112 ? -1.203  10.487  -10.848 1.00 68.90 ? 110 GLU B C   1 
ATOM   885  O O   . GLU A 1 112 ? -1.404  9.423   -11.424 1.00 81.29 ? 110 GLU B O   1 
ATOM   886  C CB  . GLU A 1 112 ? 1.207   11.185  -10.603 1.00 66.91 ? 110 GLU B CB  1 
ATOM   887  C CG  . GLU A 1 112 ? 1.314   12.684  -10.470 1.00 70.99 ? 110 GLU B CG  1 
ATOM   888  C CD  . GLU A 1 112 ? 2.585   13.242  -11.060 1.00 72.85 ? 110 GLU B CD  1 
ATOM   889  O OE1 . GLU A 1 112 ? 3.644   12.579  -10.969 1.00 61.52 ? 110 GLU B OE1 1 
ATOM   890  O OE2 . GLU A 1 112 ? 2.519   14.365  -11.600 1.00 90.35 ? 110 GLU B OE2 1 
ATOM   891  N N   . ALA A 1 113 ? -1.960  11.582  -11.031 1.00 66.60 ? 111 ALA B N   1 
ATOM   892  C CA  . ALA A 1 113 ? -3.233  11.659  -11.794 1.00 56.80 ? 111 ALA B CA  1 
ATOM   893  C C   . ALA A 1 113 ? -3.167  11.298  -13.263 1.00 61.05 ? 111 ALA B C   1 
ATOM   894  O O   . ALA A 1 113 ? -3.743  12.017  -14.099 1.00 77.19 ? 111 ALA B O   1 
ATOM   895  C CB  . ALA A 1 113 ? -3.829  13.062  -11.667 1.00 43.76 ? 111 ALA B CB  1 
ATOM   896  N N   . MET A 1 120 ? -16.026 11.119  -10.025 1.00 23.35 ? 118 MET B N   1 
ATOM   897  C CA  . MET A 1 120 ? -16.929 10.698  -8.955  1.00 28.46 ? 118 MET B CA  1 
ATOM   898  C C   . MET A 1 120 ? -16.566 11.338  -7.627  1.00 24.22 ? 118 MET B C   1 
ATOM   899  O O   . MET A 1 120 ? -15.411 11.284  -7.207  1.00 27.72 ? 118 MET B O   1 
ATOM   900  C CB  . MET A 1 120 ? -17.024 9.182   -8.816  1.00 24.96 ? 118 MET B CB  1 
ATOM   901  C CG  . MET A 1 120 ? -18.016 8.564   -9.797  1.00 22.01 ? 118 MET B CG  1 
ATOM   902  S SD  . MET A 1 120 ? -18.220 6.798   -9.382  1.00 30.79 ? 118 MET B SD  1 
ATOM   903  C CE  . MET A 1 120 ? -16.511 6.168   -9.664  1.00 21.50 ? 118 MET B CE  1 
ATOM   904  N N   . PRO A 1 121 ? -17.543 12.018  -7.007  1.00 20.14 ? 119 PRO B N   1 
ATOM   905  C CA  . PRO A 1 121 ? -17.318 12.760  -5.751  1.00 19.01 ? 119 PRO B CA  1 
ATOM   906  C C   . PRO A 1 121 ? -17.130 11.818  -4.592  1.00 20.58 ? 119 PRO B C   1 
ATOM   907  O O   . PRO A 1 121 ? -17.588 10.659  -4.648  1.00 22.27 ? 119 PRO B O   1 
ATOM   908  C CB  . PRO A 1 121 ? -18.652 13.516  -5.525  1.00 18.28 ? 119 PRO B CB  1 
ATOM   909  C CG  . PRO A 1 121 ? -19.668 12.836  -6.391  1.00 15.97 ? 119 PRO B CG  1 
ATOM   910  C CD  . PRO A 1 121 ? -18.889 12.267  -7.584  1.00 19.12 ? 119 PRO B CD  1 
ATOM   911  N N   . ALA A 1 122 ? -16.481 12.334  -3.552  1.00 22.19 ? 120 ALA B N   1 
ATOM   912  C CA  . ALA A 1 122 ? -16.277 11.669  -2.265  1.00 20.03 ? 120 ALA B CA  1 
ATOM   913  C C   . ALA A 1 122 ? -17.454 10.880  -1.838  1.00 22.36 ? 120 ALA B C   1 
ATOM   914  O O   . ALA A 1 122 ? -17.308 9.683   -1.486  1.00 23.10 ? 120 ALA B O   1 
ATOM   915  C CB  . ALA A 1 122 ? -15.996 12.694  -1.179  1.00 18.03 ? 120 ALA B CB  1 
ATOM   916  N N   . SER A 1 123 ? -18.623 11.556  -1.830  1.00 21.82 ? 121 SER B N   1 
ATOM   917  C CA  . SER A 1 123 ? -19.840 10.999  -1.194  1.00 19.33 ? 121 SER B CA  1 
ATOM   918  C C   . SER A 1 123 ? -20.273 9.709   -1.915  1.00 19.91 ? 121 SER B C   1 
ATOM   919  O O   . SER A 1 123 ? -20.929 8.846   -1.292  1.00 18.41 ? 121 SER B O   1 
ATOM   920  C CB  . SER A 1 123 ? -21.002 12.020  -1.215  1.00 18.07 ? 121 SER B CB  1 
ATOM   921  O OG  . SER A 1 123 ? -21.302 12.360  -2.621  1.00 25.81 ? 121 SER B OG  1 
ATOM   922  N N   . VAL A 1 124 ? -19.919 9.583   -3.208  1.00 16.17 ? 122 VAL B N   1 
ATOM   923  C CA  . VAL A 1 124 ? -20.296 8.375   -4.014  1.00 16.01 ? 122 VAL B CA  1 
ATOM   924  C C   . VAL A 1 124 ? -19.259 7.271   -3.798  1.00 18.55 ? 122 VAL B C   1 
ATOM   925  O O   . VAL A 1 124 ? -19.573 6.089   -3.729  1.00 18.38 ? 122 VAL B O   1 
ATOM   926  C CB  . VAL A 1 124 ? -20.395 8.694   -5.513  1.00 16.17 ? 122 VAL B CB  1 
ATOM   927  C CG1 . VAL A 1 124 ? -20.451 7.380   -6.362  1.00 15.39 ? 122 VAL B CG1 1 
ATOM   928  C CG2 . VAL A 1 124 ? -21.589 9.655   -5.794  1.00 14.98 ? 122 VAL B CG2 1 
ATOM   929  N N   . LEU A 1 125 ? -18.001 7.666   -3.651  1.00 19.34 ? 123 LEU B N   1 
ATOM   930  C CA  . LEU A 1 125 ? -16.919 6.686   -3.458  1.00 21.29 ? 123 LEU B CA  1 
ATOM   931  C C   . LEU A 1 125 ? -16.897 6.017   -2.066  1.00 21.03 ? 123 LEU B C   1 
ATOM   932  O O   . LEU A 1 125 ? -16.468 4.865   -1.911  1.00 20.78 ? 123 LEU B O   1 
ATOM   933  C CB  . LEU A 1 125 ? -15.564 7.384   -3.687  1.00 19.59 ? 123 LEU B CB  1 
ATOM   934  C CG  . LEU A 1 125 ? -15.331 7.856   -5.119  1.00 21.18 ? 123 LEU B CG  1 
ATOM   935  C CD1 . LEU A 1 125 ? -14.076 8.767   -5.267  1.00 21.60 ? 123 LEU B CD1 1 
ATOM   936  C CD2 . LEU A 1 125 ? -15.264 6.690   -6.076  1.00 17.72 ? 123 LEU B CD2 1 
ATOM   937  N N   . THR A 1 126 ? -17.323 6.759   -1.058  1.00 18.79 ? 124 THR B N   1 
ATOM   938  C CA  . THR A 1 126 ? -16.969 6.426   0.303   1.00 19.79 ? 124 THR B CA  1 
ATOM   939  C C   . THR A 1 126 ? -17.620 5.127   0.685   1.00 19.68 ? 124 THR B C   1 
ATOM   940  O O   . THR A 1 126 ? -18.825 4.911   0.439   1.00 18.43 ? 124 THR B O   1 
ATOM   941  C CB  . THR A 1 126 ? -17.270 7.616   1.301   1.00 19.50 ? 124 THR B CB  1 
ATOM   942  O OG1 . THR A 1 126 ? -16.788 7.239   2.622   1.00 17.63 ? 124 THR B OG1 1 
ATOM   943  C CG2 . THR A 1 126 ? -18.763 8.004   1.273   1.00 14.11 ? 124 THR B CG2 1 
ATOM   944  N N   . GLY A 1 127 ? -16.828 4.202   1.215   1.00 20.34 ? 125 GLY B N   1 
ATOM   945  C CA  . GLY A 1 127 ? -17.374 2.858   1.543   1.00 17.11 ? 125 GLY B CA  1 
ATOM   946  C C   . GLY A 1 127 ? -17.424 1.920   0.338   1.00 20.94 ? 125 GLY B C   1 
ATOM   947  O O   . GLY A 1 127 ? -17.632 0.710   0.502   1.00 18.42 ? 125 GLY B O   1 
ATOM   948  N N   . ASN A 1 128 ? -17.233 2.456   -0.874  1.00 19.14 ? 126 ASN B N   1 
ATOM   949  C CA  . ASN A 1 128 ? -17.385 1.647   -2.121  1.00 17.94 ? 126 ASN B CA  1 
ATOM   950  C C   . ASN A 1 128 ? -16.039 1.290   -2.818  1.00 17.66 ? 126 ASN B C   1 
ATOM   951  O O   . ASN A 1 128 ? -16.015 0.586   -3.824  1.00 22.32 ? 126 ASN B O   1 
ATOM   952  C CB  . ASN A 1 128 ? -18.369 2.348   -3.106  1.00 15.59 ? 126 ASN B CB  1 
ATOM   953  C CG  . ASN A 1 128 ? -19.859 2.355   -2.578  1.00 19.05 ? 126 ASN B CG  1 
ATOM   954  O OD1 . ASN A 1 128 ? -20.585 3.378   -2.689  1.00 21.83 ? 126 ASN B OD1 1 
ATOM   955  N ND2 . ASN A 1 128 ? -20.316 1.224   -2.047  1.00 15.21 ? 126 ASN B ND2 1 
ATOM   956  N N   . VAL A 1 129 ? -14.934 1.811   -2.283  1.00 16.74 ? 127 VAL B N   1 
ATOM   957  C CA  . VAL A 1 129 ? -13.615 1.636   -2.814  1.00 17.60 ? 127 VAL B CA  1 
ATOM   958  C C   . VAL A 1 129 ? -12.813 0.668   -1.924  1.00 23.48 ? 127 VAL B C   1 
ATOM   959  O O   . VAL A 1 129 ? -12.716 0.841   -0.700  1.00 22.69 ? 127 VAL B O   1 
ATOM   960  C CB  . VAL A 1 129 ? -12.868 2.957   -2.923  1.00 17.76 ? 127 VAL B CB  1 
ATOM   961  C CG1 . VAL A 1 129 ? -11.393 2.728   -3.355  1.00 13.42 ? 127 VAL B CG1 1 
ATOM   962  C CG2 . VAL A 1 129 ? -13.597 3.896   -3.919  1.00 16.82 ? 127 VAL B CG2 1 
ATOM   963  N N   . ILE A 1 130 ? -12.261 -0.351  -2.587  1.00 24.53 ? 128 ILE B N   1 
ATOM   964  C CA  . ILE A 1 130 ? -11.254 -1.227  -2.045  1.00 26.01 ? 128 ILE B CA  1 
ATOM   965  C C   . ILE A 1 130 ? -9.970  -1.057  -2.808  1.00 24.87 ? 128 ILE B C   1 
ATOM   966  O O   . ILE A 1 130 ? -9.967  -1.068  -4.035  1.00 23.90 ? 128 ILE B O   1 
ATOM   967  C CB  . ILE A 1 130 ? -11.674 -2.665  -2.104  1.00 24.55 ? 128 ILE B CB  1 
ATOM   968  C CG1 . ILE A 1 130 ? -12.559 -2.941  -0.925  1.00 23.33 ? 128 ILE B CG1 1 
ATOM   969  C CG2 . ILE A 1 130 ? -10.451 -3.527  -1.888  1.00 28.86 ? 128 ILE B CG2 1 
ATOM   970  C CD1 . ILE A 1 130 ? -13.650 -3.788  -1.280  1.00 26.78 ? 128 ILE B CD1 1 
ATOM   971  N N   . ILE A 1 131 ? -8.897  -0.809  -2.069  1.00 25.07 ? 129 ILE B N   1 
ATOM   972  C CA  . ILE A 1 131 ? -7.557  -0.865  -2.613  1.00 22.36 ? 129 ILE B CA  1 
ATOM   973  C C   . ILE A 1 131 ? -6.987  -2.231  -2.286  1.00 25.16 ? 129 ILE B C   1 
ATOM   974  O O   . ILE A 1 131 ? -6.770  -2.587  -1.089  1.00 25.55 ? 129 ILE B O   1 
ATOM   975  C CB  . ILE A 1 131 ? -6.645  0.185   -2.005  1.00 22.49 ? 129 ILE B CB  1 
ATOM   976  C CG1 . ILE A 1 131 ? -7.390  1.503   -1.885  1.00 19.24 ? 129 ILE B CG1 1 
ATOM   977  C CG2 . ILE A 1 131 ? -5.276  0.329   -2.887  1.00 20.20 ? 129 ILE B CG2 1 
ATOM   978  C CD1 . ILE A 1 131 ? -7.548  2.208   -3.233  1.00 18.57 ? 129 ILE B CD1 1 
ATOM   979  N N   . GLU A 1 132 ? -6.790  -3.013  -3.334  1.00 24.39 ? 130 GLU B N   1 
ATOM   980  C CA  . GLU A 1 132 ? -6.232  -4.338  -3.183  1.00 28.61 ? 130 GLU B CA  1 
ATOM   981  C C   . GLU A 1 132 ? -4.720  -4.260  -3.521  1.00 32.54 ? 130 GLU B C   1 
ATOM   982  O O   . GLU A 1 132 ? -4.338  -3.856  -4.620  1.00 31.59 ? 130 GLU B O   1 
ATOM   983  C CB  . GLU A 1 132 ? -6.950  -5.348  -4.079  1.00 31.56 ? 130 GLU B CB  1 
ATOM   984  C CG  . GLU A 1 132 ? -6.256  -6.723  -4.016  1.00 34.03 ? 130 GLU B CG  1 
ATOM   985  C CD  . GLU A 1 132 ? -6.618  -7.589  -5.174  1.00 44.15 ? 130 GLU B CD  1 
ATOM   986  O OE1 . GLU A 1 132 ? -6.205  -7.326  -6.339  1.00 52.24 ? 130 GLU B OE1 1 
ATOM   987  O OE2 . GLU A 1 132 ? -7.343  -8.546  -4.911  1.00 43.83 ? 130 GLU B OE2 1 
ATOM   988  N N   . THR A 1 133 ? -3.869  -4.636  -2.566  1.00 26.80 ? 131 THR B N   1 
ATOM   989  C CA  . THR A 1 133 ? -2.444  -4.535  -2.723  1.00 24.08 ? 131 THR B CA  1 
ATOM   990  C C   . THR A 1 133 ? -1.814  -5.919  -2.741  1.00 23.64 ? 131 THR B C   1 
ATOM   991  O O   . THR A 1 133 ? -2.033  -6.695  -1.816  1.00 21.57 ? 131 THR B O   1 
ATOM   992  C CB  . THR A 1 133 ? -1.883  -3.713  -1.586  1.00 23.07 ? 131 THR B CB  1 
ATOM   993  O OG1 . THR A 1 133 ? -2.295  -2.362  -1.787  1.00 25.36 ? 131 THR B OG1 1 
ATOM   994  C CG2 . THR A 1 133 ? -0.349  -3.775  -1.547  1.00 26.87 ? 131 THR B CG2 1 
ATOM   995  N N   . LYS A 1 134 ? -1.037  -6.214  -3.788  1.00 22.33 ? 132 LYS B N   1 
ATOM   996  C CA  . LYS A 1 134 ? -0.233  -7.440  -3.862  1.00 26.03 ? 132 LYS B CA  1 
ATOM   997  C C   . LYS A 1 134 ? 1.282   -7.158  -3.697  1.00 27.04 ? 132 LYS B C   1 
ATOM   998  O O   . LYS A 1 134 ? 1.810   -6.339  -4.421  1.00 24.58 ? 132 LYS B O   1 
ATOM   999  C CB  . LYS A 1 134 ? -0.486  -8.163  -5.184  1.00 27.15 ? 132 LYS B CB  1 
ATOM   1000 C CG  . LYS A 1 134 ? -1.903  -8.694  -5.400  1.00 28.98 ? 132 LYS B CG  1 
ATOM   1001 C CD  . LYS A 1 134 ? -2.020  -9.219  -6.829  1.00 32.28 ? 132 LYS B CD  1 
ATOM   1002 C CE  . LYS A 1 134 ? -3.348  -9.908  -7.108  1.00 31.32 ? 132 LYS B CE  1 
ATOM   1003 N NZ  . LYS A 1 134 ? -3.487  -11.019 -6.154  1.00 34.80 ? 132 LYS B NZ  1 
ATOM   1004 N N   . PHE A 1 135 ? 1.952   -7.842  -2.753  1.00 31.85 ? 133 PHE B N   1 
ATOM   1005 C CA  . PHE A 1 135 ? 3.428   -7.791  -2.561  1.00 28.64 ? 133 PHE B CA  1 
ATOM   1006 C C   . PHE A 1 135 ? 4.117   -8.904  -3.302  1.00 27.52 ? 133 PHE B C   1 
ATOM   1007 O O   . PHE A 1 135 ? 3.687   -10.048 -3.254  1.00 26.46 ? 133 PHE B O   1 
ATOM   1008 C CB  . PHE A 1 135 ? 3.808   -7.879  -1.085  1.00 34.90 ? 133 PHE B CB  1 
ATOM   1009 C CG  . PHE A 1 135 ? 3.387   -6.659  -0.305  1.00 58.25 ? 133 PHE B CG  1 
ATOM   1010 C CD1 . PHE A 1 135 ? 4.216   -5.528  -0.229  1.00 63.87 ? 133 PHE B CD1 1 
ATOM   1011 C CD2 . PHE A 1 135 ? 2.134   -6.596  0.305   1.00 65.48 ? 133 PHE B CD2 1 
ATOM   1012 C CE1 . PHE A 1 135 ? 3.825   -4.356  0.481   1.00 61.10 ? 133 PHE B CE1 1 
ATOM   1013 C CE2 . PHE A 1 135 ? 1.732   -5.439  1.011   1.00 69.57 ? 133 PHE B CE2 1 
ATOM   1014 C CZ  . PHE A 1 135 ? 2.591   -4.320  1.107   1.00 63.27 ? 133 PHE B CZ  1 
ATOM   1015 N N   . PHE A 1 136 ? 5.209   -8.567  -3.978  1.00 26.05 ? 134 PHE B N   1 
ATOM   1016 C CA  . PHE A 1 136 ? 5.969   -9.541  -4.741  1.00 21.51 ? 134 PHE B CA  1 
ATOM   1017 C C   . PHE A 1 136 ? 7.416   -9.424  -4.355  1.00 22.75 ? 134 PHE B C   1 
ATOM   1018 O O   . PHE A 1 136 ? 7.923   -8.298  -4.141  1.00 19.52 ? 134 PHE B O   1 
ATOM   1019 C CB  . PHE A 1 136 ? 5.847   -9.276  -6.281  1.00 20.13 ? 134 PHE B CB  1 
ATOM   1020 C CG  . PHE A 1 136 ? 4.508   -9.656  -6.884  1.00 19.73 ? 134 PHE B CG  1 
ATOM   1021 C CD1 . PHE A 1 136 ? 4.316   -10.939 -7.435  1.00 18.60 ? 134 PHE B CD1 1 
ATOM   1022 C CD2 . PHE A 1 136 ? 3.450   -8.719  -6.935  1.00 19.74 ? 134 PHE B CD2 1 
ATOM   1023 C CE1 . PHE A 1 136 ? 3.077   -11.324 -8.014  1.00 20.49 ? 134 PHE B CE1 1 
ATOM   1024 C CE2 . PHE A 1 136 ? 2.168   -9.092  -7.506  1.00 20.07 ? 134 PHE B CE2 1 
ATOM   1025 C CZ  . PHE A 1 136 ? 1.980   -10.380 -8.036  1.00 19.43 ? 134 PHE B CZ  1 
ATOM   1026 N N   . ASP A 1 137 ? 8.082   -10.577 -4.275  1.00 25.15 ? 135 ASP B N   1 
ATOM   1027 C CA  . ASP A 1 137 ? 9.515   -10.674 -4.608  1.00 28.30 ? 135 ASP B CA  1 
ATOM   1028 C C   . ASP A 1 137 ? 9.619   -11.184 -6.068  1.00 27.51 ? 135 ASP B C   1 
ATOM   1029 O O   . ASP A 1 137 ? 9.334   -12.369 -6.348  1.00 22.64 ? 135 ASP B O   1 
ATOM   1030 C CB  . ASP A 1 137 ? 10.275  -11.604 -3.645  1.00 32.03 ? 135 ASP B CB  1 
ATOM   1031 C CG  . ASP A 1 137 ? 11.809  -11.680 -3.966  1.00 39.20 ? 135 ASP B CG  1 
ATOM   1032 O OD1 . ASP A 1 137 ? 12.292  -10.928 -4.849  1.00 36.91 ? 135 ASP B OD1 1 
ATOM   1033 O OD2 . ASP A 1 137 ? 12.522  -12.515 -3.339  1.00 47.28 ? 135 ASP B OD2 1 
ATOM   1034 N N   . ASP A 1 138 ? 9.967   -10.269 -6.971  1.00 29.21 ? 136 ASP B N   1 
ATOM   1035 C CA  . ASP A 1 138 ? 9.949   -10.489 -8.416  1.00 34.22 ? 136 ASP B CA  1 
ATOM   1036 C C   . ASP A 1 138 ? 8.620   -11.026 -8.964  1.00 30.66 ? 136 ASP B C   1 
ATOM   1037 O O   . ASP A 1 138 ? 7.601   -10.351 -8.943  1.00 34.73 ? 136 ASP B O   1 
ATOM   1038 C CB  . ASP A 1 138 ? 11.141  -11.381 -8.840  1.00 48.27 ? 136 ASP B CB  1 
ATOM   1039 C CG  . ASP A 1 138 ? 11.371  -11.398 -10.373 1.00 59.73 ? 136 ASP B CG  1 
ATOM   1040 O OD1 . ASP A 1 138 ? 10.439  -11.679 -11.157 1.00 66.00 ? 136 ASP B OD1 1 
ATOM   1041 O OD2 . ASP A 1 138 ? 12.508  -11.155 -10.803 1.00 71.18 ? 136 ASP B OD2 1 
ATOM   1042 N N   . ASP A 1 139 ? 8.652   -12.247 -9.475  1.00 32.90 ? 137 ASP B N   1 
ATOM   1043 C CA  . ASP A 1 139 ? 7.489   -12.946 -10.021 1.00 35.27 ? 137 ASP B CA  1 
ATOM   1044 C C   . ASP A 1 139 ? 6.716   -13.545 -8.843  1.00 31.30 ? 137 ASP B C   1 
ATOM   1045 O O   . ASP A 1 139 ? 5.632   -14.071 -9.018  1.00 30.16 ? 137 ASP B O   1 
ATOM   1046 C CB  . ASP A 1 139 ? 7.966   -14.097 -10.957 1.00 44.58 ? 137 ASP B CB  1 
ATOM   1047 C CG  . ASP A 1 139 ? 9.093   -15.040 -10.274 1.00 57.27 ? 137 ASP B CG  1 
ATOM   1048 O OD1 . ASP A 1 139 ? 8.784   -16.203 -9.873  1.00 49.10 ? 137 ASP B OD1 1 
ATOM   1049 O OD2 . ASP A 1 139 ? 10.286  -14.620 -10.124 1.00 56.03 ? 137 ASP B OD2 1 
ATOM   1050 N N   . LEU A 1 140 ? 7.288   -13.525 -7.643  1.00 31.15 ? 138 LEU B N   1 
ATOM   1051 C CA  . LEU A 1 140 ? 6.715   -14.306 -6.538  1.00 27.30 ? 138 LEU B CA  1 
ATOM   1052 C C   . LEU A 1 140 ? 5.813   -13.494 -5.596  1.00 28.27 ? 138 LEU B C   1 
ATOM   1053 O O   . LEU A 1 140 ? 6.243   -12.498 -4.979  1.00 27.04 ? 138 LEU B O   1 
ATOM   1054 C CB  . LEU A 1 140 ? 7.817   -14.941 -5.751  1.00 26.30 ? 138 LEU B CB  1 
ATOM   1055 C CG  . LEU A 1 140 ? 7.392   -15.844 -4.629  1.00 27.90 ? 138 LEU B CG  1 
ATOM   1056 C CD1 . LEU A 1 140 ? 7.237   -17.279 -5.215  1.00 26.04 ? 138 LEU B CD1 1 
ATOM   1057 C CD2 . LEU A 1 140 ? 8.518   -15.778 -3.701  1.00 22.37 ? 138 LEU B CD2 1 
ATOM   1058 N N   . LEU A 1 141 ? 4.577   -13.965 -5.481  1.00 27.61 ? 139 LEU B N   1 
ATOM   1059 C CA  . LEU A 1 141 ? 3.498   -13.300 -4.783  1.00 26.99 ? 139 LEU B CA  1 
ATOM   1060 C C   . LEU A 1 141 ? 3.655   -13.617 -3.307  1.00 29.44 ? 139 LEU B C   1 
ATOM   1061 O O   . LEU A 1 141 ? 3.511   -14.759 -2.897  1.00 28.43 ? 139 LEU B O   1 
ATOM   1062 C CB  . LEU A 1 141 ? 2.127   -13.777 -5.315  1.00 23.94 ? 139 LEU B CB  1 
ATOM   1063 C CG  . LEU A 1 141 ? 0.880   -13.274 -4.581  1.00 29.63 ? 139 LEU B CG  1 
ATOM   1064 C CD1 . LEU A 1 141 ? 0.678   -11.710 -4.777  1.00 22.64 ? 139 LEU B CD1 1 
ATOM   1065 C CD2 . LEU A 1 141 ? -0.343  -14.103 -4.983  1.00 21.13 ? 139 LEU B CD2 1 
ATOM   1066 N N   . VAL A 1 142 ? 3.971   -12.597 -2.517  1.00 29.55 ? 140 VAL B N   1 
ATOM   1067 C CA  . VAL A 1 142 ? 4.146   -12.795 -1.082  1.00 32.98 ? 140 VAL B CA  1 
ATOM   1068 C C   . VAL A 1 142 ? 2.815   -12.647 -0.326  1.00 27.69 ? 140 VAL B C   1 
ATOM   1069 O O   . VAL A 1 142 ? 2.490   -13.497 0.456   1.00 33.42 ? 140 VAL B O   1 
ATOM   1070 C CB  . VAL A 1 142 ? 5.243   -11.869 -0.537  1.00 31.54 ? 140 VAL B CB  1 
ATOM   1071 C CG1 . VAL A 1 142 ? 5.365   -12.010 0.933   1.00 33.84 ? 140 VAL B CG1 1 
ATOM   1072 C CG2 . VAL A 1 142 ? 6.575   -12.207 -1.201  1.00 37.48 ? 140 VAL B CG2 1 
ATOM   1073 N N   . SER A 1 143 ? 2.042   -11.592 -0.594  1.00 26.97 ? 141 SER B N   1 
ATOM   1074 C CA  . SER A 1 143 ? 0.731   -11.426 0.006   1.00 25.16 ? 141 SER B CA  1 
ATOM   1075 C C   . SER A 1 143 ? -0.268  -10.558 -0.754  1.00 29.05 ? 141 SER B C   1 
ATOM   1076 O O   . SER A 1 143 ? 0.101   -9.680  -1.561  1.00 34.05 ? 141 SER B O   1 
ATOM   1077 C CB  . SER A 1 143 ? 0.891   -10.885 1.420   1.00 29.81 ? 141 SER B CB  1 
ATOM   1078 O OG  . SER A 1 143 ? 0.997   -9.474  1.472   1.00 30.08 ? 141 SER B OG  1 
ATOM   1079 N N   . THR A 1 144 ? -1.538  -10.780 -0.432  1.00 28.77 ? 142 THR B N   1 
ATOM   1080 C CA  . THR A 1 144 ? -2.647  -10.050 -1.007  1.00 29.47 ? 142 THR B CA  1 
ATOM   1081 C C   . THR A 1 144 ? -3.521  -9.542  0.114   1.00 30.63 ? 142 THR B C   1 
ATOM   1082 O O   . THR A 1 144 ? -4.026  -10.356 0.921   1.00 28.84 ? 142 THR B O   1 
ATOM   1083 C CB  . THR A 1 144 ? -3.451  -11.000 -1.863  1.00 29.58 ? 142 THR B CB  1 
ATOM   1084 O OG1 . THR A 1 144 ? -2.541  -11.641 -2.779  1.00 28.99 ? 142 THR B OG1 1 
ATOM   1085 C CG2 . THR A 1 144 ? -4.541  -10.245 -2.612  1.00 28.43 ? 142 THR B CG2 1 
ATOM   1086 N N   . SER A 1 145 ? -3.671  -8.213  0.174   1.00 25.40 ? 143 SER B N   1 
ATOM   1087 C CA  . SER A 1 145 ? -4.482  -7.533  1.209   1.00 23.88 ? 143 SER B CA  1 
ATOM   1088 C C   . SER A 1 145 ? -5.387  -6.407  0.673   1.00 22.94 ? 143 SER B C   1 
ATOM   1089 O O   . SER A 1 145 ? -5.187  -5.901  -0.455  1.00 18.52 ? 143 SER B O   1 
ATOM   1090 C CB  . SER A 1 145 ? -3.599  -6.953  2.300   1.00 22.59 ? 143 SER B CB  1 
ATOM   1091 O OG  . SER A 1 145 ? -2.587  -6.253  1.658   1.00 22.04 ? 143 SER B OG  1 
ATOM   1092 N N   . ARG A 1 146 ? -6.370  -6.038  1.507   1.00 22.45 ? 144 ARG B N   1 
ATOM   1093 C CA  . ARG A 1 146 ? -7.436  -5.087  1.174   1.00 23.12 ? 144 ARG B CA  1 
ATOM   1094 C C   . ARG A 1 146 ? -7.649  -4.000  2.191   1.00 23.20 ? 144 ARG B C   1 
ATOM   1095 O O   . ARG A 1 146 ? -7.640  -4.231  3.408   1.00 22.60 ? 144 ARG B O   1 
ATOM   1096 C CB  . ARG A 1 146 ? -8.749  -5.810  0.991   1.00 28.72 ? 144 ARG B CB  1 
ATOM   1097 C CG  . ARG A 1 146 ? -8.770  -6.549  -0.276  1.00 31.58 ? 144 ARG B CG  1 
ATOM   1098 C CD  . ARG A 1 146 ? -9.864  -7.564  -0.274  1.00 46.03 ? 144 ARG B CD  1 
ATOM   1099 N NE  . ARG A 1 146 ? -9.312  -8.721  -0.959  1.00 62.25 ? 144 ARG B NE  1 
ATOM   1100 C CZ  . ARG A 1 146 ? -9.339  -8.924  -2.270  1.00 58.72 ? 144 ARG B CZ  1 
ATOM   1101 N NH1 . ARG A 1 146 ? -9.955  -8.053  -3.079  1.00 64.99 ? 144 ARG B NH1 1 
ATOM   1102 N NH2 . ARG A 1 146 ? -8.743  -10.013 -2.750  1.00 44.63 ? 144 ARG B NH2 1 
ATOM   1103 N N   . VAL A 1 147 ? -7.825  -2.795  1.687   1.00 21.69 ? 145 VAL B N   1 
ATOM   1104 C CA  . VAL A 1 147 ? -8.301  -1.736  2.533   1.00 23.10 ? 145 VAL B CA  1 
ATOM   1105 C C   . VAL A 1 147 ? -9.579  -1.124  1.968   1.00 22.39 ? 145 VAL B C   1 
ATOM   1106 O O   . VAL A 1 147 ? -9.562  -0.679  0.825   1.00 23.24 ? 145 VAL B O   1 
ATOM   1107 C CB  . VAL A 1 147 ? -7.232  -0.632  2.711   1.00 23.70 ? 145 VAL B CB  1 
ATOM   1108 C CG1 . VAL A 1 147 ? -7.744  0.426   3.681   1.00 22.86 ? 145 VAL B CG1 1 
ATOM   1109 C CG2 . VAL A 1 147 ? -5.912  -1.246  3.253   1.00 25.14 ? 145 VAL B CG2 1 
ATOM   1110 N N   . ARG A 1 148 ? -10.668 -1.073  2.753   1.00 21.26 ? 146 ARG B N   1 
ATOM   1111 C CA  . ARG A 1 148 ? -11.824 -0.285  2.360   1.00 19.12 ? 146 ARG B CA  1 
ATOM   1112 C C   . ARG A 1 148 ? -11.660 1.168   2.816   1.00 21.87 ? 146 ARG B C   1 
ATOM   1113 O O   . ARG A 1 148 ? -11.350 1.433   3.990   1.00 20.47 ? 146 ARG B O   1 
ATOM   1114 C CB  . ARG A 1 148 ? -13.100 -0.850  2.920   1.00 20.96 ? 146 ARG B CB  1 
ATOM   1115 C CG  . ARG A 1 148 ? -14.349 -0.104  2.380   1.00 24.46 ? 146 ARG B CG  1 
ATOM   1116 C CD  . ARG A 1 148 ? -15.693 -0.631  2.947   1.00 30.87 ? 146 ARG B CD  1 
ATOM   1117 N NE  . ARG A 1 148 ? -15.783 -2.078  2.782   1.00 32.83 ? 146 ARG B NE  1 
ATOM   1118 C CZ  . ARG A 1 148 ? -16.228 -2.704  1.676   1.00 39.46 ? 146 ARG B CZ  1 
ATOM   1119 N NH1 . ARG A 1 148 ? -16.631 -2.025  0.578   1.00 29.17 ? 146 ARG B NH1 1 
ATOM   1120 N NH2 . ARG A 1 148 ? -16.261 -4.038  1.668   1.00 32.46 ? 146 ARG B NH2 1 
ATOM   1121 N N   . LEU A 1 149 ? -11.895 2.090   1.889   1.00 20.03 ? 147 LEU B N   1 
ATOM   1122 C CA  . LEU A 1 149 ? -11.652 3.525   2.092   1.00 20.04 ? 147 LEU B CA  1 
ATOM   1123 C C   . LEU A 1 149 ? -12.935 4.317   2.376   1.00 21.23 ? 147 LEU B C   1 
ATOM   1124 O O   . LEU A 1 149 ? -13.946 4.115   1.693   1.00 18.11 ? 147 LEU B O   1 
ATOM   1125 C CB  . LEU A 1 149 ? -11.001 4.084   0.849   1.00 20.79 ? 147 LEU B CB  1 
ATOM   1126 C CG  . LEU A 1 149 ? -9.493  3.958   0.830   1.00 29.21 ? 147 LEU B CG  1 
ATOM   1127 C CD1 . LEU A 1 149 ? -9.052  4.060   -0.599  1.00 29.95 ? 147 LEU B CD1 1 
ATOM   1128 C CD2 . LEU A 1 149 ? -8.950  5.137   1.614   1.00 31.05 ? 147 LEU B CD2 1 
ATOM   1129 N N   . PHE A 1 150 ? -12.878 5.197   3.382   1.00 19.47 ? 148 PHE B N   1 
ATOM   1130 C CA  . PHE A 1 150 ? -13.935 6.136   3.696   1.00 20.69 ? 148 PHE B CA  1 
ATOM   1131 C C   . PHE A 1 150 ? -13.308 7.504   3.511   1.00 24.20 ? 148 PHE B C   1 
ATOM   1132 O O   . PHE A 1 150 ? -12.160 7.718   3.902   1.00 21.42 ? 148 PHE B O   1 
ATOM   1133 C CB  . PHE A 1 150 ? -14.458 5.916   5.132   1.00 18.46 ? 148 PHE B CB  1 
ATOM   1134 C CG  . PHE A 1 150 ? -15.011 4.544   5.327   1.00 19.39 ? 148 PHE B CG  1 
ATOM   1135 C CD1 . PHE A 1 150 ? -16.324 4.254   4.904   1.00 18.07 ? 148 PHE B CD1 1 
ATOM   1136 C CD2 . PHE A 1 150 ? -14.202 3.501   5.808   1.00 18.16 ? 148 PHE B CD2 1 
ATOM   1137 C CE1 . PHE A 1 150 ? -16.861 2.955   4.996   1.00 17.95 ? 148 PHE B CE1 1 
ATOM   1138 C CE2 . PHE A 1 150 ? -14.715 2.180   5.916   1.00 19.14 ? 148 PHE B CE2 1 
ATOM   1139 C CZ  . PHE A 1 150 ? -16.061 1.904   5.516   1.00 19.13 ? 148 PHE B CZ  1 
ATOM   1140 N N   . TYR A 1 151 ? -14.067 8.404   2.902   1.00 21.82 ? 149 TYR B N   1 
ATOM   1141 C CA  . TYR A 1 151 ? -13.625 9.740   2.649   1.00 21.21 ? 149 TYR B CA  1 
ATOM   1142 C C   . TYR A 1 151 ? -14.454 10.757  3.491   1.00 29.06 ? 149 TYR B C   1 
ATOM   1143 O O   . TYR A 1 151 ? -15.690 10.843  3.343   1.00 21.69 ? 149 TYR B O   1 
ATOM   1144 C CB  . TYR A 1 151 ? -13.798 10.050  1.164   1.00 24.44 ? 149 TYR B CB  1 
ATOM   1145 C CG  . TYR A 1 151 ? -13.032 9.148   0.217   1.00 24.77 ? 149 TYR B CG  1 
ATOM   1146 C CD1 . TYR A 1 151 ? -11.705 9.452   -0.156  1.00 24.48 ? 149 TYR B CD1 1 
ATOM   1147 C CD2 . TYR A 1 151 ? -13.624 7.990   -0.303  1.00 21.75 ? 149 TYR B CD2 1 
ATOM   1148 C CE1 . TYR A 1 151 ? -11.004 8.619   -1.024  1.00 25.59 ? 149 TYR B CE1 1 
ATOM   1149 C CE2 . TYR A 1 151 ? -12.921 7.167   -1.154  1.00 22.18 ? 149 TYR B CE2 1 
ATOM   1150 C CZ  . TYR A 1 151 ? -11.631 7.488   -1.524  1.00 23.01 ? 149 TYR B CZ  1 
ATOM   1151 O OH  . TYR A 1 151 ? -10.955 6.640   -2.374  1.00 26.85 ? 149 TYR B OH  1 
ATOM   1152 N N   . VAL A 1 152 ? -13.765 11.548  4.325   1.00 26.14 ? 150 VAL B N   1 
ATOM   1153 C CA  . VAL A 1 152 ? -14.403 12.278  5.394   1.00 28.70 ? 150 VAL B CA  1 
ATOM   1154 C C   . VAL A 1 152 ? -14.183 13.800  5.304   1.00 31.65 ? 150 VAL B C   1 
ATOM   1155 O O   . VAL A 1 152 ? -13.139 14.261  4.799   1.00 30.39 ? 150 VAL B O   1 
ATOM   1156 C CB  . VAL A 1 152 ? -13.935 11.759  6.750   1.00 30.32 ? 150 VAL B CB  1 
ATOM   1157 C CG1 . VAL A 1 152 ? -14.002 10.261  6.782   1.00 36.56 ? 150 VAL B CG1 1 
ATOM   1158 C CG2 . VAL A 1 152 ? -12.531 12.141  7.002   1.00 35.36 ? 150 VAL B CG2 1 
HETATM 1159 C CAI . 17X B 2 .   ? -3.468  2.921   2.624   1.00 26.21 ? 201 17X B CAI 1 
HETATM 1160 C CAJ . 17X B 2 .   ? -3.762  3.878   3.604   1.00 26.80 ? 201 17X B CAJ 1 
HETATM 1161 C CAK . 17X B 2 .   ? -4.966  4.553   3.603   1.00 22.62 ? 201 17X B CAK 1 
HETATM 1162 C CAL . 17X B 2 .   ? -5.853  4.255   2.590   1.00 24.95 ? 201 17X B CAL 1 
HETATM 1163 C CAM . 17X B 2 .   ? -5.551  3.308   1.609   1.00 24.49 ? 201 17X B CAM 1 
HETATM 1164 C CAH . 17X B 2 .   ? -4.350  2.629   1.627   1.00 24.93 ? 201 17X B CAH 1 
HETATM 1165 C CAG . 17X B 2 .   ? -4.063  1.679   0.649   1.00 24.05 ? 201 17X B CAG 1 
HETATM 1166 N NAD . 17X B 2 .   ? -2.610  1.594   0.297   1.00 25.83 ? 201 17X B NAD 1 
HETATM 1167 C CAC . 17X B 2 .   ? -1.766  0.738   0.894   1.00 24.62 ? 201 17X B CAC 1 
HETATM 1168 C CAF . 17X B 2 .   ? -1.940  -0.117  1.910   1.00 24.46 ? 201 17X B CAF 1 
HETATM 1169 C CAE . 17X B 2 .   ? -0.890  -0.915  2.390   1.00 25.96 ? 201 17X B CAE 1 
HETATM 1170 C CAX . 17X B 2 .   ? 0.367   -0.764  1.800   1.00 24.43 ? 201 17X B CAX 1 
HETATM 1171 C CAW . 17X B 2 .   ? 0.503   0.181   0.760   1.00 23.72 ? 201 17X B CAW 1 
HETATM 1172 C CAV . 17X B 2 .   ? -0.557  0.891   0.341   1.00 24.87 ? 201 17X B CAV 1 
HETATM 1173 N NAY . 17X B 2 .   ? -0.656  1.812   -0.619  1.00 27.31 ? 201 17X B NAY 1 
HETATM 1174 C CAB . 17X B 2 .   ? -1.906  2.229   -0.654  1.00 27.99 ? 201 17X B CAB 1 
HETATM 1175 N NAA . 17X B 2 .   ? -2.297  3.196   -1.509  1.00 31.03 ? 201 17X B NAA 1 
HETATM 1176 C CAR . 17X B 2 .   ? -3.127  4.334   -1.032  1.00 25.62 ? 201 17X B CAR 1 
HETATM 1177 C CAQ . 17X B 2 .   ? -4.183  4.718   -2.071  1.00 25.35 ? 201 17X B CAQ 1 
HETATM 1178 C CAN . 17X B 2 .   ? -1.795  3.219   -2.923  1.00 30.77 ? 201 17X B CAN 1 
HETATM 1179 C CAO . 17X B 2 .   ? -2.885  3.641   -3.934  1.00 28.51 ? 201 17X B CAO 1 
HETATM 1180 C CAP . 17X B 2 .   ? -3.603  4.921   -3.514  1.00 25.71 ? 201 17X B CAP 1 
HETATM 1181 C CAS . 17X B 2 .   ? -4.777  5.194   -4.492  1.00 31.25 ? 201 17X B CAS 1 
HETATM 1182 O OAT . 17X B 2 .   ? -5.907  4.786   -4.241  1.00 43.92 ? 201 17X B OAT 1 
HETATM 1183 O OAU . 17X B 2 .   ? -4.554  5.845   -5.666  1.00 36.66 ? 201 17X B OAU 1 
HETATM 1184 C CBP . 17X B 2 .   ? -4.568  7.247   -5.670  1.00 33.72 ? 201 17X B CBP 1 
HETATM 1185 C CBO . 17X B 2 .   ? -5.884  7.954   -5.955  1.00 29.40 ? 201 17X B CBO 1 
HETATM 1186 C CBQ . 17X B 2 .   ? -5.316  9.368   -6.089  1.00 29.07 ? 201 17X B CBQ 1 
HETATM 1187 C CBR . 17X B 2 .   ? -6.377  10.435  -6.025  1.00 29.18 ? 201 17X B CBR 1 
HETATM 1188 C CBS . 17X B 2 .   ? -5.594  11.712  -5.781  1.00 27.59 ? 201 17X B CBS 1 
HETATM 1189 N NBV . 17X B 2 .   ? -4.817  12.015  -6.994  1.00 25.80 ? 201 17X B NBV 1 
HETATM 1190 C CBT . 17X B 2 .   ? -3.986  10.922  -7.557  1.00 26.42 ? 201 17X B CBT 1 
HETATM 1191 C CBU . 17X B 2 .   ? -4.478  9.505   -7.347  1.00 25.10 ? 201 17X B CBU 1 
HETATM 1192 N NBH . 17X B 2 .   ? -6.783  7.787   -4.691  1.00 27.35 ? 201 17X B NBH 1 
HETATM 1193 C CBD . 17X B 2 .   ? -6.345  7.922   -3.422  1.00 26.52 ? 201 17X B CBD 1 
HETATM 1194 C CBE . 17X B 2 .   ? -5.129  8.208   -2.935  1.00 25.91 ? 201 17X B CBE 1 
HETATM 1195 C CAZ . 17X B 2 .   ? -4.927  8.232   -1.547  1.00 26.20 ? 201 17X B CAZ 1 
HETATM 1196 C CBA . 17X B 2 .   ? -5.980  7.973   -0.661  1.00 22.17 ? 201 17X B CBA 1 
HETATM 1197 C CBB . 17X B 2 .   ? -7.220  7.677   -1.206  1.00 22.85 ? 201 17X B CBB 1 
HETATM 1198 C CBC . 17X B 2 .   ? -7.361  7.665   -2.552  1.00 25.11 ? 201 17X B CBC 1 
HETATM 1199 N NBF . 17X B 2 .   ? -8.428  7.414   -3.263  1.00 22.70 ? 201 17X B NBF 1 
HETATM 1200 C CBG . 17X B 2 .   ? -8.078  7.480   -4.555  1.00 25.54 ? 201 17X B CBG 1 
HETATM 1201 C CBI . 17X B 2 .   ? -9.008  7.287   -5.512  1.00 27.01 ? 201 17X B CBI 1 
HETATM 1202 C CBJ . 17X B 2 .   ? -9.889  6.165   -5.437  1.00 26.54 ? 201 17X B CBJ 1 
HETATM 1203 C CBK . 17X B 2 .   ? -10.892 6.000   -6.440  1.00 26.72 ? 201 17X B CBK 1 
HETATM 1204 C CBL . 17X B 2 .   ? -11.031 6.938   -7.484  1.00 21.88 ? 201 17X B CBL 1 
HETATM 1205 C CBM . 17X B 2 .   ? -10.176 8.053   -7.524  1.00 21.83 ? 201 17X B CBM 1 
HETATM 1206 C CBN . 17X B 2 .   ? -9.190  8.238   -6.540  1.00 22.46 ? 201 17X B CBN 1 
HETATM 1207 O O   . HOH C 3 .   ? -4.314  -2.063  0.072   1.00 17.54 ? 301 HOH B O   1 
HETATM 1208 O O   . HOH C 3 .   ? -3.505  -3.553  2.129   1.00 23.32 ? 302 HOH B O   1 
HETATM 1209 O O   . HOH C 3 .   ? -15.169 -2.757  -4.632  1.00 20.93 ? 303 HOH B O   1 
HETATM 1210 O O   . HOH C 3 .   ? -6.318  -7.677  3.980   1.00 19.86 ? 304 HOH B O   1 
HETATM 1211 O O   . HOH C 3 .   ? -14.859 9.353   15.582  1.00 25.00 ? 305 HOH B O   1 
HETATM 1212 O O   . HOH C 3 .   ? 10.603  -10.977 5.520   1.00 38.30 ? 306 HOH B O   1 
HETATM 1213 O O   . HOH C 3 .   ? -13.906 -5.221  -4.395  1.00 27.09 ? 307 HOH B O   1 
HETATM 1214 O O   . HOH C 3 .   ? 8.293   3.983   -5.979  1.00 25.53 ? 308 HOH B O   1 
HETATM 1215 O O   . HOH C 3 .   ? -23.194 2.568   -2.041  1.00 29.24 ? 309 HOH B O   1 
HETATM 1216 O O   . HOH C 3 .   ? -18.554 14.851  -1.990  1.00 23.04 ? 310 HOH B O   1 
HETATM 1217 O O   . HOH C 3 .   ? 5.692   -18.999 7.034   1.00 31.77 ? 311 HOH B O   1 
HETATM 1218 O O   . HOH C 3 .   ? -16.874 -2.633  -2.589  1.00 28.51 ? 312 HOH B O   1 
HETATM 1219 O O   . HOH C 3 .   ? -7.774  5.678   9.216   1.00 28.69 ? 313 HOH B O   1 
HETATM 1220 O O   . HOH C 3 .   ? 10.254  -7.961  10.744  1.00 28.67 ? 314 HOH B O   1 
HETATM 1221 O O   . HOH C 3 .   ? 4.031   -11.544 8.837   1.00 28.54 ? 315 HOH B O   1 
HETATM 1222 O O   . HOH C 3 .   ? -1.671  -13.741 -1.406  1.00 26.74 ? 316 HOH B O   1 
HETATM 1223 O O   . HOH C 3 .   ? -17.043 16.380  -3.056  1.00 41.66 ? 317 HOH B O   1 
HETATM 1224 O O   . HOH C 3 .   ? -13.517 14.167  -6.915  1.00 34.08 ? 318 HOH B O   1 
HETATM 1225 O O   . HOH C 3 .   ? 5.418   -3.816  -9.509  1.00 30.97 ? 319 HOH B O   1 
HETATM 1226 O O   . HOH C 3 .   ? -6.400  11.927  -9.711  1.00 47.45 ? 320 HOH B O   1 
HETATM 1227 O O   . HOH C 3 .   ? -1.524  11.663  -15.261 1.00 46.17 ? 321 HOH B O   1 
HETATM 1228 O O   . HOH C 3 .   ? -1.933  -13.432 1.244   1.00 29.72 ? 322 HOH B O   1 
HETATM 1229 O O   . HOH C 3 .   ? -3.357  18.818  -7.305  1.00 45.08 ? 323 HOH B O   1 
HETATM 1230 O O   . HOH C 3 .   ? -11.604 -6.592  -4.242  1.00 41.98 ? 324 HOH B O   1 
HETATM 1231 O O   . HOH C 3 .   ? -8.083  -10.311 -0.108  1.00 43.85 ? 325 HOH B O   1 
HETATM 1232 O O   . HOH C 3 .   ? -25.016 -0.521  -5.310  1.00 33.02 ? 326 HOH B O   1 
HETATM 1233 O O   . HOH C 3 .   ? -0.535  -7.478  0.818   1.00 37.65 ? 327 HOH B O   1 
HETATM 1234 O O   . HOH C 3 .   ? 15.708  -19.155 -0.299  1.00 27.61 ? 328 HOH B O   1 
HETATM 1235 O O   . HOH C 3 .   ? -12.078 -11.622 7.298   1.00 44.81 ? 329 HOH B O   1 
HETATM 1236 O O   . HOH C 3 .   ? -9.135  -1.702  10.034  1.00 25.90 ? 330 HOH B O   1 
HETATM 1237 O O   . HOH C 3 .   ? 8.339   2.665   -8.025  1.00 29.11 ? 331 HOH B O   1 
HETATM 1238 O O   . HOH C 3 .   ? 14.772  -6.653  -13.968 1.00 46.48 ? 332 HOH B O   1 
HETATM 1239 O O   . HOH C 3 .   ? 7.367   7.274   -7.254  1.00 35.61 ? 333 HOH B O   1 
HETATM 1240 O O   . HOH C 3 .   ? -9.941  -7.088  -11.883 1.00 39.90 ? 334 HOH B O   1 
HETATM 1241 O O   . HOH C 3 .   ? -6.174  -10.975 1.989   1.00 30.09 ? 335 HOH B O   1 
HETATM 1242 O O   . HOH C 3 .   ? -1.932  2.148   9.863   1.00 37.96 ? 336 HOH B O   1 
HETATM 1243 O O   . HOH C 3 .   ? 6.094   4.289   -0.725  1.00 34.94 ? 337 HOH B O   1 
HETATM 1244 O O   . HOH C 3 .   ? 16.226  -15.514 7.391   1.00 35.05 ? 338 HOH B O   1 
HETATM 1245 O O   . HOH C 3 .   ? 3.125   -9.298  8.231   1.00 33.06 ? 339 HOH B O   1 
HETATM 1246 O O   . HOH C 3 .   ? -21.206 -4.218  -5.575  1.00 34.88 ? 340 HOH B O   1 
HETATM 1247 O O   . HOH C 3 .   ? 1.923   -8.327  6.512   1.00 31.96 ? 341 HOH B O   1 
HETATM 1248 O O   . HOH C 3 .   ? -6.674  19.022  -1.993  1.00 28.46 ? 342 HOH B O   1 
HETATM 1249 O O   . HOH C 3 .   ? 17.337  -13.235 7.845   1.00 23.42 ? 343 HOH B O   1 
HETATM 1250 O O   . HOH C 3 .   ? -18.900 0.265   3.473   1.00 32.48 ? 344 HOH B O   1 
HETATM 1251 O O   . HOH C 3 .   ? 2.433   -7.170  10.362  1.00 25.34 ? 345 HOH B O   1 
HETATM 1252 O O   . HOH C 3 .   ? -5.789  -13.746 0.812   1.00 38.39 ? 346 HOH B O   1 
HETATM 1253 O O   . HOH C 3 .   ? -12.722 -6.931  1.118   1.00 39.23 ? 347 HOH B O   1 
# 
loop_
_pdbx_poly_seq_scheme.asym_id 
_pdbx_poly_seq_scheme.entity_id 
_pdbx_poly_seq_scheme.seq_id 
_pdbx_poly_seq_scheme.mon_id 
_pdbx_poly_seq_scheme.ndb_seq_num 
_pdbx_poly_seq_scheme.pdb_seq_num 
_pdbx_poly_seq_scheme.auth_seq_num 
_pdbx_poly_seq_scheme.pdb_mon_id 
_pdbx_poly_seq_scheme.auth_mon_id 
_pdbx_poly_seq_scheme.pdb_strand_id 
_pdbx_poly_seq_scheme.pdb_ins_code 
_pdbx_poly_seq_scheme.hetero 
A 1 1   GLY 1   -1  ?   ?   ?   B . n 
A 1 2   SER 2   0   ?   ?   ?   B . n 
A 1 3   MET 3   1   ?   ?   ?   B . n 
A 1 4   SER 4   2   ?   ?   ?   B . n 
A 1 5   ALA 5   3   ?   ?   ?   B . n 
A 1 6   LYS 6   4   4   LYS LYS B . n 
A 1 7   ASP 7   5   5   ASP ASP B . n 
A 1 8   GLU 8   6   6   GLU GLU B . n 
A 1 9   ARG 9   7   7   ARG ARG B . n 
A 1 10  ALA 10  8   8   ALA ALA B . n 
A 1 11  ARG 11  9   9   ARG ARG B . n 
A 1 12  GLU 12  10  10  GLU GLU B . n 
A 1 13  ILE 13  11  11  ILE ILE B . n 
A 1 14  LEU 14  12  12  LEU LEU B . n 
A 1 15  ARG 15  13  13  ARG ARG B . n 
A 1 16  GLY 16  14  14  GLY GLY B . n 
A 1 17  PHE 17  15  15  PHE PHE B . n 
A 1 18  LYS 18  16  16  LYS LYS B . n 
A 1 19  LEU 19  17  17  LEU LEU B . n 
A 1 20  ASN 20  18  18  ASN ASN B . n 
A 1 21  TRP 21  19  19  TRP TRP B . n 
A 1 22  MET 22  20  20  MET MET B . n 
A 1 23  ASN 23  21  21  ASN ASN B . n 
A 1 24  LEU 24  22  22  LEU LEU B . n 
A 1 25  ARG 25  23  23  ARG ARG B . n 
A 1 26  ASP 26  24  24  ASP ASP B . n 
A 1 27  ALA 27  25  25  ALA ALA B . n 
A 1 28  GLU 28  26  26  GLU ALA B . n 
A 1 29  THR 29  27  27  THR THR B . n 
A 1 30  GLY 30  28  28  GLY GLY B . n 
A 1 31  LYS 31  29  29  LYS LYS B . n 
A 1 32  ILE 32  30  30  ILE ILE B . n 
A 1 33  LEU 33  31  31  LEU LEU B . n 
A 1 34  TRP 34  32  32  TRP TRP B . n 
A 1 35  GLN 35  33  33  GLN GLN B . n 
A 1 36  GLY 36  34  34  GLY GLY B . n 
A 1 37  THR 37  35  35  THR THR B . n 
A 1 38  GLU 38  36  36  GLU GLU B . n 
A 1 39  ASP 39  37  37  ASP ASP B . n 
A 1 40  LEU 40  38  38  LEU LEU B . n 
A 1 41  SER 41  39  39  SER SER B . n 
A 1 42  VAL 42  40  40  VAL VAL B . n 
A 1 43  PRO 43  41  41  PRO PRO B . n 
A 1 44  GLY 44  42  42  GLY GLY B . n 
A 1 45  VAL 45  43  43  VAL VAL B . n 
A 1 46  GLU 46  44  44  GLU GLU B . n 
A 1 47  HIS 47  45  45  HIS HIS B . n 
A 1 48  GLU 48  46  46  GLU GLU B . n 
A 1 49  ALA 49  47  47  ALA ALA B . n 
A 1 50  ARG 50  48  48  ARG ARG B . n 
A 1 51  VAL 51  49  49  VAL VAL B . n 
A 1 52  PRO 52  50  50  PRO PRO B . n 
A 1 53  LYS 53  51  51  LYS LYS B . n 
A 1 54  LYS 54  52  52  LYS LYS B . n 
A 1 55  ILE 55  53  53  ILE ILE B . n 
A 1 56  LEU 56  54  54  LEU LEU B . n 
A 1 57  LYS 57  55  55  LYS LYS B . n 
A 1 58  CYS 58  56  56  CYS CYS B . n 
A 1 59  LYS 59  57  57  LYS LYS B . n 
A 1 60  ALA 60  58  58  ALA ALA B . n 
A 1 61  VAL 61  59  59  VAL VAL B . n 
A 1 62  SER 62  60  60  SER SER B . n 
A 1 63  ARG 63  61  61  ARG ARG B . n 
A 1 64  GLU 64  62  62  GLU GLU B . n 
A 1 65  LEU 65  63  63  LEU LEU B . n 
A 1 66  ASN 66  64  64  ASN ASN B . n 
A 1 67  PHE 67  65  65  PHE PHE B . n 
A 1 68  SER 68  66  66  SER SER B . n 
A 1 69  SER 69  67  67  SER SER B . n 
A 1 70  THR 70  68  68  THR THR B . n 
A 1 71  GLU 71  69  69  GLU GLU B . n 
A 1 72  GLN 72  70  70  GLN GLN B . n 
A 1 73  MET 73  71  71  MET MET B . n 
A 1 74  GLU 74  72  72  GLU GLU B . n 
A 1 75  LYS 75  73  73  LYS LYS B . n 
A 1 76  PHE 76  74  74  PHE PHE B . n 
A 1 77  ARG 77  75  75  ARG ARG B . n 
A 1 78  LEU 78  76  76  LEU LEU B . n 
A 1 79  GLU 79  77  77  GLU GLU B . n 
A 1 80  GLN 80  78  78  GLN GLN B . n 
A 1 81  LYS 81  79  79  LYS LYS B . n 
A 1 82  VAL 82  80  80  VAL VAL B . n 
A 1 83  TYR 83  81  81  TYR TYR B . n 
A 1 84  PHE 84  82  82  PHE PHE B . n 
A 1 85  LYS 85  83  83  LYS LYS B . n 
A 1 86  GLY 86  84  84  GLY GLY B . n 
A 1 87  GLN 87  85  85  GLN GLN B . n 
A 1 88  CYS 88  86  86  CYS CYS B . n 
A 1 89  LEU 89  87  87  LEU LEU B . n 
A 1 90  GLU 90  88  88  GLU GLU B . n 
A 1 91  GLU 91  89  89  GLU GLU B . n 
A 1 92  TRP 92  90  90  TRP TRP B . n 
A 1 93  PHE 93  91  91  PHE PHE B . n 
A 1 94  PHE 94  92  92  PHE PHE B . n 
A 1 95  GLU 95  93  93  GLU GLU B . n 
A 1 96  PHE 96  94  94  PHE PHE B . n 
A 1 97  GLY 97  95  95  GLY GLY B . n 
A 1 98  PHE 98  96  96  PHE PHE B . n 
A 1 99  VAL 99  97  97  VAL VAL B . n 
A 1 100 ILE 100 98  98  ILE ILE B . n 
A 1 101 PRO 101 99  99  PRO PRO B . n 
A 1 102 ASN 102 100 100 ASN ASN B . n 
A 1 103 SER 103 101 101 SER SER B . n 
A 1 104 THR 104 102 102 THR THR B . n 
A 1 105 ASN 105 103 103 ASN ASN B . n 
A 1 106 THR 106 104 104 THR THR B . n 
A 1 107 TRP 107 105 105 TRP TRP B . n 
A 1 108 GLN 108 106 106 GLN GLN B . n 
A 1 109 SER 109 107 107 SER SER B . n 
A 1 110 LEU 110 108 108 LEU LEU B . n 
A 1 111 ILE 111 109 109 ILE ILE B . n 
A 1 112 GLU 112 110 110 GLU GLU B . n 
A 1 113 ALA 113 111 111 ALA ALA B . n 
A 1 114 ALA 114 112 ?   ?   ?   B . n 
A 1 115 PRO 115 113 ?   ?   ?   B . n 
A 1 116 GLU 116 114 ?   ?   ?   B . n 
A 1 117 SER 117 115 ?   ?   ?   B . n 
A 1 118 GLN 118 116 ?   ?   ?   B . n 
A 1 119 MET 119 117 ?   ?   ?   B . n 
A 1 120 MET 120 118 118 MET MET B . n 
A 1 121 PRO 121 119 119 PRO PRO B . n 
A 1 122 ALA 122 120 120 ALA ALA B . n 
A 1 123 SER 123 121 121 SER SER B . n 
A 1 124 VAL 124 122 122 VAL VAL B . n 
A 1 125 LEU 125 123 123 LEU LEU B . n 
A 1 126 THR 126 124 124 THR THR B . n 
A 1 127 GLY 127 125 125 GLY GLY B . n 
A 1 128 ASN 128 126 126 ASN ASN B . n 
A 1 129 VAL 129 127 127 VAL VAL B . n 
A 1 130 ILE 130 128 128 ILE ILE B . n 
A 1 131 ILE 131 129 129 ILE ILE B . n 
A 1 132 GLU 132 130 130 GLU GLU B . n 
A 1 133 THR 133 131 131 THR THR B . n 
A 1 134 LYS 134 132 132 LYS LYS B . n 
A 1 135 PHE 135 133 133 PHE PHE B . n 
A 1 136 PHE 136 134 134 PHE PHE B . n 
A 1 137 ASP 137 135 135 ASP ASP B . n 
A 1 138 ASP 138 136 136 ASP ASP B . n 
A 1 139 ASP 139 137 137 ASP ASP B . n 
A 1 140 LEU 140 138 138 LEU LEU B . n 
A 1 141 LEU 141 139 139 LEU LEU B . n 
A 1 142 VAL 142 140 140 VAL VAL B . n 
A 1 143 SER 143 141 141 SER SER B . n 
A 1 144 THR 144 142 142 THR THR B . n 
A 1 145 SER 145 143 143 SER SER B . n 
A 1 146 ARG 146 144 144 ARG ARG B . n 
A 1 147 VAL 147 145 145 VAL VAL B . n 
A 1 148 ARG 148 146 146 ARG ARG B . n 
A 1 149 LEU 149 147 147 LEU LEU B . n 
A 1 150 PHE 150 148 148 PHE PHE B . n 
A 1 151 TYR 151 149 149 TYR TYR B . n 
A 1 152 VAL 152 150 150 VAL VAL B . n 
# 
loop_
_pdbx_nonpoly_scheme.asym_id 
_pdbx_nonpoly_scheme.entity_id 
_pdbx_nonpoly_scheme.mon_id 
_pdbx_nonpoly_scheme.ndb_seq_num 
_pdbx_nonpoly_scheme.pdb_seq_num 
_pdbx_nonpoly_scheme.auth_seq_num 
_pdbx_nonpoly_scheme.pdb_mon_id 
_pdbx_nonpoly_scheme.auth_mon_id 
_pdbx_nonpoly_scheme.pdb_strand_id 
_pdbx_nonpoly_scheme.pdb_ins_code 
B 2 17X 1  201 1  17X DRG B . 
C 3 HOH 1  301 4  HOH HOH B . 
C 3 HOH 2  302 6  HOH HOH B . 
C 3 HOH 3  303 7  HOH HOH B . 
C 3 HOH 4  304 8  HOH HOH B . 
C 3 HOH 5  305 9  HOH HOH B . 
C 3 HOH 6  306 11 HOH HOH B . 
C 3 HOH 7  307 12 HOH HOH B . 
C 3 HOH 8  308 13 HOH HOH B . 
C 3 HOH 9  309 14 HOH HOH B . 
C 3 HOH 10 310 15 HOH HOH B . 
C 3 HOH 11 311 16 HOH HOH B . 
C 3 HOH 12 312 17 HOH HOH B . 
C 3 HOH 13 313 18 HOH HOH B . 
C 3 HOH 14 314 19 HOH HOH B . 
C 3 HOH 15 315 20 HOH HOH B . 
C 3 HOH 16 316 22 HOH HOH B . 
C 3 HOH 17 317 23 HOH HOH B . 
C 3 HOH 18 318 24 HOH HOH B . 
C 3 HOH 19 319 25 HOH HOH B . 
C 3 HOH 20 320 26 HOH HOH B . 
C 3 HOH 21 321 27 HOH HOH B . 
C 3 HOH 22 322 28 HOH HOH B . 
C 3 HOH 23 323 29 HOH HOH B . 
C 3 HOH 24 324 30 HOH HOH B . 
C 3 HOH 25 325 31 HOH HOH B . 
C 3 HOH 26 326 32 HOH HOH B . 
C 3 HOH 27 327 34 HOH HOH B . 
C 3 HOH 28 328 36 HOH HOH B . 
C 3 HOH 29 329 38 HOH HOH B . 
C 3 HOH 30 330 39 HOH HOH B . 
C 3 HOH 31 331 40 HOH HOH B . 
C 3 HOH 32 332 41 HOH HOH B . 
C 3 HOH 33 333 43 HOH HOH B . 
C 3 HOH 34 334 46 HOH HOH B . 
C 3 HOH 35 335 47 HOH HOH B . 
C 3 HOH 36 336 49 HOH HOH B . 
C 3 HOH 37 337 50 HOH HOH B . 
C 3 HOH 38 338 52 HOH HOH B . 
C 3 HOH 39 339 53 HOH HOH B . 
C 3 HOH 40 340 54 HOH HOH B . 
C 3 HOH 41 341 55 HOH HOH B . 
C 3 HOH 42 342 57 HOH HOH B . 
C 3 HOH 43 343 58 HOH HOH B . 
C 3 HOH 44 344 61 HOH HOH B . 
C 3 HOH 45 345 62 HOH HOH B . 
C 3 HOH 46 346 63 HOH HOH B . 
C 3 HOH 47 347 64 HOH HOH B . 
# 
_pdbx_struct_assembly.id                   1 
_pdbx_struct_assembly.details              author_and_software_defined_assembly 
_pdbx_struct_assembly.method_details       PISA 
_pdbx_struct_assembly.oligomeric_details   monomeric 
_pdbx_struct_assembly.oligomeric_count     1 
# 
_pdbx_struct_assembly_gen.assembly_id       1 
_pdbx_struct_assembly_gen.oper_expression   1 
_pdbx_struct_assembly_gen.asym_id_list      A,B,C 
# 
_pdbx_struct_oper_list.id                   1 
_pdbx_struct_oper_list.type                 'identity operation' 
_pdbx_struct_oper_list.name                 1_555 
_pdbx_struct_oper_list.symmetry_operation   x,y,z 
_pdbx_struct_oper_list.matrix[1][1]         1.0000000000 
_pdbx_struct_oper_list.matrix[1][2]         0.0000000000 
_pdbx_struct_oper_list.matrix[1][3]         0.0000000000 
_pdbx_struct_oper_list.vector[1]            0.0000000000 
_pdbx_struct_oper_list.matrix[2][1]         0.0000000000 
_pdbx_struct_oper_list.matrix[2][2]         1.0000000000 
_pdbx_struct_oper_list.matrix[2][3]         0.0000000000 
_pdbx_struct_oper_list.vector[2]            0.0000000000 
_pdbx_struct_oper_list.matrix[3][1]         0.0000000000 
_pdbx_struct_oper_list.matrix[3][2]         0.0000000000 
_pdbx_struct_oper_list.matrix[3][3]         1.0000000000 
_pdbx_struct_oper_list.vector[3]            0.0000000000 
# 
loop_
_pdbx_audit_revision_history.ordinal 
_pdbx_audit_revision_history.data_content_type 
_pdbx_audit_revision_history.major_revision 
_pdbx_audit_revision_history.minor_revision 
_pdbx_audit_revision_history.revision_date 
1 'Structure model' 1 0 2013-05-22 
2 'Structure model' 1 1 2013-06-05 
3 'Structure model' 1 2 2017-11-15 
4 'Structure model' 1 3 2023-09-20 
# 
_pdbx_audit_revision_details.ordinal             1 
_pdbx_audit_revision_details.revision_ordinal    1 
_pdbx_audit_revision_details.data_content_type   'Structure model' 
_pdbx_audit_revision_details.provider            repository 
_pdbx_audit_revision_details.type                'Initial release' 
_pdbx_audit_revision_details.description         ? 
_pdbx_audit_revision_details.details             ? 
# 
loop_
_pdbx_audit_revision_group.ordinal 
_pdbx_audit_revision_group.revision_ordinal 
_pdbx_audit_revision_group.data_content_type 
_pdbx_audit_revision_group.group 
1 2 'Structure model' 'Database references'    
2 3 'Structure model' 'Refinement description' 
3 4 'Structure model' 'Data collection'        
4 4 'Structure model' 'Database references'    
5 4 'Structure model' 'Derived calculations'   
6 4 'Structure model' 'Refinement description' 
# 
loop_
_pdbx_audit_revision_category.ordinal 
_pdbx_audit_revision_category.revision_ordinal 
_pdbx_audit_revision_category.data_content_type 
_pdbx_audit_revision_category.category 
1 3 'Structure model' software                      
2 4 'Structure model' chem_comp_atom                
3 4 'Structure model' chem_comp_bond                
4 4 'Structure model' database_2                    
5 4 'Structure model' pdbx_initial_refinement_model 
6 4 'Structure model' struct_ref_seq_dif            
7 4 'Structure model' struct_site                   
# 
loop_
_pdbx_audit_revision_item.ordinal 
_pdbx_audit_revision_item.revision_ordinal 
_pdbx_audit_revision_item.data_content_type 
_pdbx_audit_revision_item.item 
1 3 'Structure model' '_software.name'                      
2 4 'Structure model' '_database_2.pdbx_DOI'                
3 4 'Structure model' '_database_2.pdbx_database_accession' 
4 4 'Structure model' '_struct_ref_seq_dif.details'         
5 4 'Structure model' '_struct_site.pdbx_auth_asym_id'      
6 4 'Structure model' '_struct_site.pdbx_auth_comp_id'      
7 4 'Structure model' '_struct_site.pdbx_auth_seq_id'       
# 
loop_
_software.name 
_software.classification 
_software.version 
_software.citation_id 
_software.pdbx_ordinal 
ProDC  'data collection' .        ? 1 
MOLREP phasing           .        ? 2 
REFMAC refinement        5.6.0093 ? 3 
XDS    'data reduction'  .        ? 4 
XSCALE 'data scaling'    .        ? 5 
# 
_pdbx_validate_close_contact.id               1 
_pdbx_validate_close_contact.PDB_model_num    1 
_pdbx_validate_close_contact.auth_atom_id_1   NE 
_pdbx_validate_close_contact.auth_asym_id_1   B 
_pdbx_validate_close_contact.auth_comp_id_1   ARG 
_pdbx_validate_close_contact.auth_seq_id_1    144 
_pdbx_validate_close_contact.PDB_ins_code_1   ? 
_pdbx_validate_close_contact.label_alt_id_1   ? 
_pdbx_validate_close_contact.auth_atom_id_2   O 
_pdbx_validate_close_contact.auth_asym_id_2   B 
_pdbx_validate_close_contact.auth_comp_id_2   HOH 
_pdbx_validate_close_contact.auth_seq_id_2    325 
_pdbx_validate_close_contact.PDB_ins_code_2   ? 
_pdbx_validate_close_contact.label_alt_id_2   ? 
_pdbx_validate_close_contact.dist             2.18 
# 
_pdbx_validate_rmsd_angle.id                         1 
_pdbx_validate_rmsd_angle.PDB_model_num              1 
_pdbx_validate_rmsd_angle.auth_atom_id_1             CG 
_pdbx_validate_rmsd_angle.auth_asym_id_1             B 
_pdbx_validate_rmsd_angle.auth_comp_id_1             ARG 
_pdbx_validate_rmsd_angle.auth_seq_id_1              13 
_pdbx_validate_rmsd_angle.PDB_ins_code_1             ? 
_pdbx_validate_rmsd_angle.label_alt_id_1             ? 
_pdbx_validate_rmsd_angle.auth_atom_id_2             CD 
_pdbx_validate_rmsd_angle.auth_asym_id_2             B 
_pdbx_validate_rmsd_angle.auth_comp_id_2             ARG 
_pdbx_validate_rmsd_angle.auth_seq_id_2              13 
_pdbx_validate_rmsd_angle.PDB_ins_code_2             ? 
_pdbx_validate_rmsd_angle.label_alt_id_2             ? 
_pdbx_validate_rmsd_angle.auth_atom_id_3             NE 
_pdbx_validate_rmsd_angle.auth_asym_id_3             B 
_pdbx_validate_rmsd_angle.auth_comp_id_3             ARG 
_pdbx_validate_rmsd_angle.auth_seq_id_3              13 
_pdbx_validate_rmsd_angle.PDB_ins_code_3             ? 
_pdbx_validate_rmsd_angle.label_alt_id_3             ? 
_pdbx_validate_rmsd_angle.angle_value                97.73 
_pdbx_validate_rmsd_angle.angle_target_value         111.80 
_pdbx_validate_rmsd_angle.angle_deviation            -14.07 
_pdbx_validate_rmsd_angle.angle_standard_deviation   2.10 
_pdbx_validate_rmsd_angle.linker_flag                N 
# 
_pdbx_validate_torsion.id              1 
_pdbx_validate_torsion.PDB_model_num   1 
_pdbx_validate_torsion.auth_comp_id    ASP 
_pdbx_validate_torsion.auth_asym_id    B 
_pdbx_validate_torsion.auth_seq_id     136 
_pdbx_validate_torsion.PDB_ins_code    ? 
_pdbx_validate_torsion.label_alt_id    ? 
_pdbx_validate_torsion.phi             52.39 
_pdbx_validate_torsion.psi             -114.44 
# 
_pdbx_validate_peptide_omega.id               1 
_pdbx_validate_peptide_omega.PDB_model_num    1 
_pdbx_validate_peptide_omega.auth_comp_id_1   PHE 
_pdbx_validate_peptide_omega.auth_asym_id_1   B 
_pdbx_validate_peptide_omega.auth_seq_id_1    134 
_pdbx_validate_peptide_omega.PDB_ins_code_1   ? 
_pdbx_validate_peptide_omega.label_alt_id_1   ? 
_pdbx_validate_peptide_omega.auth_comp_id_2   ASP 
_pdbx_validate_peptide_omega.auth_asym_id_2   B 
_pdbx_validate_peptide_omega.auth_seq_id_2    135 
_pdbx_validate_peptide_omega.PDB_ins_code_2   ? 
_pdbx_validate_peptide_omega.label_alt_id_2   ? 
_pdbx_validate_peptide_omega.omega            147.48 
# 
loop_
_pdbx_unobs_or_zero_occ_atoms.id 
_pdbx_unobs_or_zero_occ_atoms.PDB_model_num 
_pdbx_unobs_or_zero_occ_atoms.polymer_flag 
_pdbx_unobs_or_zero_occ_atoms.occupancy_flag 
_pdbx_unobs_or_zero_occ_atoms.auth_asym_id 
_pdbx_unobs_or_zero_occ_atoms.auth_comp_id 
_pdbx_unobs_or_zero_occ_atoms.auth_seq_id 
_pdbx_unobs_or_zero_occ_atoms.PDB_ins_code 
_pdbx_unobs_or_zero_occ_atoms.auth_atom_id 
_pdbx_unobs_or_zero_occ_atoms.label_alt_id 
_pdbx_unobs_or_zero_occ_atoms.label_asym_id 
_pdbx_unobs_or_zero_occ_atoms.label_comp_id 
_pdbx_unobs_or_zero_occ_atoms.label_seq_id 
_pdbx_unobs_or_zero_occ_atoms.label_atom_id 
1 1 Y 1 B GLU 26 ? CG  ? A GLU 28 CG  
2 1 Y 1 B GLU 26 ? CD  ? A GLU 28 CD  
3 1 Y 1 B GLU 26 ? OE1 ? A GLU 28 OE1 
4 1 Y 1 B GLU 26 ? OE2 ? A GLU 28 OE2 
# 
loop_
_pdbx_unobs_or_zero_occ_residues.id 
_pdbx_unobs_or_zero_occ_residues.PDB_model_num 
_pdbx_unobs_or_zero_occ_residues.polymer_flag 
_pdbx_unobs_or_zero_occ_residues.occupancy_flag 
_pdbx_unobs_or_zero_occ_residues.auth_asym_id 
_pdbx_unobs_or_zero_occ_residues.auth_comp_id 
_pdbx_unobs_or_zero_occ_residues.auth_seq_id 
_pdbx_unobs_or_zero_occ_residues.PDB_ins_code 
_pdbx_unobs_or_zero_occ_residues.label_asym_id 
_pdbx_unobs_or_zero_occ_residues.label_comp_id 
_pdbx_unobs_or_zero_occ_residues.label_seq_id 
1  1 Y 1 B GLY -1  ? A GLY 1   
2  1 Y 1 B SER 0   ? A SER 2   
3  1 Y 1 B MET 1   ? A MET 3   
4  1 Y 1 B SER 2   ? A SER 4   
5  1 Y 1 B ALA 3   ? A ALA 5   
6  1 Y 1 B ALA 112 ? A ALA 114 
7  1 Y 1 B PRO 113 ? A PRO 115 
8  1 Y 1 B GLU 114 ? A GLU 116 
9  1 Y 1 B SER 115 ? A SER 117 
10 1 Y 1 B GLN 116 ? A GLN 118 
11 1 Y 1 B MET 117 ? A MET 119 
# 
loop_
_chem_comp_atom.comp_id 
_chem_comp_atom.atom_id 
_chem_comp_atom.type_symbol 
_chem_comp_atom.pdbx_aromatic_flag 
_chem_comp_atom.pdbx_stereo_config 
_chem_comp_atom.pdbx_ordinal 
17X CAI  C Y N 1   
17X CAJ  C Y N 2   
17X CAK  C Y N 3   
17X CAL  C Y N 4   
17X CAM  C Y N 5   
17X CAH  C Y N 6   
17X CAG  C N N 7   
17X NAD  N Y N 8   
17X CAC  C Y N 9   
17X CAF  C Y N 10  
17X CAE  C Y N 11  
17X CAX  C Y N 12  
17X CAW  C Y N 13  
17X CAV  C Y N 14  
17X NAY  N Y N 15  
17X CAB  C Y N 16  
17X NAA  N N N 17  
17X CAR  C N N 18  
17X CAQ  C N N 19  
17X CAN  C N N 20  
17X CAO  C N N 21  
17X CAP  C N N 22  
17X CAS  C N N 23  
17X OAT  O N N 24  
17X OAU  O N N 25  
17X CBP  C N N 26  
17X CBO  C N S 27  
17X CBQ  C N N 28  
17X CBR  C N N 29  
17X CBS  C N N 30  
17X NBV  N N N 31  
17X CBT  C N N 32  
17X CBU  C N N 33  
17X NBH  N Y N 34  
17X CBD  C Y N 35  
17X CBE  C Y N 36  
17X CAZ  C Y N 37  
17X CBA  C Y N 38  
17X CBB  C Y N 39  
17X CBC  C Y N 40  
17X NBF  N Y N 41  
17X CBG  C Y N 42  
17X CBI  C Y N 43  
17X CBJ  C Y N 44  
17X CBK  C Y N 45  
17X CBL  C Y N 46  
17X CBM  C Y N 47  
17X CBN  C Y N 48  
17X H1   H N N 49  
17X H2   H N N 50  
17X H3   H N N 51  
17X H4   H N N 52  
17X H5   H N N 53  
17X H6   H N N 54  
17X H7   H N N 55  
17X H8   H N N 56  
17X H9   H N N 57  
17X H10  H N N 58  
17X H11  H N N 59  
17X H12  H N N 60  
17X H13  H N N 61  
17X H14  H N N 62  
17X H15  H N N 63  
17X H16  H N N 64  
17X H17  H N N 65  
17X H18  H N N 66  
17X H19  H N N 67  
17X H20  H N N 68  
17X H21  H N N 69  
17X H22  H N N 70  
17X H23  H N N 71  
17X H24  H N N 72  
17X H25  H N N 73  
17X H26  H N N 74  
17X H27  H N N 75  
17X H28  H N N 76  
17X H29  H N N 77  
17X H31  H N N 78  
17X H32  H N N 79  
17X H33  H N N 80  
17X H34  H N N 81  
17X H35  H N N 82  
17X H36  H N N 83  
17X H37  H N N 84  
17X H38  H N N 85  
17X H39  H N N 86  
17X H40  H N N 87  
17X H41  H N N 88  
17X H42  H N N 89  
17X H43  H N N 90  
ALA N    N N N 91  
ALA CA   C N S 92  
ALA C    C N N 93  
ALA O    O N N 94  
ALA CB   C N N 95  
ALA OXT  O N N 96  
ALA H    H N N 97  
ALA H2   H N N 98  
ALA HA   H N N 99  
ALA HB1  H N N 100 
ALA HB2  H N N 101 
ALA HB3  H N N 102 
ALA HXT  H N N 103 
ARG N    N N N 104 
ARG CA   C N S 105 
ARG C    C N N 106 
ARG O    O N N 107 
ARG CB   C N N 108 
ARG CG   C N N 109 
ARG CD   C N N 110 
ARG NE   N N N 111 
ARG CZ   C N N 112 
ARG NH1  N N N 113 
ARG NH2  N N N 114 
ARG OXT  O N N 115 
ARG H    H N N 116 
ARG H2   H N N 117 
ARG HA   H N N 118 
ARG HB2  H N N 119 
ARG HB3  H N N 120 
ARG HG2  H N N 121 
ARG HG3  H N N 122 
ARG HD2  H N N 123 
ARG HD3  H N N 124 
ARG HE   H N N 125 
ARG HH11 H N N 126 
ARG HH12 H N N 127 
ARG HH21 H N N 128 
ARG HH22 H N N 129 
ARG HXT  H N N 130 
ASN N    N N N 131 
ASN CA   C N S 132 
ASN C    C N N 133 
ASN O    O N N 134 
ASN CB   C N N 135 
ASN CG   C N N 136 
ASN OD1  O N N 137 
ASN ND2  N N N 138 
ASN OXT  O N N 139 
ASN H    H N N 140 
ASN H2   H N N 141 
ASN HA   H N N 142 
ASN HB2  H N N 143 
ASN HB3  H N N 144 
ASN HD21 H N N 145 
ASN HD22 H N N 146 
ASN HXT  H N N 147 
ASP N    N N N 148 
ASP CA   C N S 149 
ASP C    C N N 150 
ASP O    O N N 151 
ASP CB   C N N 152 
ASP CG   C N N 153 
ASP OD1  O N N 154 
ASP OD2  O N N 155 
ASP OXT  O N N 156 
ASP H    H N N 157 
ASP H2   H N N 158 
ASP HA   H N N 159 
ASP HB2  H N N 160 
ASP HB3  H N N 161 
ASP HD2  H N N 162 
ASP HXT  H N N 163 
CYS N    N N N 164 
CYS CA   C N R 165 
CYS C    C N N 166 
CYS O    O N N 167 
CYS CB   C N N 168 
CYS SG   S N N 169 
CYS OXT  O N N 170 
CYS H    H N N 171 
CYS H2   H N N 172 
CYS HA   H N N 173 
CYS HB2  H N N 174 
CYS HB3  H N N 175 
CYS HG   H N N 176 
CYS HXT  H N N 177 
GLN N    N N N 178 
GLN CA   C N S 179 
GLN C    C N N 180 
GLN O    O N N 181 
GLN CB   C N N 182 
GLN CG   C N N 183 
GLN CD   C N N 184 
GLN OE1  O N N 185 
GLN NE2  N N N 186 
GLN OXT  O N N 187 
GLN H    H N N 188 
GLN H2   H N N 189 
GLN HA   H N N 190 
GLN HB2  H N N 191 
GLN HB3  H N N 192 
GLN HG2  H N N 193 
GLN HG3  H N N 194 
GLN HE21 H N N 195 
GLN HE22 H N N 196 
GLN HXT  H N N 197 
GLU N    N N N 198 
GLU CA   C N S 199 
GLU C    C N N 200 
GLU O    O N N 201 
GLU CB   C N N 202 
GLU CG   C N N 203 
GLU CD   C N N 204 
GLU OE1  O N N 205 
GLU OE2  O N N 206 
GLU OXT  O N N 207 
GLU H    H N N 208 
GLU H2   H N N 209 
GLU HA   H N N 210 
GLU HB2  H N N 211 
GLU HB3  H N N 212 
GLU HG2  H N N 213 
GLU HG3  H N N 214 
GLU HE2  H N N 215 
GLU HXT  H N N 216 
GLY N    N N N 217 
GLY CA   C N N 218 
GLY C    C N N 219 
GLY O    O N N 220 
GLY OXT  O N N 221 
GLY H    H N N 222 
GLY H2   H N N 223 
GLY HA2  H N N 224 
GLY HA3  H N N 225 
GLY HXT  H N N 226 
HIS N    N N N 227 
HIS CA   C N S 228 
HIS C    C N N 229 
HIS O    O N N 230 
HIS CB   C N N 231 
HIS CG   C Y N 232 
HIS ND1  N Y N 233 
HIS CD2  C Y N 234 
HIS CE1  C Y N 235 
HIS NE2  N Y N 236 
HIS OXT  O N N 237 
HIS H    H N N 238 
HIS H2   H N N 239 
HIS HA   H N N 240 
HIS HB2  H N N 241 
HIS HB3  H N N 242 
HIS HD1  H N N 243 
HIS HD2  H N N 244 
HIS HE1  H N N 245 
HIS HE2  H N N 246 
HIS HXT  H N N 247 
HOH O    O N N 248 
HOH H1   H N N 249 
HOH H2   H N N 250 
ILE N    N N N 251 
ILE CA   C N S 252 
ILE C    C N N 253 
ILE O    O N N 254 
ILE CB   C N S 255 
ILE CG1  C N N 256 
ILE CG2  C N N 257 
ILE CD1  C N N 258 
ILE OXT  O N N 259 
ILE H    H N N 260 
ILE H2   H N N 261 
ILE HA   H N N 262 
ILE HB   H N N 263 
ILE HG12 H N N 264 
ILE HG13 H N N 265 
ILE HG21 H N N 266 
ILE HG22 H N N 267 
ILE HG23 H N N 268 
ILE HD11 H N N 269 
ILE HD12 H N N 270 
ILE HD13 H N N 271 
ILE HXT  H N N 272 
LEU N    N N N 273 
LEU CA   C N S 274 
LEU C    C N N 275 
LEU O    O N N 276 
LEU CB   C N N 277 
LEU CG   C N N 278 
LEU CD1  C N N 279 
LEU CD2  C N N 280 
LEU OXT  O N N 281 
LEU H    H N N 282 
LEU H2   H N N 283 
LEU HA   H N N 284 
LEU HB2  H N N 285 
LEU HB3  H N N 286 
LEU HG   H N N 287 
LEU HD11 H N N 288 
LEU HD12 H N N 289 
LEU HD13 H N N 290 
LEU HD21 H N N 291 
LEU HD22 H N N 292 
LEU HD23 H N N 293 
LEU HXT  H N N 294 
LYS N    N N N 295 
LYS CA   C N S 296 
LYS C    C N N 297 
LYS O    O N N 298 
LYS CB   C N N 299 
LYS CG   C N N 300 
LYS CD   C N N 301 
LYS CE   C N N 302 
LYS NZ   N N N 303 
LYS OXT  O N N 304 
LYS H    H N N 305 
LYS H2   H N N 306 
LYS HA   H N N 307 
LYS HB2  H N N 308 
LYS HB3  H N N 309 
LYS HG2  H N N 310 
LYS HG3  H N N 311 
LYS HD2  H N N 312 
LYS HD3  H N N 313 
LYS HE2  H N N 314 
LYS HE3  H N N 315 
LYS HZ1  H N N 316 
LYS HZ2  H N N 317 
LYS HZ3  H N N 318 
LYS HXT  H N N 319 
MET N    N N N 320 
MET CA   C N S 321 
MET C    C N N 322 
MET O    O N N 323 
MET CB   C N N 324 
MET CG   C N N 325 
MET SD   S N N 326 
MET CE   C N N 327 
MET OXT  O N N 328 
MET H    H N N 329 
MET H2   H N N 330 
MET HA   H N N 331 
MET HB2  H N N 332 
MET HB3  H N N 333 
MET HG2  H N N 334 
MET HG3  H N N 335 
MET HE1  H N N 336 
MET HE2  H N N 337 
MET HE3  H N N 338 
MET HXT  H N N 339 
PHE N    N N N 340 
PHE CA   C N S 341 
PHE C    C N N 342 
PHE O    O N N 343 
PHE CB   C N N 344 
PHE CG   C Y N 345 
PHE CD1  C Y N 346 
PHE CD2  C Y N 347 
PHE CE1  C Y N 348 
PHE CE2  C Y N 349 
PHE CZ   C Y N 350 
PHE OXT  O N N 351 
PHE H    H N N 352 
PHE H2   H N N 353 
PHE HA   H N N 354 
PHE HB2  H N N 355 
PHE HB3  H N N 356 
PHE HD1  H N N 357 
PHE HD2  H N N 358 
PHE HE1  H N N 359 
PHE HE2  H N N 360 
PHE HZ   H N N 361 
PHE HXT  H N N 362 
PRO N    N N N 363 
PRO CA   C N S 364 
PRO C    C N N 365 
PRO O    O N N 366 
PRO CB   C N N 367 
PRO CG   C N N 368 
PRO CD   C N N 369 
PRO OXT  O N N 370 
PRO H    H N N 371 
PRO HA   H N N 372 
PRO HB2  H N N 373 
PRO HB3  H N N 374 
PRO HG2  H N N 375 
PRO HG3  H N N 376 
PRO HD2  H N N 377 
PRO HD3  H N N 378 
PRO HXT  H N N 379 
SER N    N N N 380 
SER CA   C N S 381 
SER C    C N N 382 
SER O    O N N 383 
SER CB   C N N 384 
SER OG   O N N 385 
SER OXT  O N N 386 
SER H    H N N 387 
SER H2   H N N 388 
SER HA   H N N 389 
SER HB2  H N N 390 
SER HB3  H N N 391 
SER HG   H N N 392 
SER HXT  H N N 393 
THR N    N N N 394 
THR CA   C N S 395 
THR C    C N N 396 
THR O    O N N 397 
THR CB   C N R 398 
THR OG1  O N N 399 
THR CG2  C N N 400 
THR OXT  O N N 401 
THR H    H N N 402 
THR H2   H N N 403 
THR HA   H N N 404 
THR HB   H N N 405 
THR HG1  H N N 406 
THR HG21 H N N 407 
THR HG22 H N N 408 
THR HG23 H N N 409 
THR HXT  H N N 410 
TRP N    N N N 411 
TRP CA   C N S 412 
TRP C    C N N 413 
TRP O    O N N 414 
TRP CB   C N N 415 
TRP CG   C Y N 416 
TRP CD1  C Y N 417 
TRP CD2  C Y N 418 
TRP NE1  N Y N 419 
TRP CE2  C Y N 420 
TRP CE3  C Y N 421 
TRP CZ2  C Y N 422 
TRP CZ3  C Y N 423 
TRP CH2  C Y N 424 
TRP OXT  O N N 425 
TRP H    H N N 426 
TRP H2   H N N 427 
TRP HA   H N N 428 
TRP HB2  H N N 429 
TRP HB3  H N N 430 
TRP HD1  H N N 431 
TRP HE1  H N N 432 
TRP HE3  H N N 433 
TRP HZ2  H N N 434 
TRP HZ3  H N N 435 
TRP HH2  H N N 436 
TRP HXT  H N N 437 
TYR N    N N N 438 
TYR CA   C N S 439 
TYR C    C N N 440 
TYR O    O N N 441 
TYR CB   C N N 442 
TYR CG   C Y N 443 
TYR CD1  C Y N 444 
TYR CD2  C Y N 445 
TYR CE1  C Y N 446 
TYR CE2  C Y N 447 
TYR CZ   C Y N 448 
TYR OH   O N N 449 
TYR OXT  O N N 450 
TYR H    H N N 451 
TYR H2   H N N 452 
TYR HA   H N N 453 
TYR HB2  H N N 454 
TYR HB3  H N N 455 
TYR HD1  H N N 456 
TYR HD2  H N N 457 
TYR HE1  H N N 458 
TYR HE2  H N N 459 
TYR HH   H N N 460 
TYR HXT  H N N 461 
VAL N    N N N 462 
VAL CA   C N S 463 
VAL C    C N N 464 
VAL O    O N N 465 
VAL CB   C N N 466 
VAL CG1  C N N 467 
VAL CG2  C N N 468 
VAL OXT  O N N 469 
VAL H    H N N 470 
VAL H2   H N N 471 
VAL HA   H N N 472 
VAL HB   H N N 473 
VAL HG11 H N N 474 
VAL HG12 H N N 475 
VAL HG13 H N N 476 
VAL HG21 H N N 477 
VAL HG22 H N N 478 
VAL HG23 H N N 479 
VAL HXT  H N N 480 
# 
loop_
_chem_comp_bond.comp_id 
_chem_comp_bond.atom_id_1 
_chem_comp_bond.atom_id_2 
_chem_comp_bond.value_order 
_chem_comp_bond.pdbx_aromatic_flag 
_chem_comp_bond.pdbx_stereo_config 
_chem_comp_bond.pdbx_ordinal 
17X CAW CAX  doub Y N 1   
17X CAW CAV  sing Y N 2   
17X CAX CAE  sing Y N 3   
17X NAY CAV  sing Y N 4   
17X NAY CAB  doub Y N 5   
17X CAV CAC  doub Y N 6   
17X CAN CAO  sing N N 7   
17X CAN NAA  sing N N 8   
17X CAE CAF  doub Y N 9   
17X CAO CAP  sing N N 10  
17X CAB NAA  sing N N 11  
17X CAB NAD  sing Y N 12  
17X NAA CAR  sing N N 13  
17X CBT CBU  sing N N 14  
17X CBT NBV  sing N N 15  
17X CAC CAF  sing Y N 16  
17X CAC NAD  sing Y N 17  
17X CBU CBQ  sing N N 18  
17X CAP CAS  sing N N 19  
17X CAP CAQ  sing N N 20  
17X NAD CAG  sing N N 21  
17X OAU CBP  sing N N 22  
17X OAU CAS  sing N N 23  
17X CAR CAQ  sing N N 24  
17X CBP CBO  sing N N 25  
17X NBV CBS  sing N N 26  
17X CAS OAT  doub N N 27  
17X CBQ CBO  sing N N 28  
17X CBQ CBR  sing N N 29  
17X CBS CBR  sing N N 30  
17X CBO NBH  sing N N 31  
17X CAG CAH  sing N N 32  
17X CAI CAH  doub Y N 33  
17X CAI CAJ  sing Y N 34  
17X CBE CAZ  doub Y N 35  
17X CBE CBD  sing Y N 36  
17X CAZ CBA  sing Y N 37  
17X CAH CAM  sing Y N 38  
17X CAJ CAK  doub Y N 39  
17X NBH CBD  sing Y N 40  
17X NBH CBG  sing Y N 41  
17X CBD CBC  doub Y N 42  
17X CBA CBB  doub Y N 43  
17X CAM CAL  doub Y N 44  
17X CAK CAL  sing Y N 45  
17X CBC CBB  sing Y N 46  
17X CBC NBF  sing Y N 47  
17X CBG CBI  sing N N 48  
17X CBG NBF  doub Y N 49  
17X CBN CBI  doub Y N 50  
17X CBN CBM  sing Y N 51  
17X CBI CBJ  sing Y N 52  
17X CBM CBL  doub Y N 53  
17X CBJ CBK  doub Y N 54  
17X CBL CBK  sing Y N 55  
17X CAI H1   sing N N 56  
17X CAJ H2   sing N N 57  
17X CAK H3   sing N N 58  
17X CAL H4   sing N N 59  
17X CAM H5   sing N N 60  
17X CAG H6   sing N N 61  
17X CAG H7   sing N N 62  
17X CAF H8   sing N N 63  
17X CAE H9   sing N N 64  
17X CAX H10  sing N N 65  
17X CAW H11  sing N N 66  
17X CAR H12  sing N N 67  
17X CAR H13  sing N N 68  
17X CAQ H14  sing N N 69  
17X CAQ H15  sing N N 70  
17X CAN H16  sing N N 71  
17X CAN H17  sing N N 72  
17X CAO H18  sing N N 73  
17X CAO H19  sing N N 74  
17X CAP H20  sing N N 75  
17X CBP H21  sing N N 76  
17X CBP H22  sing N N 77  
17X CBO H23  sing N N 78  
17X CBQ H24  sing N N 79  
17X CBR H25  sing N N 80  
17X CBR H26  sing N N 81  
17X CBS H27  sing N N 82  
17X CBS H28  sing N N 83  
17X NBV H29  sing N N 84  
17X CBT H31  sing N N 85  
17X CBT H32  sing N N 86  
17X CBU H33  sing N N 87  
17X CBU H34  sing N N 88  
17X CBE H35  sing N N 89  
17X CAZ H36  sing N N 90  
17X CBA H37  sing N N 91  
17X CBB H38  sing N N 92  
17X CBJ H39  sing N N 93  
17X CBK H40  sing N N 94  
17X CBL H41  sing N N 95  
17X CBM H42  sing N N 96  
17X CBN H43  sing N N 97  
ALA N   CA   sing N N 98  
ALA N   H    sing N N 99  
ALA N   H2   sing N N 100 
ALA CA  C    sing N N 101 
ALA CA  CB   sing N N 102 
ALA CA  HA   sing N N 103 
ALA C   O    doub N N 104 
ALA C   OXT  sing N N 105 
ALA CB  HB1  sing N N 106 
ALA CB  HB2  sing N N 107 
ALA CB  HB3  sing N N 108 
ALA OXT HXT  sing N N 109 
ARG N   CA   sing N N 110 
ARG N   H    sing N N 111 
ARG N   H2   sing N N 112 
ARG CA  C    sing N N 113 
ARG CA  CB   sing N N 114 
ARG CA  HA   sing N N 115 
ARG C   O    doub N N 116 
ARG C   OXT  sing N N 117 
ARG CB  CG   sing N N 118 
ARG CB  HB2  sing N N 119 
ARG CB  HB3  sing N N 120 
ARG CG  CD   sing N N 121 
ARG CG  HG2  sing N N 122 
ARG CG  HG3  sing N N 123 
ARG CD  NE   sing N N 124 
ARG CD  HD2  sing N N 125 
ARG CD  HD3  sing N N 126 
ARG NE  CZ   sing N N 127 
ARG NE  HE   sing N N 128 
ARG CZ  NH1  sing N N 129 
ARG CZ  NH2  doub N N 130 
ARG NH1 HH11 sing N N 131 
ARG NH1 HH12 sing N N 132 
ARG NH2 HH21 sing N N 133 
ARG NH2 HH22 sing N N 134 
ARG OXT HXT  sing N N 135 
ASN N   CA   sing N N 136 
ASN N   H    sing N N 137 
ASN N   H2   sing N N 138 
ASN CA  C    sing N N 139 
ASN CA  CB   sing N N 140 
ASN CA  HA   sing N N 141 
ASN C   O    doub N N 142 
ASN C   OXT  sing N N 143 
ASN CB  CG   sing N N 144 
ASN CB  HB2  sing N N 145 
ASN CB  HB3  sing N N 146 
ASN CG  OD1  doub N N 147 
ASN CG  ND2  sing N N 148 
ASN ND2 HD21 sing N N 149 
ASN ND2 HD22 sing N N 150 
ASN OXT HXT  sing N N 151 
ASP N   CA   sing N N 152 
ASP N   H    sing N N 153 
ASP N   H2   sing N N 154 
ASP CA  C    sing N N 155 
ASP CA  CB   sing N N 156 
ASP CA  HA   sing N N 157 
ASP C   O    doub N N 158 
ASP C   OXT  sing N N 159 
ASP CB  CG   sing N N 160 
ASP CB  HB2  sing N N 161 
ASP CB  HB3  sing N N 162 
ASP CG  OD1  doub N N 163 
ASP CG  OD2  sing N N 164 
ASP OD2 HD2  sing N N 165 
ASP OXT HXT  sing N N 166 
CYS N   CA   sing N N 167 
CYS N   H    sing N N 168 
CYS N   H2   sing N N 169 
CYS CA  C    sing N N 170 
CYS CA  CB   sing N N 171 
CYS CA  HA   sing N N 172 
CYS C   O    doub N N 173 
CYS C   OXT  sing N N 174 
CYS CB  SG   sing N N 175 
CYS CB  HB2  sing N N 176 
CYS CB  HB3  sing N N 177 
CYS SG  HG   sing N N 178 
CYS OXT HXT  sing N N 179 
GLN N   CA   sing N N 180 
GLN N   H    sing N N 181 
GLN N   H2   sing N N 182 
GLN CA  C    sing N N 183 
GLN CA  CB   sing N N 184 
GLN CA  HA   sing N N 185 
GLN C   O    doub N N 186 
GLN C   OXT  sing N N 187 
GLN CB  CG   sing N N 188 
GLN CB  HB2  sing N N 189 
GLN CB  HB3  sing N N 190 
GLN CG  CD   sing N N 191 
GLN CG  HG2  sing N N 192 
GLN CG  HG3  sing N N 193 
GLN CD  OE1  doub N N 194 
GLN CD  NE2  sing N N 195 
GLN NE2 HE21 sing N N 196 
GLN NE2 HE22 sing N N 197 
GLN OXT HXT  sing N N 198 
GLU N   CA   sing N N 199 
GLU N   H    sing N N 200 
GLU N   H2   sing N N 201 
GLU CA  C    sing N N 202 
GLU CA  CB   sing N N 203 
GLU CA  HA   sing N N 204 
GLU C   O    doub N N 205 
GLU C   OXT  sing N N 206 
GLU CB  CG   sing N N 207 
GLU CB  HB2  sing N N 208 
GLU CB  HB3  sing N N 209 
GLU CG  CD   sing N N 210 
GLU CG  HG2  sing N N 211 
GLU CG  HG3  sing N N 212 
GLU CD  OE1  doub N N 213 
GLU CD  OE2  sing N N 214 
GLU OE2 HE2  sing N N 215 
GLU OXT HXT  sing N N 216 
GLY N   CA   sing N N 217 
GLY N   H    sing N N 218 
GLY N   H2   sing N N 219 
GLY CA  C    sing N N 220 
GLY CA  HA2  sing N N 221 
GLY CA  HA3  sing N N 222 
GLY C   O    doub N N 223 
GLY C   OXT  sing N N 224 
GLY OXT HXT  sing N N 225 
HIS N   CA   sing N N 226 
HIS N   H    sing N N 227 
HIS N   H2   sing N N 228 
HIS CA  C    sing N N 229 
HIS CA  CB   sing N N 230 
HIS CA  HA   sing N N 231 
HIS C   O    doub N N 232 
HIS C   OXT  sing N N 233 
HIS CB  CG   sing N N 234 
HIS CB  HB2  sing N N 235 
HIS CB  HB3  sing N N 236 
HIS CG  ND1  sing Y N 237 
HIS CG  CD2  doub Y N 238 
HIS ND1 CE1  doub Y N 239 
HIS ND1 HD1  sing N N 240 
HIS CD2 NE2  sing Y N 241 
HIS CD2 HD2  sing N N 242 
HIS CE1 NE2  sing Y N 243 
HIS CE1 HE1  sing N N 244 
HIS NE2 HE2  sing N N 245 
HIS OXT HXT  sing N N 246 
HOH O   H1   sing N N 247 
HOH O   H2   sing N N 248 
ILE N   CA   sing N N 249 
ILE N   H    sing N N 250 
ILE N   H2   sing N N 251 
ILE CA  C    sing N N 252 
ILE CA  CB   sing N N 253 
ILE CA  HA   sing N N 254 
ILE C   O    doub N N 255 
ILE C   OXT  sing N N 256 
ILE CB  CG1  sing N N 257 
ILE CB  CG2  sing N N 258 
ILE CB  HB   sing N N 259 
ILE CG1 CD1  sing N N 260 
ILE CG1 HG12 sing N N 261 
ILE CG1 HG13 sing N N 262 
ILE CG2 HG21 sing N N 263 
ILE CG2 HG22 sing N N 264 
ILE CG2 HG23 sing N N 265 
ILE CD1 HD11 sing N N 266 
ILE CD1 HD12 sing N N 267 
ILE CD1 HD13 sing N N 268 
ILE OXT HXT  sing N N 269 
LEU N   CA   sing N N 270 
LEU N   H    sing N N 271 
LEU N   H2   sing N N 272 
LEU CA  C    sing N N 273 
LEU CA  CB   sing N N 274 
LEU CA  HA   sing N N 275 
LEU C   O    doub N N 276 
LEU C   OXT  sing N N 277 
LEU CB  CG   sing N N 278 
LEU CB  HB2  sing N N 279 
LEU CB  HB3  sing N N 280 
LEU CG  CD1  sing N N 281 
LEU CG  CD2  sing N N 282 
LEU CG  HG   sing N N 283 
LEU CD1 HD11 sing N N 284 
LEU CD1 HD12 sing N N 285 
LEU CD1 HD13 sing N N 286 
LEU CD2 HD21 sing N N 287 
LEU CD2 HD22 sing N N 288 
LEU CD2 HD23 sing N N 289 
LEU OXT HXT  sing N N 290 
LYS N   CA   sing N N 291 
LYS N   H    sing N N 292 
LYS N   H2   sing N N 293 
LYS CA  C    sing N N 294 
LYS CA  CB   sing N N 295 
LYS CA  HA   sing N N 296 
LYS C   O    doub N N 297 
LYS C   OXT  sing N N 298 
LYS CB  CG   sing N N 299 
LYS CB  HB2  sing N N 300 
LYS CB  HB3  sing N N 301 
LYS CG  CD   sing N N 302 
LYS CG  HG2  sing N N 303 
LYS CG  HG3  sing N N 304 
LYS CD  CE   sing N N 305 
LYS CD  HD2  sing N N 306 
LYS CD  HD3  sing N N 307 
LYS CE  NZ   sing N N 308 
LYS CE  HE2  sing N N 309 
LYS CE  HE3  sing N N 310 
LYS NZ  HZ1  sing N N 311 
LYS NZ  HZ2  sing N N 312 
LYS NZ  HZ3  sing N N 313 
LYS OXT HXT  sing N N 314 
MET N   CA   sing N N 315 
MET N   H    sing N N 316 
MET N   H2   sing N N 317 
MET CA  C    sing N N 318 
MET CA  CB   sing N N 319 
MET CA  HA   sing N N 320 
MET C   O    doub N N 321 
MET C   OXT  sing N N 322 
MET CB  CG   sing N N 323 
MET CB  HB2  sing N N 324 
MET CB  HB3  sing N N 325 
MET CG  SD   sing N N 326 
MET CG  HG2  sing N N 327 
MET CG  HG3  sing N N 328 
MET SD  CE   sing N N 329 
MET CE  HE1  sing N N 330 
MET CE  HE2  sing N N 331 
MET CE  HE3  sing N N 332 
MET OXT HXT  sing N N 333 
PHE N   CA   sing N N 334 
PHE N   H    sing N N 335 
PHE N   H2   sing N N 336 
PHE CA  C    sing N N 337 
PHE CA  CB   sing N N 338 
PHE CA  HA   sing N N 339 
PHE C   O    doub N N 340 
PHE C   OXT  sing N N 341 
PHE CB  CG   sing N N 342 
PHE CB  HB2  sing N N 343 
PHE CB  HB3  sing N N 344 
PHE CG  CD1  doub Y N 345 
PHE CG  CD2  sing Y N 346 
PHE CD1 CE1  sing Y N 347 
PHE CD1 HD1  sing N N 348 
PHE CD2 CE2  doub Y N 349 
PHE CD2 HD2  sing N N 350 
PHE CE1 CZ   doub Y N 351 
PHE CE1 HE1  sing N N 352 
PHE CE2 CZ   sing Y N 353 
PHE CE2 HE2  sing N N 354 
PHE CZ  HZ   sing N N 355 
PHE OXT HXT  sing N N 356 
PRO N   CA   sing N N 357 
PRO N   CD   sing N N 358 
PRO N   H    sing N N 359 
PRO CA  C    sing N N 360 
PRO CA  CB   sing N N 361 
PRO CA  HA   sing N N 362 
PRO C   O    doub N N 363 
PRO C   OXT  sing N N 364 
PRO CB  CG   sing N N 365 
PRO CB  HB2  sing N N 366 
PRO CB  HB3  sing N N 367 
PRO CG  CD   sing N N 368 
PRO CG  HG2  sing N N 369 
PRO CG  HG3  sing N N 370 
PRO CD  HD2  sing N N 371 
PRO CD  HD3  sing N N 372 
PRO OXT HXT  sing N N 373 
SER N   CA   sing N N 374 
SER N   H    sing N N 375 
SER N   H2   sing N N 376 
SER CA  C    sing N N 377 
SER CA  CB   sing N N 378 
SER CA  HA   sing N N 379 
SER C   O    doub N N 380 
SER C   OXT  sing N N 381 
SER CB  OG   sing N N 382 
SER CB  HB2  sing N N 383 
SER CB  HB3  sing N N 384 
SER OG  HG   sing N N 385 
SER OXT HXT  sing N N 386 
THR N   CA   sing N N 387 
THR N   H    sing N N 388 
THR N   H2   sing N N 389 
THR CA  C    sing N N 390 
THR CA  CB   sing N N 391 
THR CA  HA   sing N N 392 
THR C   O    doub N N 393 
THR C   OXT  sing N N 394 
THR CB  OG1  sing N N 395 
THR CB  CG2  sing N N 396 
THR CB  HB   sing N N 397 
THR OG1 HG1  sing N N 398 
THR CG2 HG21 sing N N 399 
THR CG2 HG22 sing N N 400 
THR CG2 HG23 sing N N 401 
THR OXT HXT  sing N N 402 
TRP N   CA   sing N N 403 
TRP N   H    sing N N 404 
TRP N   H2   sing N N 405 
TRP CA  C    sing N N 406 
TRP CA  CB   sing N N 407 
TRP CA  HA   sing N N 408 
TRP C   O    doub N N 409 
TRP C   OXT  sing N N 410 
TRP CB  CG   sing N N 411 
TRP CB  HB2  sing N N 412 
TRP CB  HB3  sing N N 413 
TRP CG  CD1  doub Y N 414 
TRP CG  CD2  sing Y N 415 
TRP CD1 NE1  sing Y N 416 
TRP CD1 HD1  sing N N 417 
TRP CD2 CE2  doub Y N 418 
TRP CD2 CE3  sing Y N 419 
TRP NE1 CE2  sing Y N 420 
TRP NE1 HE1  sing N N 421 
TRP CE2 CZ2  sing Y N 422 
TRP CE3 CZ3  doub Y N 423 
TRP CE3 HE3  sing N N 424 
TRP CZ2 CH2  doub Y N 425 
TRP CZ2 HZ2  sing N N 426 
TRP CZ3 CH2  sing Y N 427 
TRP CZ3 HZ3  sing N N 428 
TRP CH2 HH2  sing N N 429 
TRP OXT HXT  sing N N 430 
TYR N   CA   sing N N 431 
TYR N   H    sing N N 432 
TYR N   H2   sing N N 433 
TYR CA  C    sing N N 434 
TYR CA  CB   sing N N 435 
TYR CA  HA   sing N N 436 
TYR C   O    doub N N 437 
TYR C   OXT  sing N N 438 
TYR CB  CG   sing N N 439 
TYR CB  HB2  sing N N 440 
TYR CB  HB3  sing N N 441 
TYR CG  CD1  doub Y N 442 
TYR CG  CD2  sing Y N 443 
TYR CD1 CE1  sing Y N 444 
TYR CD1 HD1  sing N N 445 
TYR CD2 CE2  doub Y N 446 
TYR CD2 HD2  sing N N 447 
TYR CE1 CZ   doub Y N 448 
TYR CE1 HE1  sing N N 449 
TYR CE2 CZ   sing Y N 450 
TYR CE2 HE2  sing N N 451 
TYR CZ  OH   sing N N 452 
TYR OH  HH   sing N N 453 
TYR OXT HXT  sing N N 454 
VAL N   CA   sing N N 455 
VAL N   H    sing N N 456 
VAL N   H2   sing N N 457 
VAL CA  C    sing N N 458 
VAL CA  CB   sing N N 459 
VAL CA  HA   sing N N 460 
VAL C   O    doub N N 461 
VAL C   OXT  sing N N 462 
VAL CB  CG1  sing N N 463 
VAL CB  CG2  sing N N 464 
VAL CB  HB   sing N N 465 
VAL CG1 HG11 sing N N 466 
VAL CG1 HG12 sing N N 467 
VAL CG1 HG13 sing N N 468 
VAL CG2 HG21 sing N N 469 
VAL CG2 HG22 sing N N 470 
VAL CG2 HG23 sing N N 471 
VAL OXT HXT  sing N N 472 
# 
loop_
_pdbx_entity_nonpoly.entity_id 
_pdbx_entity_nonpoly.name 
_pdbx_entity_nonpoly.comp_id 
2 '(2S)-2-(2-phenyl-1H-benzimidazol-1-yl)-2-(piperidin-4-yl)ethyl 1-(1-benzyl-1H-benzimidazol-2-yl)piperidine-4-carboxylate' 17X 
3 water                                                                                                                      HOH 
# 
_pdbx_initial_refinement_model.id               1 
_pdbx_initial_refinement_model.entity_id_list   ? 
_pdbx_initial_refinement_model.type             'experimental model' 
_pdbx_initial_refinement_model.source_name      PDB 
_pdbx_initial_refinement_model.accession_code   3T5G 
_pdbx_initial_refinement_model.details          ? 
# 
